data_4F7W
#
_entry.id   4F7W
#
_cell.length_a   127.837
_cell.length_b   130.825
_cell.length_c   192.150
_cell.angle_alpha   90.000
_cell.angle_beta   90.000
_cell.angle_gamma   90.000
#
_symmetry.space_group_name_H-M   'P 21 21 21'
#
loop_
_entity.id
_entity.type
_entity.pdbx_description
1 polymer 'Pantothenate kinase'
2 non-polymer "ADENOSINE-5'-DIPHOSPHATE"
3 non-polymer (2R)-2,4-dihydroxy-3,3-dimethyl-N-[3-oxo-3-(pentylamino)propyl]butanamide
4 non-polymer 'UNKNOWN ATOM OR ION'
5 water water
#
_entity_poly.entity_id   1
_entity_poly.type   'polypeptide(L)'
_entity_poly.pdbx_seq_one_letter_code
;MHHHHHHSSGRENLYFQGMSQKEQTLMTPYLQFNRHQWAALRDSVPMTLTEDEITRLKGINEDLSLEEVAEIYLPLSRLL
NFYISSNLRRQAVLEQFLGTNGQRIPYIISIAGSVAVGKSTTARVLQALLSRWPEHRHVELITTDGFLHPNSVLKERGLM
KKKGFPQSYDMHRLVKFVSDLKSGVPQATAPVYSHLIYDVIPDGDKTVAQPDILILEGLNVLQSGMDYPHDPHHVFVSDF
VDFSIYVDAPEELLKSWYINRFLKFREGAFTDPDSYFHNYAKLSKEEAVDIATSLWNEINLMNLKENILPTRERASLIMT
KSANHSVNQVRLRK
;
_entity_poly.pdbx_strand_id   A,C,B,D,E,F,G,H
#
# COMPACT_ATOMS: atom_id res chain seq x y z
N LEU A 26 -11.66 15.84 -24.04
CA LEU A 26 -12.79 14.94 -23.70
C LEU A 26 -12.27 13.61 -23.13
N MET A 27 -13.04 13.01 -22.23
CA MET A 27 -12.71 11.68 -21.68
C MET A 27 -13.17 10.61 -22.67
N THR A 28 -12.47 9.48 -22.69
CA THR A 28 -12.81 8.43 -23.59
C THR A 28 -13.04 7.13 -22.79
N PRO A 29 -13.51 6.09 -23.46
CA PRO A 29 -13.68 4.79 -22.83
C PRO A 29 -12.40 4.02 -22.48
N TYR A 30 -11.23 4.64 -22.75
CA TYR A 30 -9.92 3.97 -22.65
C TYR A 30 -9.02 4.69 -21.63
N LEU A 31 -8.42 3.95 -20.69
CA LEU A 31 -7.20 4.38 -20.01
C LEU A 31 -6.05 4.42 -21.03
N GLN A 32 -5.33 5.53 -21.09
CA GLN A 32 -4.24 5.69 -22.04
C GLN A 32 -2.88 5.69 -21.36
N PHE A 33 -1.99 4.82 -21.82
CA PHE A 33 -0.64 4.74 -21.31
C PHE A 33 0.38 5.06 -22.40
N ASN A 34 1.32 5.95 -22.11
CA ASN A 34 2.43 6.15 -23.01
C ASN A 34 3.48 5.10 -22.69
N ARG A 35 4.56 5.00 -23.48
CA ARG A 35 5.51 3.91 -23.24
C ARG A 35 6.15 3.95 -21.88
N HIS A 36 6.46 5.16 -21.43
CA HIS A 36 7.09 5.32 -20.14
C HIS A 36 6.18 4.70 -19.07
N GLN A 37 4.92 5.08 -19.10
CA GLN A 37 3.91 4.58 -18.15
C GLN A 37 3.67 3.09 -18.30
N TRP A 38 3.63 2.57 -19.54
CA TRP A 38 3.39 1.11 -19.70
C TRP A 38 4.60 0.31 -19.20
N ALA A 39 5.81 0.73 -19.62
CA ALA A 39 7.05 0.05 -19.19
C ALA A 39 7.23 0.11 -17.66
N ALA A 40 6.85 1.24 -17.08
CA ALA A 40 6.87 1.38 -15.62
C ALA A 40 6.09 0.28 -14.90
N LEU A 41 5.15 -0.40 -15.59
CA LEU A 41 4.39 -1.49 -14.95
C LEU A 41 5.23 -2.70 -14.57
N ARG A 42 6.37 -2.89 -15.25
CA ARG A 42 7.10 -4.17 -15.14
C ARG A 42 7.77 -4.39 -13.77
N ASP A 43 8.00 -3.28 -13.04
CA ASP A 43 8.54 -3.32 -11.69
C ASP A 43 7.41 -3.41 -10.67
N SER A 44 6.33 -2.65 -10.91
CA SER A 44 5.10 -2.67 -10.07
C SER A 44 4.75 -4.07 -9.56
N VAL A 45 5.01 -5.07 -10.40
CA VAL A 45 4.95 -6.47 -10.00
C VAL A 45 6.14 -7.24 -10.63
N PRO A 46 7.17 -7.61 -9.80
CA PRO A 46 8.45 -8.20 -10.26
C PRO A 46 8.29 -9.34 -11.28
N MET A 47 9.12 -9.31 -12.32
CA MET A 47 9.02 -10.29 -13.42
C MET A 47 10.27 -10.25 -14.31
N THR A 48 10.95 -11.38 -14.46
CA THR A 48 12.06 -11.46 -15.41
C THR A 48 12.07 -12.80 -16.15
N LEU A 49 12.42 -12.75 -17.43
CA LEU A 49 12.36 -13.90 -18.32
C LEU A 49 13.34 -15.00 -17.90
N THR A 50 12.92 -16.24 -18.05
CA THR A 50 13.76 -17.39 -17.76
C THR A 50 14.64 -17.71 -18.97
N GLU A 51 15.54 -18.67 -18.81
CA GLU A 51 16.51 -18.98 -19.87
C GLU A 51 15.87 -19.76 -21.02
N ASP A 52 15.01 -20.70 -20.67
CA ASP A 52 14.26 -21.47 -21.65
C ASP A 52 13.35 -20.55 -22.47
N GLU A 53 12.63 -19.67 -21.76
CA GLU A 53 11.75 -18.65 -22.36
C GLU A 53 12.45 -17.82 -23.43
N ILE A 54 13.70 -17.44 -23.15
CA ILE A 54 14.47 -16.61 -24.09
C ILE A 54 14.69 -17.36 -25.39
N THR A 55 15.05 -18.64 -25.29
CA THR A 55 15.27 -19.48 -26.47
C THR A 55 13.98 -19.65 -27.27
N ARG A 56 12.89 -19.89 -26.56
CA ARG A 56 11.56 -20.03 -27.16
C ARG A 56 11.26 -18.75 -27.95
N LEU A 57 11.42 -17.60 -27.27
CA LEU A 57 11.13 -16.29 -27.88
C LEU A 57 11.96 -16.03 -29.12
N LYS A 58 13.26 -16.28 -29.07
CA LYS A 58 14.11 -16.04 -30.25
C LYS A 58 13.75 -17.01 -31.40
N GLY A 59 13.30 -18.21 -31.04
CA GLY A 59 12.75 -19.17 -32.02
C GLY A 59 11.43 -18.72 -32.61
N ILE A 60 10.65 -17.94 -31.86
CA ILE A 60 9.42 -17.37 -32.42
C ILE A 60 9.77 -16.34 -33.48
N ASN A 61 10.56 -15.33 -33.13
CA ASN A 61 10.95 -14.30 -34.07
C ASN A 61 12.34 -13.76 -33.77
N GLU A 62 13.26 -13.95 -34.71
CA GLU A 62 14.67 -13.57 -34.50
C GLU A 62 14.81 -12.06 -34.39
N ASP A 63 13.89 -11.32 -35.00
CA ASP A 63 13.95 -9.86 -35.00
C ASP A 63 13.28 -9.25 -33.78
N LEU A 64 12.60 -10.08 -32.99
CA LEU A 64 11.95 -9.64 -31.77
C LEU A 64 12.96 -9.33 -30.65
N SER A 65 12.96 -8.08 -30.19
CA SER A 65 13.85 -7.60 -29.12
C SER A 65 13.43 -8.12 -27.73
N LEU A 66 14.36 -8.65 -26.94
CA LEU A 66 14.01 -9.17 -25.60
C LEU A 66 13.69 -8.06 -24.64
N GLU A 67 14.25 -6.90 -24.91
CA GLU A 67 13.95 -5.74 -24.13
C GLU A 67 12.48 -5.32 -24.36
N GLU A 68 12.07 -5.39 -25.63
CA GLU A 68 10.69 -5.10 -25.99
C GLU A 68 9.75 -6.11 -25.31
N VAL A 69 10.16 -7.37 -25.28
CA VAL A 69 9.43 -8.38 -24.53
C VAL A 69 9.34 -8.01 -23.04
N ALA A 70 10.45 -7.65 -22.44
CA ALA A 70 10.45 -7.44 -20.99
C ALA A 70 9.69 -6.18 -20.62
N GLU A 71 9.76 -5.18 -21.49
CA GLU A 71 9.16 -3.87 -21.19
C GLU A 71 7.66 -3.75 -21.53
N ILE A 72 7.24 -4.47 -22.57
CA ILE A 72 5.89 -4.33 -23.14
C ILE A 72 5.02 -5.58 -22.97
N TYR A 73 5.53 -6.73 -23.36
CA TYR A 73 4.74 -7.96 -23.41
C TYR A 73 4.66 -8.69 -22.10
N LEU A 74 5.67 -8.58 -21.25
CA LEU A 74 5.54 -9.18 -19.92
C LEU A 74 4.46 -8.45 -19.09
N PRO A 75 4.49 -7.10 -19.05
CA PRO A 75 3.36 -6.40 -18.44
C PRO A 75 1.96 -6.72 -19.08
N LEU A 76 1.93 -6.89 -20.40
CA LEU A 76 0.69 -7.19 -21.08
C LEU A 76 0.21 -8.56 -20.62
N SER A 77 1.12 -9.51 -20.53
CA SER A 77 0.77 -10.85 -20.08
C SER A 77 0.27 -10.83 -18.61
N ARG A 78 0.87 -9.99 -17.77
CA ARG A 78 0.46 -9.85 -16.40
C ARG A 78 -0.92 -9.22 -16.31
N LEU A 79 -1.17 -8.21 -17.14
CA LEU A 79 -2.53 -7.65 -17.26
C LEU A 79 -3.53 -8.74 -17.55
N LEU A 80 -3.25 -9.52 -18.59
CA LEU A 80 -4.17 -10.58 -19.00
C LEU A 80 -4.37 -11.60 -17.90
N ASN A 81 -3.31 -12.03 -17.24
CA ASN A 81 -3.44 -12.92 -16.08
C ASN A 81 -4.40 -12.38 -15.03
N PHE A 82 -4.37 -11.06 -14.73
CA PHE A 82 -5.37 -10.51 -13.78
C PHE A 82 -6.84 -10.70 -14.27
N TYR A 83 -7.08 -10.46 -15.58
CA TYR A 83 -8.41 -10.67 -16.18
C TYR A 83 -8.81 -12.13 -16.11
N ILE A 84 -7.88 -13.00 -16.50
CA ILE A 84 -8.11 -14.43 -16.51
C ILE A 84 -8.32 -14.98 -15.11
N SER A 85 -7.51 -14.52 -14.18
CA SER A 85 -7.63 -14.97 -12.79
C SER A 85 -8.97 -14.49 -12.17
N SER A 86 -9.36 -13.24 -12.46
CA SER A 86 -10.65 -12.73 -11.98
C SER A 86 -11.81 -13.60 -12.47
N ASN A 87 -11.77 -13.95 -13.76
CA ASN A 87 -12.72 -14.88 -14.35
C ASN A 87 -12.74 -16.26 -13.69
N LEU A 88 -11.56 -16.83 -13.43
CA LEU A 88 -11.47 -18.15 -12.80
C LEU A 88 -12.04 -18.14 -11.38
N ARG A 89 -11.77 -17.08 -10.62
CA ARG A 89 -12.33 -16.91 -9.30
C ARG A 89 -13.86 -16.78 -9.32
N ARG A 90 -14.37 -15.99 -10.24
CA ARG A 90 -15.81 -15.89 -10.46
C ARG A 90 -16.36 -17.27 -10.78
N GLN A 91 -15.72 -18.00 -11.68
CA GLN A 91 -16.23 -19.31 -12.08
C GLN A 91 -16.29 -20.25 -10.87
N ALA A 92 -15.26 -20.20 -10.02
CA ALA A 92 -15.27 -20.97 -8.78
C ALA A 92 -16.48 -20.63 -7.91
N VAL A 93 -16.79 -19.36 -7.78
CA VAL A 93 -17.94 -18.92 -6.99
C VAL A 93 -19.25 -19.41 -7.63
N LEU A 94 -19.42 -19.21 -8.92
CA LEU A 94 -20.62 -19.69 -9.57
C LEU A 94 -20.79 -21.22 -9.39
N GLU A 95 -19.68 -21.94 -9.32
CA GLU A 95 -19.72 -23.39 -9.20
C GLU A 95 -20.37 -23.85 -7.90
N GLN A 96 -20.39 -22.97 -6.90
CA GLN A 96 -21.06 -23.22 -5.62
C GLN A 96 -22.52 -23.61 -5.82
N PHE A 97 -23.21 -22.96 -6.76
CA PHE A 97 -24.59 -23.36 -7.10
C PHE A 97 -24.68 -24.09 -8.45
N LEU A 98 -23.73 -23.87 -9.35
CA LEU A 98 -23.74 -24.59 -10.62
C LEU A 98 -23.26 -26.02 -10.44
N GLY A 99 -22.44 -26.28 -9.43
CA GLY A 99 -21.73 -27.55 -9.31
C GLY A 99 -20.52 -27.63 -10.24
N THR A 100 -19.78 -28.72 -10.12
CA THR A 100 -18.47 -28.92 -10.81
C THR A 100 -18.57 -29.88 -12.00
N ASN A 101 -19.76 -30.41 -12.25
CA ASN A 101 -19.98 -31.34 -13.36
C ASN A 101 -19.78 -30.68 -14.74
N GLY A 102 -20.01 -29.37 -14.84
CA GLY A 102 -19.95 -28.65 -16.11
C GLY A 102 -18.62 -28.78 -16.83
N GLN A 103 -18.64 -28.50 -18.14
CA GLN A 103 -17.45 -28.63 -18.99
C GLN A 103 -16.52 -27.40 -18.84
N ARG A 104 -15.21 -27.63 -18.90
CA ARG A 104 -14.23 -26.55 -18.86
C ARG A 104 -14.33 -25.71 -20.14
N ILE A 105 -14.40 -24.39 -19.94
CA ILE A 105 -14.57 -23.41 -21.02
C ILE A 105 -13.29 -22.61 -21.12
N PRO A 106 -12.65 -22.58 -22.28
CA PRO A 106 -11.45 -21.76 -22.38
C PRO A 106 -11.72 -20.24 -22.31
N TYR A 107 -10.78 -19.49 -21.74
CA TYR A 107 -10.74 -18.03 -21.85
C TYR A 107 -10.17 -17.68 -23.22
N ILE A 108 -10.92 -16.92 -24.01
CA ILE A 108 -10.51 -16.67 -25.40
C ILE A 108 -10.04 -15.23 -25.54
N ILE A 109 -8.81 -15.07 -26.01
CA ILE A 109 -8.24 -13.76 -26.28
C ILE A 109 -8.15 -13.67 -27.77
N SER A 110 -8.62 -12.57 -28.34
CA SER A 110 -8.49 -12.38 -29.79
C SER A 110 -7.52 -11.25 -30.09
N ILE A 111 -6.87 -11.35 -31.25
CA ILE A 111 -5.90 -10.34 -31.74
C ILE A 111 -6.16 -9.92 -33.18
N ALA A 112 -6.60 -8.67 -33.35
CA ALA A 112 -6.94 -8.05 -34.62
C ALA A 112 -5.90 -7.04 -35.03
N GLY A 113 -6.03 -6.56 -36.27
CA GLY A 113 -5.18 -5.51 -36.81
C GLY A 113 -4.80 -5.74 -38.28
N SER A 114 -4.17 -4.76 -38.93
CA SER A 114 -3.73 -4.87 -40.36
C SER A 114 -2.95 -6.14 -40.61
N VAL A 115 -3.02 -6.61 -41.85
CA VAL A 115 -2.00 -7.53 -42.38
C VAL A 115 -0.62 -6.91 -42.11
N ALA A 116 0.29 -7.70 -41.58
CA ALA A 116 1.71 -7.30 -41.32
C ALA A 116 1.96 -6.32 -40.14
N VAL A 117 0.94 -6.05 -39.33
CA VAL A 117 1.15 -5.31 -38.11
C VAL A 117 1.91 -6.13 -37.03
N GLY A 118 1.86 -7.45 -37.07
CA GLY A 118 2.46 -8.26 -36.03
C GLY A 118 1.49 -8.98 -35.11
N LYS A 119 0.30 -9.33 -35.61
CA LYS A 119 -0.64 -10.12 -34.85
C LYS A 119 -0.06 -11.48 -34.50
N SER A 120 0.58 -12.11 -35.48
CA SER A 120 1.02 -13.49 -35.28
C SER A 120 2.17 -13.53 -34.27
N THR A 121 3.09 -12.62 -34.44
CA THR A 121 4.16 -12.39 -33.48
C THR A 121 3.62 -12.10 -32.08
N THR A 122 2.69 -11.16 -31.99
CA THR A 122 2.06 -10.85 -30.71
C THR A 122 1.42 -12.09 -30.11
N ALA A 123 0.62 -12.81 -30.90
CA ALA A 123 -0.06 -14.02 -30.41
C ALA A 123 0.91 -15.07 -29.88
N ARG A 124 1.99 -15.27 -30.61
CA ARG A 124 2.94 -16.33 -30.28
C ARG A 124 3.75 -15.96 -29.04
N VAL A 125 4.13 -14.69 -28.92
CA VAL A 125 4.76 -14.21 -27.71
C VAL A 125 3.84 -14.37 -26.47
N LEU A 126 2.59 -13.89 -26.57
CA LEU A 126 1.62 -14.06 -25.44
C LEU A 126 1.36 -15.53 -25.12
N GLN A 127 1.25 -16.40 -26.13
CA GLN A 127 1.13 -17.83 -25.87
C GLN A 127 2.31 -18.35 -25.01
N ALA A 128 3.51 -17.93 -25.36
CA ALA A 128 4.72 -18.34 -24.61
C ALA A 128 4.69 -17.82 -23.19
N LEU A 129 4.39 -16.55 -23.03
CA LEU A 129 4.40 -15.94 -21.71
C LEU A 129 3.23 -16.33 -20.79
N LEU A 130 2.02 -16.49 -21.35
CA LEU A 130 0.84 -16.88 -20.55
C LEU A 130 0.93 -18.33 -19.98
N SER A 131 1.69 -19.20 -20.67
CA SER A 131 2.04 -20.54 -20.20
C SER A 131 2.72 -20.56 -18.84
N ARG A 132 3.41 -19.48 -18.48
CA ARG A 132 4.09 -19.37 -17.17
C ARG A 132 3.17 -19.75 -16.03
N TRP A 133 2.03 -19.05 -15.94
CA TRP A 133 1.15 -19.13 -14.79
C TRP A 133 0.54 -20.51 -14.57
N PRO A 134 0.62 -21.01 -13.32
CA PRO A 134 0.03 -22.33 -12.98
C PRO A 134 -1.50 -22.40 -13.19
N GLU A 135 -2.18 -21.27 -12.99
CA GLU A 135 -3.62 -21.12 -13.32
C GLU A 135 -3.96 -21.47 -14.75
N HIS A 136 -3.06 -21.24 -15.69
CA HIS A 136 -3.40 -21.45 -17.09
C HIS A 136 -2.22 -21.82 -17.95
N ARG A 137 -1.74 -23.03 -17.79
CA ARG A 137 -0.58 -23.56 -18.50
C ARG A 137 -0.83 -23.96 -19.92
N HIS A 138 -2.04 -24.45 -20.22
CA HIS A 138 -2.36 -24.91 -21.57
C HIS A 138 -2.97 -23.79 -22.43
N VAL A 139 -2.19 -23.33 -23.41
CA VAL A 139 -2.55 -22.22 -24.26
C VAL A 139 -2.47 -22.56 -25.73
N GLU A 140 -3.63 -22.54 -26.39
CA GLU A 140 -3.68 -22.82 -27.80
C GLU A 140 -3.72 -21.55 -28.64
N LEU A 141 -3.30 -21.67 -29.88
CA LEU A 141 -3.28 -20.56 -30.78
C LEU A 141 -3.94 -21.00 -32.10
N ILE A 142 -4.99 -20.29 -32.51
CA ILE A 142 -5.72 -20.54 -33.76
C ILE A 142 -5.74 -19.25 -34.60
N THR A 143 -5.44 -19.36 -35.89
CA THR A 143 -5.44 -18.18 -36.75
C THR A 143 -6.68 -18.27 -37.60
N THR A 144 -7.31 -17.13 -37.85
CA THR A 144 -8.49 -17.12 -38.71
C THR A 144 -8.16 -17.37 -40.16
N ASP A 145 -6.89 -17.27 -40.54
CA ASP A 145 -6.43 -17.60 -41.91
C ASP A 145 -6.98 -18.96 -42.41
N GLY A 146 -7.00 -19.95 -41.53
CA GLY A 146 -7.45 -21.28 -41.86
C GLY A 146 -8.89 -21.33 -42.33
N PHE A 147 -9.70 -20.30 -41.96
CA PHE A 147 -11.13 -20.28 -42.29
C PHE A 147 -11.40 -19.52 -43.61
N LEU A 148 -10.37 -18.99 -44.24
CA LEU A 148 -10.47 -18.52 -45.63
C LEU A 148 -11.04 -19.63 -46.53
N HIS A 149 -11.84 -19.29 -47.52
CA HIS A 149 -12.22 -20.30 -48.54
C HIS A 149 -10.93 -20.67 -49.27
N PRO A 150 -10.78 -21.94 -49.66
CA PRO A 150 -9.61 -22.32 -50.44
C PRO A 150 -9.49 -21.53 -51.76
N ASN A 151 -8.28 -21.43 -52.27
CA ASN A 151 -8.02 -20.69 -53.52
C ASN A 151 -8.92 -21.10 -54.68
N SER A 152 -9.17 -22.40 -54.81
CA SER A 152 -10.09 -22.89 -55.82
C SER A 152 -11.46 -22.23 -55.69
N VAL A 153 -11.96 -22.10 -54.46
CA VAL A 153 -13.28 -21.47 -54.27
C VAL A 153 -13.22 -19.97 -54.54
N LEU A 154 -12.17 -19.34 -54.07
CA LEU A 154 -11.99 -17.93 -54.36
C LEU A 154 -11.98 -17.69 -55.87
N LYS A 155 -11.31 -18.59 -56.61
CA LYS A 155 -11.25 -18.48 -58.08
C LYS A 155 -12.65 -18.57 -58.68
N GLU A 156 -13.42 -19.60 -58.30
CA GLU A 156 -14.83 -19.72 -58.71
C GLU A 156 -15.59 -18.41 -58.57
N ARG A 157 -15.32 -17.67 -57.50
CA ARG A 157 -16.11 -16.49 -57.14
C ARG A 157 -15.42 -15.19 -57.52
N GLY A 158 -14.27 -15.28 -58.16
CA GLY A 158 -13.54 -14.08 -58.60
C GLY A 158 -12.96 -13.25 -57.47
N LEU A 159 -12.63 -13.89 -56.35
CA LEU A 159 -12.27 -13.19 -55.12
C LEU A 159 -10.78 -13.29 -54.82
N MET A 160 -10.02 -13.86 -55.74
CA MET A 160 -8.61 -14.09 -55.50
C MET A 160 -7.86 -12.77 -55.15
N LYS A 161 -8.24 -11.64 -55.76
CA LYS A 161 -7.70 -10.33 -55.34
C LYS A 161 -8.35 -9.75 -54.04
N LYS A 162 -9.12 -10.56 -53.35
CA LYS A 162 -9.84 -10.15 -52.17
C LYS A 162 -9.64 -11.11 -51.00
N LYS A 163 -8.54 -11.85 -51.01
CA LYS A 163 -8.20 -12.73 -49.92
C LYS A 163 -7.99 -11.84 -48.70
N GLY A 164 -8.65 -12.21 -47.59
CA GLY A 164 -8.68 -11.40 -46.36
C GLY A 164 -9.86 -10.43 -46.23
N PHE A 165 -10.61 -10.19 -47.33
CA PHE A 165 -11.84 -9.40 -47.28
C PHE A 165 -12.97 -10.31 -46.72
N PRO A 166 -14.07 -9.71 -46.19
CA PRO A 166 -15.10 -10.57 -45.59
C PRO A 166 -15.60 -11.72 -46.50
N GLN A 167 -15.82 -11.44 -47.77
CA GLN A 167 -16.30 -12.46 -48.70
C GLN A 167 -15.35 -13.64 -48.88
N SER A 168 -14.06 -13.48 -48.58
CA SER A 168 -13.12 -14.57 -48.74
C SER A 168 -13.11 -15.55 -47.57
N TYR A 169 -13.92 -15.32 -46.53
CA TYR A 169 -13.93 -16.17 -45.35
C TYR A 169 -15.16 -17.03 -45.27
N ASP A 170 -14.99 -18.22 -44.73
CA ASP A 170 -16.09 -19.03 -44.30
C ASP A 170 -16.40 -18.59 -42.82
N MET A 171 -17.02 -17.42 -42.71
CA MET A 171 -17.25 -16.76 -41.41
C MET A 171 -18.18 -17.59 -40.55
N HIS A 172 -19.18 -18.23 -41.18
CA HIS A 172 -20.09 -19.09 -40.43
C HIS A 172 -19.33 -20.19 -39.71
N ARG A 173 -18.35 -20.76 -40.37
CA ARG A 173 -17.54 -21.80 -39.77
C ARG A 173 -16.68 -21.27 -38.63
N LEU A 174 -16.23 -20.02 -38.74
CA LEU A 174 -15.39 -19.44 -37.70
C LEU A 174 -16.23 -19.14 -36.45
N VAL A 175 -17.41 -18.55 -36.63
CA VAL A 175 -18.27 -18.27 -35.47
C VAL A 175 -18.63 -19.61 -34.74
N LYS A 176 -18.91 -20.65 -35.53
CA LYS A 176 -19.24 -21.94 -34.98
C LYS A 176 -18.06 -22.49 -34.18
N PHE A 177 -16.85 -22.33 -34.72
CA PHE A 177 -15.69 -22.83 -33.99
C PHE A 177 -15.59 -22.23 -32.59
N VAL A 178 -15.63 -20.90 -32.47
CA VAL A 178 -15.52 -20.26 -31.15
C VAL A 178 -16.78 -20.48 -30.31
N SER A 179 -17.93 -20.58 -30.97
CA SER A 179 -19.18 -20.91 -30.30
C SER A 179 -19.08 -22.29 -29.66
N ASP A 180 -18.61 -23.26 -30.46
CA ASP A 180 -18.33 -24.63 -29.93
C ASP A 180 -17.40 -24.67 -28.74
N LEU A 181 -16.29 -23.94 -28.83
CA LEU A 181 -15.41 -23.83 -27.69
C LEU A 181 -16.18 -23.31 -26.47
N LYS A 182 -16.98 -22.29 -26.67
CA LYS A 182 -17.74 -21.67 -25.57
C LYS A 182 -18.98 -22.48 -25.16
N SER A 183 -19.26 -23.55 -25.90
CA SER A 183 -20.34 -24.50 -25.55
C SER A 183 -19.83 -25.66 -24.69
N GLY A 184 -18.51 -25.73 -24.45
CA GLY A 184 -17.93 -26.82 -23.69
C GLY A 184 -17.68 -28.12 -24.47
N VAL A 185 -17.64 -28.09 -25.80
CA VAL A 185 -17.31 -29.32 -26.56
C VAL A 185 -15.96 -29.85 -26.04
N PRO A 186 -15.79 -31.18 -26.01
CA PRO A 186 -14.50 -31.74 -25.58
C PRO A 186 -13.35 -31.50 -26.59
N GLN A 187 -13.70 -31.39 -27.87
CA GLN A 187 -12.76 -31.09 -28.93
C GLN A 187 -13.38 -30.20 -29.99
N ALA A 188 -12.59 -29.38 -30.63
CA ALA A 188 -13.10 -28.64 -31.77
C ALA A 188 -11.98 -28.58 -32.75
N THR A 189 -12.33 -28.46 -34.01
CA THR A 189 -11.36 -28.64 -35.06
C THR A 189 -11.43 -27.47 -36.01
N ALA A 190 -10.26 -26.92 -36.31
CA ALA A 190 -10.14 -25.80 -37.21
C ALA A 190 -9.34 -26.18 -38.45
N PRO A 191 -9.75 -25.65 -39.59
CA PRO A 191 -8.90 -25.77 -40.75
C PRO A 191 -7.64 -24.88 -40.60
N VAL A 192 -6.58 -25.25 -41.33
CA VAL A 192 -5.29 -24.58 -41.22
C VAL A 192 -4.83 -24.05 -42.60
N TYR A 193 -4.21 -22.87 -42.58
CA TYR A 193 -3.77 -22.17 -43.78
C TYR A 193 -2.25 -22.13 -43.78
N SER A 194 -1.62 -22.12 -44.95
CA SER A 194 -0.17 -21.92 -45.01
C SER A 194 0.15 -20.75 -45.93
N HIS A 195 0.85 -19.78 -45.37
CA HIS A 195 1.35 -18.64 -46.15
C HIS A 195 2.42 -19.10 -47.17
N LEU A 196 3.09 -20.21 -46.84
CA LEU A 196 4.11 -20.78 -47.71
C LEU A 196 3.53 -21.27 -49.02
N ILE A 197 2.40 -22.00 -48.96
CA ILE A 197 1.72 -22.42 -50.20
C ILE A 197 0.58 -21.47 -50.63
N TYR A 198 0.38 -20.39 -49.88
CA TYR A 198 -0.72 -19.43 -50.15
C TYR A 198 -2.11 -20.10 -50.28
N ASP A 199 -2.42 -21.06 -49.42
CA ASP A 199 -3.71 -21.73 -49.50
C ASP A 199 -4.03 -22.46 -48.20
N VAL A 200 -5.26 -22.91 -48.10
CA VAL A 200 -5.70 -23.76 -47.02
C VAL A 200 -5.07 -25.12 -47.26
N ILE A 201 -4.60 -25.77 -46.20
CA ILE A 201 -3.94 -27.04 -46.32
C ILE A 201 -4.97 -28.15 -46.51
N PRO A 202 -4.90 -28.88 -47.64
CA PRO A 202 -5.81 -29.99 -47.96
C PRO A 202 -6.30 -30.84 -46.78
N ASP A 203 -5.41 -31.44 -46.03
CA ASP A 203 -5.88 -32.28 -44.90
C ASP A 203 -5.10 -31.94 -43.62
N GLY A 204 -4.93 -30.63 -43.35
CA GLY A 204 -4.07 -30.18 -42.25
C GLY A 204 -4.78 -29.66 -41.01
N ASP A 205 -6.03 -30.05 -40.81
CA ASP A 205 -6.85 -29.53 -39.71
C ASP A 205 -6.18 -29.68 -38.32
N LYS A 206 -6.45 -28.73 -37.43
CA LYS A 206 -5.86 -28.68 -36.10
C LYS A 206 -6.95 -28.87 -35.05
N THR A 207 -6.81 -29.89 -34.22
CA THR A 207 -7.78 -30.16 -33.16
C THR A 207 -7.30 -29.64 -31.83
N VAL A 208 -8.19 -28.96 -31.12
CA VAL A 208 -7.89 -28.48 -29.76
C VAL A 208 -8.82 -29.12 -28.75
N ALA A 209 -8.27 -29.40 -27.58
CA ALA A 209 -9.02 -30.08 -26.54
C ALA A 209 -9.00 -29.25 -25.28
N GLN A 210 -10.04 -28.45 -25.09
CA GLN A 210 -10.22 -27.72 -23.85
C GLN A 210 -8.92 -27.15 -23.26
N PRO A 211 -8.30 -26.19 -23.96
CA PRO A 211 -7.20 -25.49 -23.29
C PRO A 211 -7.75 -24.52 -22.25
N ASP A 212 -6.86 -24.04 -21.39
CA ASP A 212 -7.16 -22.99 -20.45
C ASP A 212 -7.35 -21.64 -21.15
N ILE A 213 -6.52 -21.36 -22.16
CA ILE A 213 -6.66 -20.15 -22.94
C ILE A 213 -6.61 -20.52 -24.38
N LEU A 214 -7.46 -19.90 -25.19
CA LEU A 214 -7.27 -19.94 -26.61
C LEU A 214 -7.06 -18.54 -27.15
N ILE A 215 -6.01 -18.37 -27.94
CA ILE A 215 -5.70 -17.11 -28.58
C ILE A 215 -6.14 -17.25 -30.03
N LEU A 216 -7.06 -16.37 -30.43
CA LEU A 216 -7.54 -16.32 -31.80
C LEU A 216 -7.00 -15.08 -32.50
N GLU A 217 -6.17 -15.33 -33.49
CA GLU A 217 -5.48 -14.30 -34.16
C GLU A 217 -6.01 -14.14 -35.59
N GLY A 218 -6.43 -12.93 -35.95
CA GLY A 218 -6.87 -12.68 -37.31
C GLY A 218 -7.36 -11.28 -37.51
N LEU A 219 -7.24 -10.80 -38.73
CA LEU A 219 -7.64 -9.45 -39.05
C LEU A 219 -9.13 -9.17 -38.84
N ASN A 220 -9.95 -10.22 -38.81
CA ASN A 220 -11.39 -10.07 -38.80
C ASN A 220 -12.09 -10.35 -37.47
N VAL A 221 -11.33 -10.52 -36.39
CA VAL A 221 -11.90 -10.95 -35.13
C VAL A 221 -12.80 -9.91 -34.47
N LEU A 222 -12.74 -8.67 -34.92
CA LEU A 222 -13.64 -7.65 -34.41
C LEU A 222 -14.80 -7.32 -35.38
N GLN A 223 -14.91 -8.08 -36.47
CA GLN A 223 -15.95 -7.85 -37.49
C GLN A 223 -17.27 -8.49 -37.03
N SER A 224 -18.36 -8.09 -37.65
CA SER A 224 -19.69 -8.55 -37.22
C SER A 224 -20.56 -8.70 -38.46
N GLY A 225 -21.85 -9.02 -38.26
CA GLY A 225 -22.77 -9.24 -39.37
C GLY A 225 -22.79 -8.11 -40.38
N MET A 226 -22.69 -6.88 -39.91
CA MET A 226 -22.68 -5.72 -40.76
C MET A 226 -21.57 -5.82 -41.81
N ASP A 227 -20.50 -6.55 -41.52
CA ASP A 227 -19.40 -6.71 -42.45
C ASP A 227 -19.65 -7.82 -43.47
N TYR A 228 -20.74 -8.56 -43.30
CA TYR A 228 -21.06 -9.73 -44.13
C TYR A 228 -22.51 -9.61 -44.66
N PRO A 229 -22.83 -8.48 -45.30
CA PRO A 229 -24.21 -8.27 -45.78
C PRO A 229 -24.59 -9.26 -46.86
N HIS A 230 -23.59 -9.75 -47.59
CA HIS A 230 -23.78 -10.83 -48.56
C HIS A 230 -24.30 -12.17 -47.97
N ASP A 231 -24.10 -12.42 -46.68
CA ASP A 231 -24.49 -13.69 -46.05
C ASP A 231 -24.40 -13.50 -44.52
N PRO A 232 -25.34 -12.75 -43.96
CA PRO A 232 -25.19 -12.22 -42.60
C PRO A 232 -25.16 -13.25 -41.49
N HIS A 233 -24.49 -12.92 -40.38
CA HIS A 233 -24.58 -13.71 -39.16
C HIS A 233 -24.99 -12.80 -38.01
N HIS A 234 -25.62 -13.38 -36.99
CA HIS A 234 -26.32 -12.61 -35.97
C HIS A 234 -25.72 -12.70 -34.56
N VAL A 235 -24.78 -13.61 -34.38
CA VAL A 235 -23.91 -13.65 -33.22
C VAL A 235 -22.49 -13.56 -33.73
N PHE A 236 -21.65 -12.77 -33.07
CA PHE A 236 -20.37 -12.40 -33.64
C PHE A 236 -19.24 -13.13 -32.99
N VAL A 237 -18.07 -13.08 -33.62
CA VAL A 237 -16.88 -13.69 -33.05
C VAL A 237 -16.64 -13.10 -31.66
N SER A 238 -16.69 -11.77 -31.57
CA SER A 238 -16.53 -11.02 -30.34
C SER A 238 -17.45 -11.46 -29.19
N ASP A 239 -18.60 -12.03 -29.53
CA ASP A 239 -19.56 -12.51 -28.51
C ASP A 239 -19.06 -13.76 -27.81
N PHE A 240 -18.01 -14.38 -28.36
CA PHE A 240 -17.37 -15.57 -27.79
C PHE A 240 -15.90 -15.31 -27.37
N VAL A 241 -15.55 -14.04 -27.18
CA VAL A 241 -14.20 -13.64 -26.89
C VAL A 241 -14.22 -12.89 -25.60
N ASP A 242 -13.34 -13.28 -24.68
CA ASP A 242 -13.28 -12.61 -23.38
C ASP A 242 -12.54 -11.27 -23.44
N PHE A 243 -11.50 -11.22 -24.25
CA PHE A 243 -10.59 -10.07 -24.25
C PHE A 243 -10.02 -9.92 -25.64
N SER A 244 -10.13 -8.72 -26.22
CA SER A 244 -9.60 -8.49 -27.55
C SER A 244 -8.51 -7.41 -27.60
N ILE A 245 -7.47 -7.67 -28.38
CA ILE A 245 -6.40 -6.73 -28.61
C ILE A 245 -6.44 -6.33 -30.08
N TYR A 246 -6.35 -5.02 -30.35
CA TYR A 246 -6.14 -4.54 -31.72
C TYR A 246 -4.73 -3.93 -31.74
N VAL A 247 -3.86 -4.50 -32.57
CA VAL A 247 -2.49 -3.99 -32.78
C VAL A 247 -2.57 -2.98 -33.95
N ASP A 248 -2.11 -1.77 -33.70
CA ASP A 248 -2.32 -0.64 -34.59
C ASP A 248 -0.96 -0.06 -34.98
N ALA A 249 -0.88 0.46 -36.20
CA ALA A 249 0.31 1.22 -36.62
C ALA A 249 0.00 2.06 -37.85
N PRO A 250 0.73 3.15 -38.04
CA PRO A 250 0.52 3.96 -39.25
C PRO A 250 0.72 3.14 -40.56
N GLU A 251 -0.02 3.51 -41.60
CA GLU A 251 0.02 2.84 -42.90
C GLU A 251 1.43 2.68 -43.52
N GLU A 252 2.26 3.70 -43.38
CA GLU A 252 3.58 3.71 -44.02
C GLU A 252 4.50 2.64 -43.39
N LEU A 253 4.37 2.41 -42.08
CA LEU A 253 5.12 1.36 -41.40
C LEU A 253 4.60 -0.02 -41.77
N LEU A 254 3.29 -0.19 -41.75
CA LEU A 254 2.68 -1.43 -42.19
C LEU A 254 3.19 -1.82 -43.58
N LYS A 255 3.25 -0.83 -44.49
CA LYS A 255 3.73 -1.07 -45.85
C LYS A 255 5.17 -1.63 -45.79
N SER A 256 6.07 -0.94 -45.10
CA SER A 256 7.46 -1.42 -44.95
C SER A 256 7.55 -2.80 -44.30
N TRP A 257 6.72 -3.06 -43.31
CA TRP A 257 6.82 -4.36 -42.65
C TRP A 257 6.30 -5.43 -43.56
N TYR A 258 5.31 -5.09 -44.36
CA TYR A 258 4.73 -6.07 -45.30
C TYR A 258 5.78 -6.47 -46.36
N ILE A 259 6.43 -5.47 -46.93
CA ILE A 259 7.42 -5.68 -47.98
C ILE A 259 8.65 -6.44 -47.43
N ASN A 260 9.17 -6.04 -46.26
CA ASN A 260 10.25 -6.76 -45.65
C ASN A 260 9.90 -8.23 -45.42
N ARG A 261 8.68 -8.50 -44.95
CA ARG A 261 8.27 -9.87 -44.69
C ARG A 261 8.24 -10.65 -45.99
N PHE A 262 7.71 -10.03 -47.02
CA PHE A 262 7.63 -10.63 -48.34
C PHE A 262 9.05 -11.03 -48.81
N LEU A 263 10.01 -10.15 -48.62
CA LEU A 263 11.37 -10.45 -49.03
C LEU A 263 11.92 -11.63 -48.21
N LYS A 264 11.50 -11.77 -46.95
CA LYS A 264 11.96 -12.89 -46.12
C LYS A 264 11.33 -14.20 -46.58
N PHE A 265 10.06 -14.16 -46.95
CA PHE A 265 9.44 -15.33 -47.56
C PHE A 265 10.15 -15.69 -48.88
N ARG A 266 10.49 -14.66 -49.65
CA ARG A 266 11.19 -14.84 -50.92
C ARG A 266 12.53 -15.60 -50.69
N GLU A 267 13.31 -15.15 -49.71
CA GLU A 267 14.60 -15.82 -49.37
C GLU A 267 14.39 -17.27 -49.00
N GLY A 268 13.38 -17.53 -48.18
CA GLY A 268 13.07 -18.89 -47.77
C GLY A 268 12.80 -19.76 -48.98
N ALA A 269 12.28 -19.15 -50.06
CA ALA A 269 11.96 -19.91 -51.27
C ALA A 269 13.16 -20.13 -52.19
N PHE A 270 14.32 -19.54 -51.88
CA PHE A 270 15.51 -19.80 -52.70
C PHE A 270 15.74 -21.30 -52.76
N THR A 271 15.74 -21.93 -51.60
CA THR A 271 15.95 -23.37 -51.45
C THR A 271 14.64 -24.14 -51.13
N ASP A 272 13.51 -23.73 -51.70
CA ASP A 272 12.23 -24.41 -51.41
C ASP A 272 11.23 -24.19 -52.56
N PRO A 273 11.30 -25.06 -53.60
CA PRO A 273 10.46 -24.81 -54.76
C PRO A 273 8.98 -25.18 -54.55
N ASP A 274 8.64 -25.65 -53.35
CA ASP A 274 7.24 -25.85 -52.98
C ASP A 274 6.64 -24.60 -52.34
N SER A 275 7.45 -23.57 -52.09
CA SER A 275 6.91 -22.32 -51.66
C SER A 275 6.31 -21.61 -52.86
N TYR A 276 5.12 -21.05 -52.67
CA TYR A 276 4.53 -20.15 -53.62
C TYR A 276 5.42 -18.95 -53.92
N PHE A 277 6.24 -18.56 -52.96
CA PHE A 277 7.18 -17.47 -53.18
C PHE A 277 8.33 -17.82 -54.12
N HIS A 278 8.49 -19.09 -54.47
CA HIS A 278 9.45 -19.45 -55.53
C HIS A 278 9.21 -18.64 -56.82
N ASN A 279 7.93 -18.40 -57.13
CA ASN A 279 7.59 -17.54 -58.27
C ASN A 279 8.23 -16.18 -58.22
N TYR A 280 8.43 -15.65 -56.99
CA TYR A 280 9.02 -14.34 -56.81
C TYR A 280 10.54 -14.39 -56.59
N ALA A 281 11.04 -15.55 -56.16
CA ALA A 281 12.48 -15.78 -56.03
C ALA A 281 13.12 -15.80 -57.39
N LYS A 282 12.35 -16.24 -58.38
CA LYS A 282 12.80 -16.26 -59.77
C LYS A 282 12.94 -14.89 -60.36
N LEU A 283 12.33 -13.87 -59.73
CA LEU A 283 12.38 -12.49 -60.25
C LEU A 283 13.50 -11.71 -59.59
N SER A 284 13.94 -10.62 -60.20
CA SER A 284 14.86 -9.74 -59.55
C SER A 284 14.20 -9.19 -58.26
N LYS A 285 15.05 -8.94 -57.26
CA LYS A 285 14.61 -8.35 -56.02
C LYS A 285 13.77 -7.09 -56.25
N GLU A 286 14.27 -6.19 -57.09
CA GLU A 286 13.55 -4.95 -57.38
C GLU A 286 12.15 -5.21 -57.92
N GLU A 287 12.03 -6.11 -58.87
CA GLU A 287 10.72 -6.41 -59.41
C GLU A 287 9.85 -7.10 -58.39
N ALA A 288 10.47 -7.92 -57.55
CA ALA A 288 9.74 -8.58 -56.47
C ALA A 288 9.19 -7.51 -55.51
N VAL A 289 10.00 -6.52 -55.15
CA VAL A 289 9.54 -5.41 -54.31
C VAL A 289 8.35 -4.68 -54.97
N ASP A 290 8.43 -4.42 -56.28
CA ASP A 290 7.31 -3.78 -57.00
C ASP A 290 6.03 -4.57 -56.91
N ILE A 291 6.11 -5.88 -57.08
CA ILE A 291 4.93 -6.75 -56.96
C ILE A 291 4.36 -6.67 -55.54
N ALA A 292 5.23 -6.88 -54.55
CA ALA A 292 4.82 -6.88 -53.15
C ALA A 292 4.11 -5.56 -52.82
N THR A 293 4.65 -4.46 -53.30
CA THR A 293 4.08 -3.12 -53.08
C THR A 293 2.69 -2.96 -53.68
N SER A 294 2.50 -3.47 -54.89
CA SER A 294 1.18 -3.47 -55.53
C SER A 294 0.20 -4.33 -54.80
N LEU A 295 0.63 -5.51 -54.33
CA LEU A 295 -0.24 -6.37 -53.54
C LEU A 295 -0.65 -5.66 -52.26
N TRP A 296 0.30 -4.96 -51.62
CA TRP A 296 -0.02 -4.19 -50.43
C TRP A 296 -1.05 -3.16 -50.76
N ASN A 297 -0.73 -2.28 -51.72
CA ASN A 297 -1.61 -1.16 -52.07
C ASN A 297 -2.96 -1.61 -52.56
N GLU A 298 -3.04 -2.63 -53.41
CA GLU A 298 -4.32 -2.97 -54.03
C GLU A 298 -5.21 -3.92 -53.22
N ILE A 299 -4.62 -4.67 -52.31
CA ILE A 299 -5.40 -5.67 -51.57
C ILE A 299 -5.41 -5.34 -50.07
N ASN A 300 -4.25 -5.41 -49.42
CA ASN A 300 -4.20 -5.30 -47.95
C ASN A 300 -4.48 -3.91 -47.39
N LEU A 301 -4.00 -2.85 -48.05
CA LEU A 301 -4.30 -1.47 -47.65
C LEU A 301 -5.79 -1.14 -47.80
N MET A 302 -6.37 -1.52 -48.92
CA MET A 302 -7.81 -1.37 -49.15
C MET A 302 -8.62 -2.14 -48.09
N ASN A 303 -8.19 -3.34 -47.78
CA ASN A 303 -8.85 -4.15 -46.76
C ASN A 303 -8.79 -3.46 -45.40
N LEU A 304 -7.60 -2.99 -45.07
CA LEU A 304 -7.41 -2.23 -43.83
C LEU A 304 -8.37 -1.05 -43.72
N LYS A 305 -8.45 -0.25 -44.77
CA LYS A 305 -9.30 0.94 -44.72
C LYS A 305 -10.78 0.64 -44.70
N GLU A 306 -11.18 -0.37 -45.44
CA GLU A 306 -12.60 -0.65 -45.60
C GLU A 306 -13.16 -1.50 -44.50
N ASN A 307 -12.38 -2.50 -44.03
CA ASN A 307 -12.93 -3.52 -43.18
C ASN A 307 -12.27 -3.69 -41.79
N ILE A 308 -10.99 -3.32 -41.63
CA ILE A 308 -10.23 -3.68 -40.42
C ILE A 308 -10.21 -2.51 -39.45
N LEU A 309 -9.74 -1.35 -39.92
CA LEU A 309 -9.58 -0.20 -39.09
C LEU A 309 -10.90 0.25 -38.49
N PRO A 310 -12.01 0.12 -39.23
CA PRO A 310 -13.26 0.59 -38.59
C PRO A 310 -13.69 -0.22 -37.35
N THR A 311 -13.08 -1.39 -37.12
CA THR A 311 -13.43 -2.24 -35.98
C THR A 311 -12.58 -1.99 -34.74
N ARG A 312 -11.59 -1.11 -34.84
CA ARG A 312 -10.55 -0.96 -33.78
C ARG A 312 -11.12 -0.60 -32.42
N GLU A 313 -12.09 0.31 -32.41
CA GLU A 313 -12.74 0.77 -31.17
C GLU A 313 -13.60 -0.29 -30.48
N ARG A 314 -13.75 -1.46 -31.10
CA ARG A 314 -14.42 -2.58 -30.45
C ARG A 314 -13.48 -3.42 -29.56
N ALA A 315 -12.21 -3.12 -29.61
CA ALA A 315 -11.19 -3.89 -28.87
C ALA A 315 -11.18 -3.57 -27.34
N SER A 316 -10.86 -4.56 -26.52
CA SER A 316 -10.65 -4.31 -25.09
C SER A 316 -9.42 -3.43 -24.92
N LEU A 317 -8.42 -3.67 -25.78
CA LEU A 317 -7.11 -3.00 -25.68
C LEU A 317 -6.55 -2.68 -27.06
N ILE A 318 -6.06 -1.47 -27.25
CA ILE A 318 -5.43 -1.07 -28.51
C ILE A 318 -3.96 -0.85 -28.20
N MET A 319 -3.10 -1.60 -28.87
CA MET A 319 -1.65 -1.50 -28.70
C MET A 319 -1.06 -0.93 -29.98
N THR A 320 -0.48 0.25 -29.87
CA THR A 320 0.02 1.03 -31.00
C THR A 320 1.55 0.95 -31.12
N LYS A 321 2.03 0.70 -32.33
CA LYS A 321 3.46 0.53 -32.65
C LYS A 321 4.02 1.68 -33.48
N SER A 322 5.30 1.96 -33.32
CA SER A 322 6.01 2.95 -34.13
C SER A 322 7.22 2.24 -34.80
N ALA A 323 8.23 3.02 -35.20
CA ALA A 323 9.39 2.46 -35.91
C ALA A 323 10.02 1.29 -35.20
N ASN A 324 10.49 0.32 -35.97
CA ASN A 324 11.09 -0.92 -35.45
C ASN A 324 10.17 -1.70 -34.49
N HIS A 325 8.85 -1.57 -34.65
CA HIS A 325 7.86 -2.32 -33.89
C HIS A 325 7.75 -1.93 -32.43
N SER A 326 8.28 -0.79 -32.08
CA SER A 326 8.36 -0.35 -30.72
C SER A 326 7.00 0.22 -30.28
N VAL A 327 6.43 -0.35 -29.22
CA VAL A 327 5.13 0.12 -28.74
C VAL A 327 5.28 1.50 -28.13
N ASN A 328 4.45 2.44 -28.60
CA ASN A 328 4.46 3.80 -28.08
C ASN A 328 3.15 4.24 -27.40
N GLN A 329 2.11 3.38 -27.36
CA GLN A 329 0.85 3.74 -26.68
C GLN A 329 0.02 2.46 -26.45
N VAL A 330 -0.63 2.37 -25.28
CA VAL A 330 -1.55 1.29 -24.95
C VAL A 330 -2.84 1.92 -24.39
N ARG A 331 -3.97 1.48 -24.92
CA ARG A 331 -5.26 1.96 -24.46
C ARG A 331 -6.04 0.74 -24.02
N LEU A 332 -6.56 0.78 -22.80
CA LEU A 332 -7.33 -0.30 -22.21
C LEU A 332 -8.70 0.21 -21.77
N ARG A 333 -9.75 -0.53 -22.11
CA ARG A 333 -11.14 -0.12 -21.76
C ARG A 333 -11.31 -0.03 -20.26
N LYS A 334 -11.96 1.04 -19.82
CA LYS A 334 -12.13 1.31 -18.40
C LYS A 334 -13.19 0.39 -17.87
N LEU B 26 -27.86 -31.06 -28.50
CA LEU B 26 -26.40 -30.74 -28.51
C LEU B 26 -26.04 -29.62 -27.53
N MET B 27 -24.75 -29.45 -27.29
CA MET B 27 -24.25 -28.35 -26.47
C MET B 27 -24.34 -26.98 -27.19
N THR B 28 -24.72 -25.96 -26.43
CA THR B 28 -24.77 -24.59 -26.90
C THR B 28 -23.96 -23.73 -25.93
N PRO B 29 -23.79 -22.45 -26.25
CA PRO B 29 -23.06 -21.56 -25.35
C PRO B 29 -23.77 -21.21 -24.05
N TYR B 30 -25.02 -21.68 -23.85
CA TYR B 30 -25.75 -21.43 -22.62
C TYR B 30 -25.93 -22.68 -21.77
N LEU B 31 -25.76 -22.53 -20.48
CA LEU B 31 -26.23 -23.54 -19.59
C LEU B 31 -27.69 -23.18 -19.25
N GLN B 32 -28.50 -24.22 -19.11
CA GLN B 32 -29.85 -24.06 -18.66
C GLN B 32 -29.87 -24.50 -17.21
N PHE B 33 -30.21 -23.58 -16.30
CA PHE B 33 -30.32 -23.93 -14.91
C PHE B 33 -31.28 -25.07 -14.71
N ASN B 34 -30.87 -26.08 -13.94
CA ASN B 34 -31.84 -27.07 -13.49
C ASN B 34 -32.37 -26.66 -12.10
N ARG B 35 -33.31 -27.40 -11.56
CA ARG B 35 -33.99 -26.93 -10.34
C ARG B 35 -33.06 -26.92 -9.12
N HIS B 36 -32.04 -27.78 -9.12
CA HIS B 36 -31.14 -27.87 -7.97
C HIS B 36 -30.11 -26.71 -7.99
N GLN B 37 -29.69 -26.32 -9.18
CA GLN B 37 -28.80 -25.20 -9.33
C GLN B 37 -29.55 -23.92 -8.97
N TRP B 38 -30.78 -23.77 -9.44
CA TRP B 38 -31.57 -22.55 -9.18
C TRP B 38 -31.94 -22.41 -7.69
N ALA B 39 -32.29 -23.53 -7.08
CA ALA B 39 -32.61 -23.55 -5.66
C ALA B 39 -31.40 -23.18 -4.81
N ALA B 40 -30.22 -23.70 -5.18
CA ALA B 40 -29.00 -23.41 -4.43
C ALA B 40 -28.66 -21.91 -4.55
N LEU B 41 -28.90 -21.33 -5.72
CA LEU B 41 -28.76 -19.88 -5.89
C LEU B 41 -29.69 -19.09 -4.99
N ARG B 42 -30.95 -19.49 -4.97
CA ARG B 42 -31.98 -18.83 -4.20
C ARG B 42 -31.69 -18.93 -2.70
N ASP B 43 -31.22 -20.11 -2.28
CA ASP B 43 -31.01 -20.40 -0.88
C ASP B 43 -29.63 -20.00 -0.37
N SER B 44 -28.80 -19.42 -1.23
CA SER B 44 -27.42 -19.04 -0.87
C SER B 44 -27.30 -17.88 0.11
N VAL B 45 -28.37 -17.17 0.39
CA VAL B 45 -28.32 -15.97 1.22
C VAL B 45 -29.66 -15.86 1.95
N PRO B 46 -29.71 -15.18 3.12
CA PRO B 46 -31.00 -14.74 3.57
C PRO B 46 -31.39 -13.52 2.72
N MET B 47 -32.44 -13.58 1.93
CA MET B 47 -32.81 -12.31 1.18
C MET B 47 -34.29 -12.08 0.98
N THR B 48 -35.09 -12.68 1.86
CA THR B 48 -36.54 -12.39 1.88
C THR B 48 -36.68 -10.95 2.39
N LEU B 49 -37.76 -10.33 1.98
CA LEU B 49 -37.92 -8.89 2.07
C LEU B 49 -38.68 -8.44 3.30
N THR B 50 -38.48 -7.20 3.74
CA THR B 50 -39.34 -6.62 4.79
C THR B 50 -40.72 -6.31 4.22
N GLU B 51 -41.66 -5.94 5.09
CA GLU B 51 -43.03 -5.55 4.68
C GLU B 51 -43.03 -4.31 3.80
N ASP B 52 -42.27 -3.30 4.20
CA ASP B 52 -42.14 -2.09 3.39
C ASP B 52 -41.54 -2.35 2.02
N GLU B 53 -40.62 -3.32 1.91
CA GLU B 53 -40.03 -3.62 0.62
C GLU B 53 -41.05 -4.36 -0.26
N ILE B 54 -41.81 -5.27 0.35
CA ILE B 54 -42.88 -5.96 -0.35
C ILE B 54 -43.91 -4.96 -0.90
N THR B 55 -44.21 -3.92 -0.12
CA THR B 55 -45.12 -2.87 -0.53
C THR B 55 -44.60 -2.12 -1.72
N ARG B 56 -43.34 -1.74 -1.71
CA ARG B 56 -42.79 -1.00 -2.84
C ARG B 56 -42.72 -1.84 -4.10
N LEU B 57 -42.48 -3.14 -3.94
CA LEU B 57 -42.43 -4.03 -5.11
C LEU B 57 -43.77 -4.07 -5.79
N LYS B 58 -44.83 -4.23 -5.00
CA LYS B 58 -46.19 -4.25 -5.55
C LYS B 58 -46.57 -2.95 -6.20
N GLY B 59 -46.00 -1.84 -5.72
CA GLY B 59 -46.21 -0.53 -6.35
C GLY B 59 -45.57 -0.38 -7.73
N ILE B 60 -44.51 -1.14 -8.01
CA ILE B 60 -43.94 -1.22 -9.37
C ILE B 60 -44.99 -1.78 -10.34
N ASN B 61 -45.65 -2.86 -9.93
CA ASN B 61 -46.68 -3.47 -10.75
C ASN B 61 -47.60 -4.27 -9.87
N GLU B 62 -48.85 -3.85 -9.77
CA GLU B 62 -49.85 -4.52 -8.89
C GLU B 62 -50.09 -5.97 -9.31
N ASP B 63 -49.78 -6.33 -10.55
CA ASP B 63 -49.95 -7.74 -10.98
C ASP B 63 -48.71 -8.58 -10.76
N LEU B 64 -47.64 -8.00 -10.24
CA LEU B 64 -46.43 -8.78 -9.98
C LEU B 64 -46.73 -9.78 -8.87
N SER B 65 -46.42 -11.04 -9.11
CA SER B 65 -46.60 -12.07 -8.09
C SER B 65 -45.44 -12.07 -7.09
N LEU B 66 -45.76 -12.10 -5.81
CA LEU B 66 -44.71 -12.21 -4.79
C LEU B 66 -44.04 -13.58 -4.79
N GLU B 67 -44.73 -14.61 -5.28
CA GLU B 67 -44.11 -15.90 -5.47
C GLU B 67 -42.99 -15.81 -6.51
N GLU B 68 -43.22 -15.07 -7.58
CA GLU B 68 -42.18 -14.82 -8.59
C GLU B 68 -41.04 -14.06 -8.04
N VAL B 69 -41.31 -13.09 -7.20
CA VAL B 69 -40.26 -12.36 -6.55
C VAL B 69 -39.38 -13.35 -5.76
N ALA B 70 -40.00 -14.20 -4.97
CA ALA B 70 -39.23 -15.13 -4.11
C ALA B 70 -38.52 -16.22 -4.89
N GLU B 71 -39.18 -16.78 -5.91
CA GLU B 71 -38.63 -17.93 -6.61
C GLU B 71 -37.76 -17.55 -7.80
N ILE B 72 -37.94 -16.33 -8.31
CA ILE B 72 -37.30 -15.95 -9.56
C ILE B 72 -36.48 -14.71 -9.41
N TYR B 73 -37.09 -13.58 -9.03
CA TYR B 73 -36.36 -12.30 -9.11
C TYR B 73 -35.32 -12.10 -8.02
N LEU B 74 -35.53 -12.63 -6.82
CA LEU B 74 -34.50 -12.52 -5.79
C LEU B 74 -33.24 -13.30 -6.19
N PRO B 75 -33.38 -14.56 -6.61
CA PRO B 75 -32.20 -15.32 -7.07
C PRO B 75 -31.50 -14.71 -8.31
N LEU B 76 -32.28 -14.16 -9.24
CA LEU B 76 -31.70 -13.56 -10.43
C LEU B 76 -30.90 -12.30 -10.03
N SER B 77 -31.44 -11.50 -9.12
CA SER B 77 -30.68 -10.36 -8.59
C SER B 77 -29.43 -10.81 -7.84
N ARG B 78 -29.53 -11.95 -7.16
CA ARG B 78 -28.40 -12.48 -6.41
C ARG B 78 -27.34 -12.97 -7.39
N LEU B 79 -27.76 -13.61 -8.48
CA LEU B 79 -26.85 -14.03 -9.56
C LEU B 79 -26.11 -12.86 -10.14
N LEU B 80 -26.84 -11.80 -10.43
CA LEU B 80 -26.20 -10.60 -10.97
C LEU B 80 -25.19 -10.05 -9.96
N ASN B 81 -25.53 -10.04 -8.68
CA ASN B 81 -24.57 -9.56 -7.67
C ASN B 81 -23.21 -10.24 -7.77
N PHE B 82 -23.18 -11.55 -7.94
CA PHE B 82 -21.91 -12.29 -8.15
C PHE B 82 -21.08 -11.65 -9.29
N TYR B 83 -21.72 -11.35 -10.40
CA TYR B 83 -21.04 -10.70 -11.53
C TYR B 83 -20.59 -9.32 -11.17
N ILE B 84 -21.46 -8.54 -10.51
CA ILE B 84 -21.15 -7.13 -10.21
C ILE B 84 -19.99 -7.06 -9.20
N SER B 85 -20.08 -7.88 -8.15
CA SER B 85 -19.08 -7.93 -7.11
C SER B 85 -17.72 -8.38 -7.65
N SER B 86 -17.72 -9.40 -8.49
CA SER B 86 -16.49 -9.87 -9.12
C SER B 86 -15.85 -8.77 -9.94
N ASN B 87 -16.66 -7.98 -10.62
CA ASN B 87 -16.15 -6.84 -11.39
C ASN B 87 -15.54 -5.73 -10.50
N LEU B 88 -16.16 -5.46 -9.35
CA LEU B 88 -15.59 -4.43 -8.46
C LEU B 88 -14.24 -4.86 -7.93
N ARG B 89 -14.09 -6.14 -7.60
CA ARG B 89 -12.85 -6.62 -7.07
C ARG B 89 -11.75 -6.61 -8.14
N ARG B 90 -12.11 -6.99 -9.36
CA ARG B 90 -11.17 -6.92 -10.44
C ARG B 90 -10.70 -5.50 -10.66
N GLN B 91 -11.64 -4.54 -10.60
CA GLN B 91 -11.30 -3.12 -10.76
C GLN B 91 -10.28 -2.68 -9.69
N ALA B 92 -10.47 -3.10 -8.43
CA ALA B 92 -9.54 -2.72 -7.35
C ALA B 92 -8.16 -3.29 -7.66
N VAL B 93 -8.10 -4.52 -8.13
CA VAL B 93 -6.83 -5.16 -8.42
C VAL B 93 -6.11 -4.44 -9.59
N LEU B 94 -6.85 -4.05 -10.61
CA LEU B 94 -6.26 -3.38 -11.76
C LEU B 94 -5.82 -1.96 -11.43
N GLU B 95 -6.57 -1.25 -10.60
CA GLU B 95 -6.21 0.12 -10.27
C GLU B 95 -4.87 0.17 -9.52
N GLN B 96 -4.64 -0.81 -8.64
CA GLN B 96 -3.37 -0.98 -7.92
C GLN B 96 -2.23 -1.25 -8.92
N PHE B 97 -2.41 -2.26 -9.76
CA PHE B 97 -1.42 -2.65 -10.77
C PHE B 97 -1.11 -1.51 -11.74
N LEU B 98 -2.12 -0.87 -12.30
CA LEU B 98 -1.89 0.12 -13.36
C LEU B 98 -1.56 1.52 -12.85
N GLY B 99 -1.71 1.74 -11.54
CA GLY B 99 -1.51 3.05 -10.90
C GLY B 99 -2.52 4.11 -11.30
N THR B 100 -3.75 3.74 -11.56
CA THR B 100 -4.73 4.73 -12.03
C THR B 100 -5.44 5.37 -10.85
N ASN B 101 -6.13 6.48 -11.13
CA ASN B 101 -6.73 7.34 -10.10
C ASN B 101 -8.01 6.82 -9.41
N GLY B 102 -8.36 5.56 -9.64
CA GLY B 102 -9.50 4.95 -8.95
C GLY B 102 -10.88 5.45 -9.37
N GLN B 103 -11.03 5.89 -10.61
CA GLN B 103 -12.28 6.48 -11.08
C GLN B 103 -13.44 5.46 -11.19
N ARG B 104 -14.64 5.91 -10.85
CA ARG B 104 -15.85 5.07 -10.78
C ARG B 104 -16.44 4.78 -12.16
N ILE B 105 -16.56 3.49 -12.52
CA ILE B 105 -17.24 3.15 -13.78
C ILE B 105 -18.48 2.32 -13.52
N PRO B 106 -19.67 2.81 -13.91
CA PRO B 106 -20.87 2.01 -13.57
C PRO B 106 -20.92 0.67 -14.30
N TYR B 107 -21.40 -0.36 -13.59
CA TYR B 107 -21.71 -1.64 -14.18
C TYR B 107 -23.05 -1.50 -14.95
N ILE B 108 -23.08 -1.82 -16.24
CA ILE B 108 -24.27 -1.66 -17.03
C ILE B 108 -24.85 -3.04 -17.37
N ILE B 109 -26.15 -3.16 -17.08
CA ILE B 109 -26.95 -4.31 -17.37
C ILE B 109 -27.97 -3.85 -18.37
N SER B 110 -28.12 -4.60 -19.47
CA SER B 110 -29.13 -4.25 -20.44
C SER B 110 -30.21 -5.34 -20.45
N ILE B 111 -31.41 -4.95 -20.88
CA ILE B 111 -32.56 -5.84 -20.88
C ILE B 111 -33.28 -5.65 -22.21
N ALA B 112 -33.27 -6.72 -23.01
CA ALA B 112 -33.87 -6.70 -24.31
C ALA B 112 -35.08 -7.62 -24.37
N GLY B 113 -35.80 -7.56 -25.48
CA GLY B 113 -36.96 -8.42 -25.67
C GLY B 113 -38.06 -7.72 -26.47
N SER B 114 -39.06 -8.48 -26.86
CA SER B 114 -40.21 -7.94 -27.53
C SER B 114 -40.90 -6.81 -26.80
N VAL B 115 -41.54 -5.96 -27.57
CA VAL B 115 -42.56 -5.07 -26.99
C VAL B 115 -43.49 -5.95 -26.17
N ALA B 116 -43.83 -5.49 -24.97
CA ALA B 116 -44.84 -6.12 -24.10
C ALA B 116 -44.42 -7.44 -23.44
N VAL B 117 -43.14 -7.80 -23.50
CA VAL B 117 -42.67 -8.99 -22.81
C VAL B 117 -42.50 -8.82 -21.31
N GLY B 118 -42.36 -7.57 -20.87
CA GLY B 118 -42.12 -7.24 -19.46
C GLY B 118 -40.75 -6.66 -19.15
N LYS B 119 -40.15 -5.94 -20.11
CA LYS B 119 -38.81 -5.43 -19.92
C LYS B 119 -38.80 -4.38 -18.83
N SER B 120 -39.71 -3.44 -18.92
CA SER B 120 -39.83 -2.38 -17.91
C SER B 120 -40.08 -2.93 -16.50
N THR B 121 -41.03 -3.85 -16.38
CA THR B 121 -41.30 -4.43 -15.08
C THR B 121 -40.09 -5.18 -14.55
N THR B 122 -39.47 -5.97 -15.41
CA THR B 122 -38.29 -6.74 -15.05
C THR B 122 -37.20 -5.78 -14.59
N ALA B 123 -37.03 -4.69 -15.31
CA ALA B 123 -35.96 -3.73 -15.02
C ALA B 123 -36.17 -3.03 -13.70
N ARG B 124 -37.44 -2.67 -13.44
CA ARG B 124 -37.78 -1.95 -12.19
C ARG B 124 -37.70 -2.87 -11.01
N VAL B 125 -38.08 -4.12 -11.18
CA VAL B 125 -37.90 -5.06 -10.10
C VAL B 125 -36.41 -5.26 -9.79
N LEU B 126 -35.57 -5.42 -10.83
CA LEU B 126 -34.16 -5.66 -10.62
C LEU B 126 -33.48 -4.41 -10.04
N GLN B 127 -33.93 -3.23 -10.42
CA GLN B 127 -33.37 -2.02 -9.82
C GLN B 127 -33.59 -2.04 -8.32
N ALA B 128 -34.83 -2.26 -7.89
CA ALA B 128 -35.21 -2.30 -6.44
C ALA B 128 -34.41 -3.38 -5.67
N LEU B 129 -34.31 -4.57 -6.23
CA LEU B 129 -33.65 -5.65 -5.52
C LEU B 129 -32.15 -5.48 -5.46
N LEU B 130 -31.56 -5.02 -6.55
CA LEU B 130 -30.12 -4.84 -6.58
C LEU B 130 -29.68 -3.76 -5.61
N SER B 131 -30.54 -2.78 -5.38
CA SER B 131 -30.21 -1.66 -4.50
CA SER B 131 -30.19 -1.66 -4.50
C SER B 131 -30.12 -2.08 -3.04
N ARG B 132 -30.57 -3.30 -2.73
CA ARG B 132 -30.50 -3.84 -1.35
C ARG B 132 -29.12 -4.31 -0.90
N TRP B 133 -28.20 -4.45 -1.84
CA TRP B 133 -26.85 -4.96 -1.58
C TRP B 133 -25.96 -3.78 -1.30
N PRO B 134 -25.34 -3.74 -0.11
CA PRO B 134 -24.48 -2.60 0.24
C PRO B 134 -23.38 -2.25 -0.73
N GLU B 135 -22.84 -3.23 -1.49
CA GLU B 135 -21.78 -2.88 -2.45
C GLU B 135 -22.33 -2.11 -3.66
N HIS B 136 -23.62 -2.08 -3.88
CA HIS B 136 -24.10 -1.33 -5.05
C HIS B 136 -25.49 -0.81 -4.84
N ARG B 137 -25.59 0.15 -3.94
CA ARG B 137 -26.86 0.72 -3.55
C ARG B 137 -27.47 1.67 -4.56
N HIS B 138 -26.64 2.32 -5.36
CA HIS B 138 -27.12 3.33 -6.27
C HIS B 138 -27.29 2.70 -7.68
N VAL B 139 -28.55 2.44 -8.04
CA VAL B 139 -28.90 1.76 -9.28
C VAL B 139 -29.81 2.67 -10.06
N GLU B 140 -29.39 3.08 -11.25
CA GLU B 140 -30.23 3.89 -12.16
C GLU B 140 -30.82 3.03 -13.27
N LEU B 141 -31.92 3.53 -13.86
CA LEU B 141 -32.63 2.89 -14.94
C LEU B 141 -32.94 3.88 -16.01
N ILE B 142 -32.58 3.55 -17.27
CA ILE B 142 -32.76 4.38 -18.44
C ILE B 142 -33.40 3.51 -19.50
N THR B 143 -34.46 4.00 -20.15
CA THR B 143 -35.10 3.22 -21.19
C THR B 143 -34.58 3.74 -22.52
N THR B 144 -34.46 2.86 -23.50
CA THR B 144 -34.09 3.33 -24.81
C THR B 144 -35.23 4.09 -25.55
N ASP B 145 -36.47 3.95 -25.10
CA ASP B 145 -37.61 4.69 -25.67
C ASP B 145 -37.27 6.20 -25.81
N GLY B 146 -36.62 6.75 -24.79
CA GLY B 146 -36.22 8.15 -24.77
C GLY B 146 -35.38 8.59 -25.96
N PHE B 147 -34.73 7.63 -26.61
CA PHE B 147 -33.85 7.90 -27.73
C PHE B 147 -34.54 7.73 -29.06
N LEU B 148 -35.83 7.41 -29.07
CA LEU B 148 -36.65 7.51 -30.30
C LEU B 148 -36.60 8.91 -30.86
N HIS B 149 -36.69 9.06 -32.18
CA HIS B 149 -36.85 10.38 -32.72
C HIS B 149 -38.23 10.85 -32.26
N PRO B 150 -38.39 12.15 -31.96
CA PRO B 150 -39.73 12.61 -31.52
C PRO B 150 -40.78 12.42 -32.63
N ASN B 151 -42.06 12.45 -32.28
CA ASN B 151 -43.12 12.26 -33.29
C ASN B 151 -42.99 13.23 -34.48
N SER B 152 -42.64 14.49 -34.22
CA SER B 152 -42.46 15.47 -35.31
C SER B 152 -41.53 14.92 -36.38
N VAL B 153 -40.43 14.33 -35.93
CA VAL B 153 -39.39 13.83 -36.81
C VAL B 153 -39.80 12.55 -37.52
N LEU B 154 -40.45 11.67 -36.78
CA LEU B 154 -40.96 10.42 -37.38
C LEU B 154 -41.96 10.73 -38.53
N LYS B 155 -42.84 11.69 -38.29
CA LYS B 155 -43.72 12.29 -39.32
C LYS B 155 -42.93 12.75 -40.54
N GLU B 156 -42.00 13.69 -40.36
CA GLU B 156 -41.15 14.14 -41.47
C GLU B 156 -40.65 12.97 -42.31
N ARG B 157 -40.28 11.86 -41.66
CA ARG B 157 -39.61 10.74 -42.36
C ARG B 157 -40.56 9.61 -42.80
N GLY B 158 -41.85 9.72 -42.49
CA GLY B 158 -42.78 8.65 -42.90
C GLY B 158 -42.64 7.35 -42.12
N LEU B 159 -42.25 7.48 -40.87
CA LEU B 159 -41.95 6.35 -40.01
C LEU B 159 -42.85 6.26 -38.79
N MET B 160 -44.01 6.88 -38.82
CA MET B 160 -44.83 6.88 -37.63
C MET B 160 -45.39 5.48 -37.43
N LYS B 161 -45.46 4.65 -38.47
CA LYS B 161 -45.84 3.24 -38.30
C LYS B 161 -44.66 2.32 -37.92
N LYS B 162 -43.48 2.91 -37.76
CA LYS B 162 -42.26 2.17 -37.61
C LYS B 162 -41.58 2.58 -36.29
N LYS B 163 -42.33 3.13 -35.37
CA LYS B 163 -41.83 3.39 -34.02
C LYS B 163 -41.31 2.08 -33.40
N GLY B 164 -40.05 2.10 -32.98
CA GLY B 164 -39.40 0.93 -32.39
C GLY B 164 -38.52 0.17 -33.37
N PHE B 165 -38.68 0.44 -34.67
CA PHE B 165 -37.79 -0.05 -35.68
C PHE B 165 -36.49 0.74 -35.62
N PRO B 166 -35.41 0.17 -36.18
CA PRO B 166 -34.12 0.84 -36.11
C PRO B 166 -34.12 2.28 -36.63
N GLN B 167 -34.76 2.51 -37.77
CA GLN B 167 -34.84 3.86 -38.31
C GLN B 167 -35.55 4.84 -37.40
N SER B 168 -36.32 4.36 -36.42
CA SER B 168 -36.98 5.30 -35.48
C SER B 168 -36.10 5.81 -34.34
N TYR B 169 -34.90 5.25 -34.15
CA TYR B 169 -34.02 5.65 -33.04
C TYR B 169 -32.91 6.59 -33.49
N ASP B 170 -32.55 7.49 -32.60
CA ASP B 170 -31.34 8.24 -32.67
C ASP B 170 -30.27 7.33 -32.03
N MET B 171 -29.83 6.35 -32.78
CA MET B 171 -28.95 5.32 -32.27
C MET B 171 -27.59 5.85 -31.89
N HIS B 172 -27.08 6.80 -32.67
CA HIS B 172 -25.78 7.40 -32.38
C HIS B 172 -25.75 8.07 -31.04
N ARG B 173 -26.86 8.68 -30.68
CA ARG B 173 -26.95 9.32 -29.36
C ARG B 173 -27.04 8.28 -28.22
N LEU B 174 -27.76 7.19 -28.44
CA LEU B 174 -27.85 6.09 -27.44
C LEU B 174 -26.47 5.48 -27.16
N VAL B 175 -25.71 5.26 -28.22
CA VAL B 175 -24.33 4.73 -28.07
C VAL B 175 -23.43 5.70 -27.35
N LYS B 176 -23.55 6.97 -27.71
CA LYS B 176 -22.79 8.04 -27.06
C LYS B 176 -23.12 8.10 -25.57
N PHE B 177 -24.37 7.87 -25.22
CA PHE B 177 -24.77 7.89 -23.80
C PHE B 177 -24.03 6.80 -22.98
N VAL B 178 -24.15 5.54 -23.41
CA VAL B 178 -23.45 4.46 -22.71
C VAL B 178 -21.94 4.58 -22.83
N SER B 179 -21.45 5.06 -23.99
CA SER B 179 -20.02 5.30 -24.19
C SER B 179 -19.48 6.34 -23.20
N ASP B 180 -20.23 7.43 -23.02
CA ASP B 180 -19.87 8.47 -22.05
C ASP B 180 -19.84 7.92 -20.64
N LEU B 181 -20.86 7.14 -20.28
CA LEU B 181 -20.85 6.50 -18.97
C LEU B 181 -19.57 5.64 -18.79
N LYS B 182 -19.23 4.88 -19.81
CA LYS B 182 -18.08 3.97 -19.75
C LYS B 182 -16.75 4.71 -19.94
N SER B 183 -16.84 6.02 -20.08
CA SER B 183 -15.72 6.93 -20.12
C SER B 183 -15.46 7.57 -18.77
N GLY B 184 -16.36 7.37 -17.81
CA GLY B 184 -16.22 7.96 -16.46
C GLY B 184 -16.63 9.43 -16.33
N VAL B 185 -17.44 9.89 -17.28
CA VAL B 185 -18.04 11.23 -17.22
C VAL B 185 -18.83 11.39 -15.90
N PRO B 186 -18.75 12.56 -15.27
CA PRO B 186 -19.45 12.64 -13.96
C PRO B 186 -20.97 12.66 -14.07
N GLN B 187 -21.49 13.15 -15.18
CA GLN B 187 -22.93 13.16 -15.46
C GLN B 187 -23.17 12.87 -16.91
N ALA B 188 -24.30 12.24 -17.18
CA ALA B 188 -24.75 12.06 -18.53
C ALA B 188 -26.24 12.24 -18.54
N THR B 189 -26.74 12.71 -19.68
CA THR B 189 -28.11 13.12 -19.80
C THR B 189 -28.83 12.33 -20.90
N ALA B 190 -29.98 11.75 -20.57
CA ALA B 190 -30.75 10.98 -21.55
C ALA B 190 -32.07 11.68 -21.74
N PRO B 191 -32.57 11.71 -22.99
CA PRO B 191 -33.95 12.10 -23.22
C PRO B 191 -34.92 11.05 -22.68
N VAL B 192 -36.15 11.48 -22.43
CA VAL B 192 -37.14 10.65 -21.76
C VAL B 192 -38.41 10.59 -22.59
N TYR B 193 -39.02 9.41 -22.62
CA TYR B 193 -40.22 9.14 -23.39
C TYR B 193 -41.38 8.83 -22.42
N SER B 194 -42.60 9.19 -22.82
CA SER B 194 -43.81 8.79 -22.06
C SER B 194 -44.83 8.03 -22.91
N HIS B 195 -45.15 6.78 -22.53
CA HIS B 195 -46.16 5.93 -23.22
C HIS B 195 -47.59 6.51 -23.18
N LEU B 196 -47.85 7.25 -22.09
CA LEU B 196 -49.16 7.86 -21.84
C LEU B 196 -49.46 8.97 -22.83
N ILE B 197 -48.44 9.75 -23.23
CA ILE B 197 -48.56 10.72 -24.37
C ILE B 197 -47.84 10.27 -25.68
N TYR B 198 -47.42 8.99 -25.73
CA TYR B 198 -46.86 8.37 -26.97
C TYR B 198 -45.78 9.24 -27.63
N ASP B 199 -44.89 9.80 -26.82
CA ASP B 199 -43.85 10.67 -27.34
C ASP B 199 -42.73 10.95 -26.32
N VAL B 200 -41.64 11.49 -26.87
CA VAL B 200 -40.49 11.98 -26.11
C VAL B 200 -40.92 13.24 -25.37
N ILE B 201 -40.66 13.31 -24.07
CA ILE B 201 -41.02 14.49 -23.26
C ILE B 201 -40.12 15.67 -23.66
N PRO B 202 -40.70 16.77 -24.20
CA PRO B 202 -39.88 17.84 -24.82
C PRO B 202 -38.72 18.42 -23.97
N ASP B 203 -38.93 18.60 -22.68
CA ASP B 203 -37.84 19.07 -21.78
C ASP B 203 -37.76 18.20 -20.54
N GLY B 204 -37.90 16.88 -20.71
CA GLY B 204 -38.00 15.95 -19.59
C GLY B 204 -36.74 15.15 -19.30
N ASP B 205 -35.61 15.55 -19.86
CA ASP B 205 -34.35 14.82 -19.70
C ASP B 205 -34.03 14.34 -18.27
N LYS B 206 -33.34 13.22 -18.21
CA LYS B 206 -32.95 12.58 -16.98
C LYS B 206 -31.43 12.61 -16.94
N THR B 207 -30.88 13.15 -15.86
CA THR B 207 -29.43 13.24 -15.68
C THR B 207 -29.01 12.21 -14.65
N VAL B 208 -28.02 11.40 -14.99
CA VAL B 208 -27.50 10.42 -14.02
C VAL B 208 -26.06 10.77 -13.71
N ALA B 209 -25.63 10.45 -12.49
CA ALA B 209 -24.28 10.76 -12.04
C ALA B 209 -23.57 9.54 -11.44
N GLN B 210 -22.70 8.91 -12.19
CA GLN B 210 -21.87 7.81 -11.67
C GLN B 210 -22.61 6.88 -10.67
N PRO B 211 -23.71 6.22 -11.12
CA PRO B 211 -24.30 5.23 -10.25
C PRO B 211 -23.37 4.02 -10.14
N ASP B 212 -23.60 3.18 -9.14
CA ASP B 212 -22.94 1.84 -9.08
C ASP B 212 -23.37 0.97 -10.25
N ILE B 213 -24.67 1.00 -10.57
CA ILE B 213 -25.24 0.17 -11.61
C ILE B 213 -26.14 1.04 -12.44
N LEU B 214 -26.12 0.87 -13.75
CA LEU B 214 -27.10 1.49 -14.63
C LEU B 214 -27.75 0.35 -15.42
N ILE B 215 -29.07 0.25 -15.33
CA ILE B 215 -29.87 -0.69 -16.10
C ILE B 215 -30.37 0.04 -17.33
N LEU B 216 -30.07 -0.51 -18.51
CA LEU B 216 -30.50 0.03 -19.77
C LEU B 216 -31.55 -0.90 -20.38
N GLU B 217 -32.78 -0.43 -20.42
CA GLU B 217 -33.91 -1.24 -20.79
C GLU B 217 -34.45 -0.84 -22.16
N GLY B 218 -34.50 -1.79 -23.11
CA GLY B 218 -35.11 -1.50 -24.40
C GLY B 218 -34.99 -2.61 -25.44
N LEU B 219 -35.85 -2.58 -26.45
CA LEU B 219 -35.89 -3.68 -27.39
C LEU B 219 -34.66 -3.80 -28.23
N ASN B 220 -33.90 -2.72 -28.36
CA ASN B 220 -32.79 -2.64 -29.31
C ASN B 220 -31.40 -2.70 -28.66
N VAL B 221 -31.30 -2.97 -27.36
CA VAL B 221 -29.99 -3.00 -26.71
C VAL B 221 -29.00 -4.05 -27.22
N LEU B 222 -29.48 -5.11 -27.91
CA LEU B 222 -28.59 -6.13 -28.48
C LEU B 222 -28.39 -5.98 -29.98
N GLN B 223 -28.90 -4.89 -30.53
CA GLN B 223 -28.73 -4.59 -31.95
C GLN B 223 -27.37 -3.94 -32.21
N SER B 224 -26.99 -3.94 -33.46
CA SER B 224 -25.66 -3.54 -33.84
C SER B 224 -25.72 -2.82 -35.17
N GLY B 225 -24.54 -2.52 -35.72
CA GLY B 225 -24.42 -1.75 -36.95
C GLY B 225 -25.16 -2.34 -38.11
N MET B 226 -25.26 -3.67 -38.14
CA MET B 226 -25.95 -4.38 -39.21
C MET B 226 -27.44 -4.05 -39.27
N ASP B 227 -28.02 -3.71 -38.13
CA ASP B 227 -29.45 -3.34 -38.04
C ASP B 227 -29.69 -1.90 -38.45
N TYR B 228 -28.63 -1.13 -38.65
CA TYR B 228 -28.79 0.28 -38.99
C TYR B 228 -28.06 0.62 -40.29
N PRO B 229 -28.33 -0.13 -41.40
CA PRO B 229 -27.62 0.12 -42.67
C PRO B 229 -27.90 1.50 -43.29
N HIS B 230 -29.02 2.10 -42.91
CA HIS B 230 -29.35 3.45 -43.36
C HIS B 230 -28.43 4.48 -42.74
N ASP B 231 -27.79 4.15 -41.61
CA ASP B 231 -26.87 5.06 -40.92
C ASP B 231 -25.96 4.23 -39.97
N PRO B 232 -24.94 3.57 -40.52
CA PRO B 232 -24.14 2.59 -39.77
C PRO B 232 -23.39 3.16 -38.57
N HIS B 233 -23.25 2.33 -37.54
CA HIS B 233 -22.29 2.62 -36.45
C HIS B 233 -21.42 1.38 -36.23
N HIS B 234 -20.22 1.59 -35.73
CA HIS B 234 -19.16 0.60 -35.70
C HIS B 234 -18.72 0.15 -34.30
N VAL B 235 -19.34 0.74 -33.29
CA VAL B 235 -19.15 0.33 -31.91
C VAL B 235 -20.57 0.26 -31.34
N PHE B 236 -20.91 -0.86 -30.72
CA PHE B 236 -22.33 -1.16 -30.44
C PHE B 236 -22.73 -0.91 -29.01
N VAL B 237 -24.01 -0.79 -28.74
CA VAL B 237 -24.46 -0.62 -27.34
C VAL B 237 -23.81 -1.70 -26.47
N SER B 238 -23.84 -2.94 -26.97
CA SER B 238 -23.31 -4.12 -26.29
C SER B 238 -21.82 -3.97 -25.88
N ASP B 239 -21.07 -3.21 -26.67
CA ASP B 239 -19.65 -2.96 -26.39
C ASP B 239 -19.44 -2.11 -25.15
N PHE B 240 -20.51 -1.53 -24.61
CA PHE B 240 -20.49 -0.73 -23.37
C PHE B 240 -21.36 -1.31 -22.27
N VAL B 241 -21.77 -2.56 -22.45
CA VAL B 241 -22.65 -3.23 -21.52
C VAL B 241 -21.96 -4.43 -20.92
N ASP B 242 -22.04 -4.55 -19.60
CA ASP B 242 -21.37 -5.66 -18.88
C ASP B 242 -22.15 -6.97 -18.92
N PHE B 243 -23.47 -6.92 -18.79
CA PHE B 243 -24.34 -8.10 -18.70
C PHE B 243 -25.66 -7.77 -19.36
N SER B 244 -26.15 -8.63 -20.25
CA SER B 244 -27.40 -8.38 -20.93
C SER B 244 -28.37 -9.56 -20.79
N ILE B 245 -29.64 -9.22 -20.65
CA ILE B 245 -30.72 -10.16 -20.43
C ILE B 245 -31.69 -9.98 -21.58
N TYR B 246 -32.05 -11.06 -22.24
CA TYR B 246 -33.11 -11.03 -23.22
C TYR B 246 -34.30 -11.72 -22.55
N VAL B 247 -35.40 -11.00 -22.42
CA VAL B 247 -36.61 -11.56 -21.86
C VAL B 247 -37.44 -12.10 -23.02
N ASP B 248 -37.72 -13.39 -23.00
CA ASP B 248 -38.23 -14.14 -24.12
C ASP B 248 -39.57 -14.70 -23.77
N ALA B 249 -40.41 -14.82 -24.78
CA ALA B 249 -41.71 -15.42 -24.60
C ALA B 249 -42.31 -15.71 -25.97
N PRO B 250 -43.14 -16.75 -26.08
CA PRO B 250 -43.79 -17.09 -27.35
C PRO B 250 -44.77 -16.01 -27.82
N GLU B 251 -44.92 -15.90 -29.14
CA GLU B 251 -45.75 -14.89 -29.82
C GLU B 251 -47.17 -14.69 -29.25
N GLU B 252 -47.87 -15.79 -29.04
CA GLU B 252 -49.26 -15.78 -28.57
C GLU B 252 -49.37 -15.13 -27.20
N LEU B 253 -48.44 -15.47 -26.30
CA LEU B 253 -48.44 -14.79 -25.01
C LEU B 253 -48.14 -13.29 -25.15
N LEU B 254 -47.15 -12.94 -25.96
CA LEU B 254 -46.77 -11.56 -26.12
C LEU B 254 -47.96 -10.72 -26.66
N LYS B 255 -48.66 -11.25 -27.66
CA LYS B 255 -49.84 -10.62 -28.25
C LYS B 255 -50.90 -10.37 -27.19
N SER B 256 -51.23 -11.37 -26.39
CA SER B 256 -52.27 -11.16 -25.38
C SER B 256 -51.80 -10.16 -24.35
N TRP B 257 -50.50 -10.16 -24.04
CA TRP B 257 -50.00 -9.22 -23.04
C TRP B 257 -50.06 -7.83 -23.56
N TYR B 258 -49.74 -7.66 -24.84
CA TYR B 258 -49.82 -6.36 -25.52
C TYR B 258 -51.27 -5.82 -25.59
N ILE B 259 -52.22 -6.67 -25.94
CA ILE B 259 -53.65 -6.28 -26.01
C ILE B 259 -54.22 -5.90 -24.64
N ASN B 260 -53.91 -6.72 -23.63
CA ASN B 260 -54.33 -6.42 -22.28
C ASN B 260 -53.77 -5.06 -21.79
N ARG B 261 -52.49 -4.80 -22.03
CA ARG B 261 -51.88 -3.53 -21.63
C ARG B 261 -52.54 -2.35 -22.37
N PHE B 262 -52.79 -2.51 -23.66
CA PHE B 262 -53.49 -1.48 -24.46
C PHE B 262 -54.88 -1.18 -23.85
N LEU B 263 -55.62 -2.24 -23.53
CA LEU B 263 -56.95 -2.11 -22.86
C LEU B 263 -56.85 -1.41 -21.53
N LYS B 264 -55.80 -1.72 -20.75
CA LYS B 264 -55.52 -0.94 -19.50
C LYS B 264 -55.32 0.53 -19.77
N PHE B 265 -54.52 0.90 -20.77
CA PHE B 265 -54.33 2.33 -21.08
C PHE B 265 -55.65 2.95 -21.56
N ARG B 266 -56.43 2.20 -22.34
CA ARG B 266 -57.74 2.70 -22.77
C ARG B 266 -58.59 2.99 -21.53
N GLU B 267 -58.66 2.03 -20.60
CA GLU B 267 -59.40 2.26 -19.33
C GLU B 267 -58.98 3.52 -18.62
N GLY B 268 -57.67 3.70 -18.48
CA GLY B 268 -57.12 4.91 -17.86
C GLY B 268 -57.69 6.12 -18.54
N ALA B 269 -57.75 6.07 -19.87
CA ALA B 269 -58.23 7.17 -20.67
C ALA B 269 -59.73 7.52 -20.45
N PHE B 270 -60.52 6.60 -19.89
CA PHE B 270 -61.93 6.92 -19.56
C PHE B 270 -62.07 8.21 -18.74
N THR B 271 -61.14 8.43 -17.81
CA THR B 271 -61.19 9.58 -16.89
C THR B 271 -60.05 10.59 -17.02
N ASP B 272 -58.98 10.24 -17.72
CA ASP B 272 -57.84 11.14 -17.83
C ASP B 272 -57.81 11.69 -19.24
N PRO B 273 -58.12 12.99 -19.39
CA PRO B 273 -58.17 13.61 -20.74
C PRO B 273 -56.81 13.84 -21.42
N ASP B 274 -55.73 13.76 -20.66
CA ASP B 274 -54.40 13.96 -21.24
C ASP B 274 -53.83 12.67 -21.83
N SER B 275 -54.46 11.53 -21.54
CA SER B 275 -54.03 10.28 -22.15
C SER B 275 -54.10 10.34 -23.67
N TYR B 276 -53.07 9.82 -24.33
CA TYR B 276 -53.05 9.61 -25.76
C TYR B 276 -54.11 8.60 -26.22
N PHE B 277 -54.63 7.83 -25.27
CA PHE B 277 -55.63 6.83 -25.58
C PHE B 277 -57.07 7.45 -25.51
N HIS B 278 -57.17 8.77 -25.42
CA HIS B 278 -58.45 9.47 -25.36
C HIS B 278 -59.47 9.01 -26.42
N ASN B 279 -59.04 8.88 -27.67
CA ASN B 279 -59.97 8.55 -28.74
C ASN B 279 -60.29 7.09 -28.81
N TYR B 280 -59.30 6.25 -28.47
CA TYR B 280 -59.54 4.81 -28.31
C TYR B 280 -60.64 4.50 -27.24
N ALA B 281 -60.70 5.34 -26.23
CA ALA B 281 -61.72 5.23 -25.18
C ALA B 281 -63.12 5.63 -25.66
N LYS B 282 -63.24 6.16 -26.89
CA LYS B 282 -64.57 6.43 -27.51
C LYS B 282 -65.05 5.27 -28.38
N LEU B 283 -64.16 4.35 -28.72
CA LEU B 283 -64.51 3.21 -29.54
C LEU B 283 -65.18 2.18 -28.68
N SER B 284 -65.83 1.21 -29.28
CA SER B 284 -66.27 0.06 -28.53
C SER B 284 -65.04 -0.78 -28.16
N LYS B 285 -65.21 -1.64 -27.17
CA LYS B 285 -64.13 -2.47 -26.75
C LYS B 285 -63.69 -3.41 -27.87
N GLU B 286 -64.66 -3.93 -28.59
CA GLU B 286 -64.41 -4.83 -29.68
C GLU B 286 -63.51 -4.15 -30.74
N GLU B 287 -63.84 -2.90 -31.07
CA GLU B 287 -63.06 -2.17 -32.07
C GLU B 287 -61.67 -1.82 -31.54
N ALA B 288 -61.61 -1.38 -30.27
CA ALA B 288 -60.32 -1.15 -29.59
C ALA B 288 -59.43 -2.39 -29.64
N VAL B 289 -60.01 -3.56 -29.33
CA VAL B 289 -59.29 -4.84 -29.44
C VAL B 289 -58.76 -5.04 -30.88
N ASP B 290 -59.56 -4.69 -31.90
CA ASP B 290 -59.16 -4.93 -33.29
C ASP B 290 -58.01 -4.05 -33.65
N ILE B 291 -58.09 -2.80 -33.25
CA ILE B 291 -56.99 -1.89 -33.42
C ILE B 291 -55.69 -2.41 -32.79
N ALA B 292 -55.73 -2.76 -31.51
CA ALA B 292 -54.55 -3.25 -30.79
C ALA B 292 -54.00 -4.48 -31.46
N THR B 293 -54.88 -5.40 -31.79
CA THR B 293 -54.50 -6.54 -32.55
C THR B 293 -53.72 -6.17 -33.82
N SER B 294 -54.22 -5.23 -34.61
CA SER B 294 -53.53 -4.81 -35.83
C SER B 294 -52.21 -4.08 -35.55
N LEU B 295 -52.15 -3.27 -34.49
CA LEU B 295 -50.87 -2.66 -34.10
C LEU B 295 -49.83 -3.71 -33.76
N TRP B 296 -50.24 -4.72 -33.01
CA TRP B 296 -49.36 -5.83 -32.73
C TRP B 296 -48.95 -6.53 -34.03
N ASN B 297 -49.90 -7.11 -34.76
CA ASN B 297 -49.57 -7.81 -36.00
C ASN B 297 -48.65 -7.01 -36.97
N GLU B 298 -48.97 -5.76 -37.22
CA GLU B 298 -48.40 -5.02 -38.34
C GLU B 298 -47.15 -4.24 -37.98
N ILE B 299 -46.99 -3.92 -36.70
CA ILE B 299 -45.83 -3.18 -36.27
C ILE B 299 -44.92 -4.01 -35.33
N ASN B 300 -45.39 -4.26 -34.11
CA ASN B 300 -44.50 -4.82 -33.08
C ASN B 300 -44.08 -6.27 -33.38
N LEU B 301 -44.98 -7.05 -33.97
CA LEU B 301 -44.66 -8.43 -34.34
C LEU B 301 -43.67 -8.52 -35.51
N MET B 302 -43.85 -7.70 -36.53
CA MET B 302 -42.89 -7.59 -37.63
C MET B 302 -41.55 -7.09 -37.06
N ASN B 303 -41.60 -6.12 -36.15
CA ASN B 303 -40.37 -5.64 -35.50
C ASN B 303 -39.64 -6.77 -34.71
N LEU B 304 -40.40 -7.60 -34.00
CA LEU B 304 -39.87 -8.73 -33.27
C LEU B 304 -39.12 -9.69 -34.21
N LYS B 305 -39.80 -10.04 -35.28
CA LYS B 305 -39.37 -11.06 -36.16
C LYS B 305 -38.19 -10.58 -36.96
N GLU B 306 -38.20 -9.33 -37.38
CA GLU B 306 -37.16 -8.84 -38.27
C GLU B 306 -35.94 -8.32 -37.51
N ASN B 307 -36.14 -7.66 -36.37
CA ASN B 307 -35.09 -6.91 -35.72
C ASN B 307 -34.71 -7.33 -34.27
N ILE B 308 -35.64 -7.94 -33.53
CA ILE B 308 -35.46 -8.14 -32.09
C ILE B 308 -35.03 -9.57 -31.80
N LEU B 309 -35.86 -10.52 -32.19
CA LEU B 309 -35.62 -11.90 -31.96
C LEU B 309 -34.25 -12.41 -32.50
N PRO B 310 -33.81 -11.91 -33.66
CA PRO B 310 -32.50 -12.37 -34.12
C PRO B 310 -31.33 -11.98 -33.20
N THR B 311 -31.51 -11.02 -32.30
CA THR B 311 -30.46 -10.57 -31.39
C THR B 311 -30.33 -11.39 -30.15
N ARG B 312 -31.22 -12.35 -29.96
CA ARG B 312 -31.44 -13.00 -28.68
C ARG B 312 -30.20 -13.72 -28.18
N GLU B 313 -29.51 -14.42 -29.10
CA GLU B 313 -28.31 -15.21 -28.75
C GLU B 313 -27.07 -14.32 -28.54
N ARG B 314 -27.24 -13.01 -28.54
CA ARG B 314 -26.16 -12.13 -28.10
C ARG B 314 -26.18 -11.82 -26.59
N ALA B 315 -27.23 -12.26 -25.90
CA ALA B 315 -27.43 -11.97 -24.49
C ALA B 315 -26.59 -12.85 -23.59
N SER B 316 -26.18 -12.25 -22.47
CA SER B 316 -25.56 -12.99 -21.39
C SER B 316 -26.50 -14.02 -20.86
N LEU B 317 -27.78 -13.68 -20.76
CA LEU B 317 -28.79 -14.53 -20.11
C LEU B 317 -30.13 -14.42 -20.81
N ILE B 318 -30.77 -15.56 -21.06
CA ILE B 318 -32.06 -15.57 -21.65
C ILE B 318 -33.02 -16.07 -20.55
N MET B 319 -33.99 -15.22 -20.21
CA MET B 319 -35.04 -15.51 -19.25
C MET B 319 -36.35 -15.71 -20.02
N THR B 320 -36.91 -16.91 -19.96
CA THR B 320 -38.10 -17.24 -20.72
C THR B 320 -39.35 -17.25 -19.83
N LYS B 321 -40.43 -16.71 -20.37
CA LYS B 321 -41.65 -16.53 -19.62
C LYS B 321 -42.72 -17.38 -20.24
N SER B 322 -43.66 -17.73 -19.37
CA SER B 322 -44.82 -18.56 -19.67
C SER B 322 -46.13 -17.83 -19.28
N ALA B 323 -47.17 -18.63 -19.10
CA ALA B 323 -48.47 -18.22 -18.58
C ALA B 323 -48.33 -17.38 -17.33
N ASN B 324 -49.04 -16.25 -17.33
CA ASN B 324 -49.07 -15.34 -16.21
C ASN B 324 -47.72 -14.75 -15.85
N HIS B 325 -46.85 -14.64 -16.85
CA HIS B 325 -45.53 -14.03 -16.69
C HIS B 325 -44.53 -14.82 -15.85
N SER B 326 -44.86 -16.05 -15.46
CA SER B 326 -43.94 -16.79 -14.62
C SER B 326 -42.78 -17.29 -15.48
N VAL B 327 -41.57 -17.21 -14.93
CA VAL B 327 -40.39 -17.56 -15.67
C VAL B 327 -40.19 -19.06 -15.57
N ASN B 328 -40.02 -19.70 -16.70
CA ASN B 328 -39.96 -21.15 -16.74
C ASN B 328 -38.60 -21.65 -17.16
N GLN B 329 -37.68 -20.77 -17.55
CA GLN B 329 -36.36 -21.19 -18.02
C GLN B 329 -35.40 -20.01 -17.91
N VAL B 330 -34.19 -20.29 -17.40
CA VAL B 330 -33.11 -19.33 -17.37
C VAL B 330 -31.89 -19.98 -18.00
N ARG B 331 -31.38 -19.34 -19.04
CA ARG B 331 -30.17 -19.76 -19.70
C ARG B 331 -29.10 -18.72 -19.54
N LEU B 332 -27.91 -19.14 -19.19
CA LEU B 332 -26.82 -18.23 -18.89
C LEU B 332 -25.60 -18.66 -19.67
N ARG B 333 -24.87 -17.71 -20.23
CA ARG B 333 -23.65 -18.04 -21.00
C ARG B 333 -22.63 -18.78 -20.14
N LYS B 334 -22.00 -19.79 -20.72
CA LYS B 334 -21.03 -20.62 -19.99
C LYS B 334 -19.73 -19.90 -19.81
N LEU C 26 -23.70 10.06 10.74
CA LEU C 26 -22.82 8.84 10.81
C LEU C 26 -21.32 9.18 10.75
N MET C 27 -20.86 9.83 9.67
CA MET C 27 -19.46 10.31 9.57
C MET C 27 -19.24 11.56 10.43
N THR C 28 -18.19 11.54 11.21
CA THR C 28 -17.86 12.65 12.12
C THR C 28 -16.43 13.05 11.81
N PRO C 29 -15.96 14.15 12.42
CA PRO C 29 -14.61 14.66 12.19
C PRO C 29 -13.46 13.86 12.81
N TYR C 30 -13.78 12.75 13.46
CA TYR C 30 -12.85 11.99 14.26
C TYR C 30 -12.69 10.56 13.73
N LEU C 31 -11.44 10.11 13.61
CA LEU C 31 -11.17 8.67 13.48
C LEU C 31 -11.35 8.02 14.85
N GLN C 32 -11.98 6.87 14.88
CA GLN C 32 -12.30 6.16 16.10
C GLN C 32 -11.48 4.89 16.27
N PHE C 33 -10.95 4.67 17.47
CA PHE C 33 -10.19 3.46 17.79
C PHE C 33 -10.71 2.88 19.09
N ASN C 34 -11.02 1.59 19.08
CA ASN C 34 -11.13 0.88 20.33
C ASN C 34 -9.72 0.59 20.90
N ARG C 35 -9.71 0.07 22.11
CA ARG C 35 -8.49 -0.23 22.83
C ARG C 35 -7.50 -1.06 22.02
N HIS C 36 -8.01 -2.06 21.31
CA HIS C 36 -7.15 -2.99 20.57
C HIS C 36 -6.66 -2.39 19.25
N GLN C 37 -7.52 -1.67 18.53
CA GLN C 37 -7.11 -0.91 17.35
C GLN C 37 -6.04 0.14 17.68
N TRP C 38 -6.18 0.77 18.85
CA TRP C 38 -5.23 1.77 19.29
C TRP C 38 -3.88 1.14 19.63
N ALA C 39 -3.89 0.07 20.44
CA ALA C 39 -2.66 -0.62 20.80
C ALA C 39 -2.01 -1.35 19.60
N ALA C 40 -2.82 -1.74 18.61
CA ALA C 40 -2.26 -2.34 17.41
C ALA C 40 -1.37 -1.38 16.62
N LEU C 41 -1.40 -0.08 16.95
CA LEU C 41 -0.38 0.85 16.42
C LEU C 41 1.04 0.32 16.65
N ARG C 42 1.25 -0.47 17.72
CA ARG C 42 2.55 -1.15 18.01
C ARG C 42 2.93 -2.27 17.03
N ASP C 43 1.95 -2.89 16.37
CA ASP C 43 2.21 -3.87 15.30
C ASP C 43 3.03 -3.20 14.17
N SER C 44 2.49 -2.10 13.66
CA SER C 44 3.17 -1.25 12.67
C SER C 44 4.64 -0.90 13.05
N VAL C 45 4.92 -0.73 14.34
CA VAL C 45 6.21 -0.19 14.82
C VAL C 45 6.46 -0.53 16.31
N PRO C 46 7.49 -1.37 16.61
CA PRO C 46 7.71 -1.90 17.99
C PRO C 46 8.00 -0.84 19.08
N MET C 47 7.52 -1.11 20.30
CA MET C 47 7.60 -0.16 21.41
C MET C 47 7.57 -0.89 22.74
N THR C 48 8.59 -0.69 23.56
CA THR C 48 8.63 -1.27 24.91
C THR C 48 9.35 -0.28 25.79
N LEU C 49 8.99 -0.26 27.07
CA LEU C 49 9.50 0.73 28.02
C LEU C 49 10.89 0.36 28.50
N THR C 50 11.73 1.36 28.79
CA THR C 50 13.05 1.10 29.38
C THR C 50 12.90 0.84 30.87
N GLU C 51 13.95 0.33 31.50
CA GLU C 51 13.94 0.05 32.94
C GLU C 51 13.80 1.35 33.75
N ASP C 52 14.37 2.43 33.21
CA ASP C 52 14.35 3.72 33.88
C ASP C 52 13.03 4.44 33.66
N GLU C 53 12.47 4.32 32.46
CA GLU C 53 11.10 4.80 32.21
C GLU C 53 10.15 4.20 33.27
N ILE C 54 10.25 2.89 33.49
CA ILE C 54 9.41 2.20 34.50
C ILE C 54 9.50 2.76 35.93
N THR C 55 10.72 3.01 36.40
CA THR C 55 10.90 3.62 37.74
C THR C 55 10.45 5.09 37.71
N ARG C 56 10.72 5.79 36.61
CA ARG C 56 10.26 7.15 36.49
C ARG C 56 8.72 7.14 36.55
N LEU C 57 8.12 6.16 35.86
CA LEU C 57 6.65 6.04 35.78
C LEU C 57 6.01 5.65 37.09
N LYS C 58 6.59 4.68 37.78
CA LYS C 58 6.12 4.32 39.12
C LYS C 58 6.24 5.51 40.07
N GLY C 59 7.29 6.31 39.91
CA GLY C 59 7.46 7.52 40.72
C GLY C 59 6.42 8.61 40.47
N ILE C 60 5.96 8.73 39.23
CA ILE C 60 4.91 9.68 38.90
C ILE C 60 3.60 9.27 39.59
N ASN C 61 3.26 8.00 39.47
CA ASN C 61 2.02 7.52 40.04
C ASN C 61 2.05 6.00 40.28
N GLU C 62 1.99 5.61 41.57
CA GLU C 62 1.97 4.18 42.01
C GLU C 62 0.87 3.34 41.38
N ASP C 63 -0.32 3.89 41.25
CA ASP C 63 -1.47 3.12 40.75
C ASP C 63 -1.54 3.02 39.21
N LEU C 64 -0.57 3.61 38.53
CA LEU C 64 -0.52 3.55 37.08
C LEU C 64 -0.09 2.15 36.63
N SER C 65 -0.95 1.45 35.89
CA SER C 65 -0.63 0.12 35.32
C SER C 65 0.47 0.23 34.24
N LEU C 66 1.55 -0.54 34.36
CA LEU C 66 2.61 -0.48 33.36
C LEU C 66 2.15 -1.03 32.03
N GLU C 67 1.19 -1.95 32.07
CA GLU C 67 0.59 -2.48 30.84
C GLU C 67 -0.25 -1.43 30.10
N GLU C 68 -1.06 -0.70 30.85
CA GLU C 68 -1.84 0.40 30.31
C GLU C 68 -0.88 1.40 29.65
N VAL C 69 0.25 1.67 30.29
CA VAL C 69 1.22 2.60 29.74
C VAL C 69 1.80 2.09 28.42
N ALA C 70 2.13 0.80 28.34
CA ALA C 70 2.70 0.26 27.09
C ALA C 70 1.65 0.16 26.02
N GLU C 71 0.42 -0.12 26.41
CA GLU C 71 -0.63 -0.37 25.42
C GLU C 71 -1.34 0.89 24.90
N ILE C 72 -1.31 1.96 25.69
CA ILE C 72 -2.05 3.18 25.35
C ILE C 72 -1.16 4.38 25.24
N TYR C 73 -0.40 4.68 26.28
CA TYR C 73 0.40 5.90 26.30
C TYR C 73 1.65 5.85 25.41
N LEU C 74 2.30 4.69 25.29
CA LEU C 74 3.38 4.55 24.30
C LEU C 74 2.95 4.84 22.85
N PRO C 75 1.91 4.17 22.34
CA PRO C 75 1.38 4.54 20.99
C PRO C 75 0.95 6.02 20.84
N LEU C 76 0.41 6.62 21.91
CA LEU C 76 0.07 8.06 21.91
C LEU C 76 1.30 8.96 21.78
N SER C 77 2.35 8.67 22.56
CA SER C 77 3.59 9.39 22.42
C SER C 77 4.19 9.19 21.01
N ARG C 78 3.98 8.02 20.43
CA ARG C 78 4.45 7.74 19.08
C ARG C 78 3.63 8.50 18.03
N LEU C 79 2.32 8.56 18.22
CA LEU C 79 1.49 9.39 17.39
C LEU C 79 1.97 10.87 17.48
N LEU C 80 2.16 11.36 18.70
CA LEU C 80 2.59 12.71 18.91
C LEU C 80 3.96 12.95 18.24
N ASN C 81 4.81 11.93 18.22
CA ASN C 81 6.09 12.09 17.59
C ASN C 81 5.95 12.25 16.09
N PHE C 82 5.04 11.53 15.42
CA PHE C 82 4.77 11.80 14.00
C PHE C 82 4.29 13.22 13.72
N TYR C 83 3.38 13.74 14.56
CA TYR C 83 2.91 15.11 14.38
C TYR C 83 4.06 16.12 14.58
N ILE C 84 4.87 15.91 15.60
CA ILE C 84 5.97 16.84 15.94
C ILE C 84 7.09 16.79 14.86
N SER C 85 7.48 15.57 14.48
CA SER C 85 8.44 15.36 13.38
C SER C 85 7.96 16.02 12.08
N SER C 86 6.67 15.84 11.74
CA SER C 86 6.13 16.47 10.55
C SER C 86 6.26 18.00 10.61
N ASN C 87 5.95 18.58 11.75
CA ASN C 87 6.11 20.01 12.00
C ASN C 87 7.57 20.46 11.90
N LEU C 88 8.48 19.77 12.59
CA LEU C 88 9.92 20.01 12.41
C LEU C 88 10.46 19.90 10.96
N ARG C 89 9.99 18.91 10.18
CA ARG C 89 10.40 18.85 8.76
C ARG C 89 9.88 20.04 7.99
N ARG C 90 8.62 20.41 8.24
CA ARG C 90 8.08 21.57 7.57
C ARG C 90 8.89 22.78 7.94
N GLN C 91 9.28 22.91 9.21
CA GLN C 91 10.01 24.10 9.63
C GLN C 91 11.39 24.19 8.92
N ALA C 92 12.07 23.07 8.80
CA ALA C 92 13.31 23.01 8.03
C ALA C 92 13.10 23.45 6.57
N VAL C 93 12.00 23.03 5.95
CA VAL C 93 11.67 23.52 4.59
C VAL C 93 11.45 25.06 4.57
N LEU C 94 10.65 25.60 5.47
CA LEU C 94 10.40 27.04 5.48
C LEU C 94 11.70 27.85 5.72
N GLU C 95 12.63 27.27 6.47
CA GLU C 95 13.96 27.87 6.66
C GLU C 95 14.79 28.04 5.38
N GLN C 96 14.45 27.31 4.32
CA GLN C 96 15.10 27.51 3.03
C GLN C 96 14.94 28.96 2.56
N PHE C 97 13.80 29.59 2.83
CA PHE C 97 13.64 31.00 2.48
C PHE C 97 13.57 31.91 3.69
N LEU C 98 13.12 31.40 4.84
CA LEU C 98 13.10 32.23 6.04
C LEU C 98 14.51 32.46 6.57
N GLY C 99 15.43 31.56 6.25
CA GLY C 99 16.74 31.60 6.87
C GLY C 99 16.69 30.85 8.19
N THR C 100 17.86 30.66 8.76
CA THR C 100 18.04 29.73 9.85
C THR C 100 18.11 30.45 11.21
N ASN C 101 18.15 31.79 11.18
CA ASN C 101 18.32 32.62 12.39
C ASN C 101 17.01 32.93 13.14
N GLY C 102 15.93 32.23 12.83
CA GLY C 102 14.70 32.35 13.60
C GLY C 102 14.87 31.66 14.95
N GLN C 103 14.25 32.23 15.97
CA GLN C 103 14.29 31.66 17.32
C GLN C 103 13.46 30.37 17.42
N ARG C 104 13.88 29.46 18.30
CA ARG C 104 13.16 28.21 18.56
C ARG C 104 11.73 28.43 19.10
N ILE C 105 10.77 27.77 18.47
CA ILE C 105 9.39 27.81 18.91
C ILE C 105 8.97 26.43 19.42
N PRO C 106 8.53 26.34 20.67
CA PRO C 106 8.14 25.02 21.15
C PRO C 106 6.87 24.47 20.50
N TYR C 107 6.83 23.17 20.27
CA TYR C 107 5.58 22.48 19.99
C TYR C 107 4.78 22.41 21.33
N ILE C 108 3.52 22.87 21.31
CA ILE C 108 2.75 22.95 22.51
C ILE C 108 1.63 21.94 22.44
N ILE C 109 1.60 21.04 23.44
CA ILE C 109 0.53 20.08 23.58
C ILE C 109 -0.33 20.46 24.78
N SER C 110 -1.66 20.52 24.61
CA SER C 110 -2.53 20.84 25.76
C SER C 110 -3.36 19.62 26.16
N ILE C 111 -3.75 19.58 27.41
CA ILE C 111 -4.51 18.47 27.98
C ILE C 111 -5.67 19.01 28.87
N ALA C 112 -6.89 18.72 28.43
CA ALA C 112 -8.10 19.19 29.03
C ALA C 112 -8.91 18.02 29.61
N GLY C 113 -9.91 18.40 30.40
CA GLY C 113 -10.83 17.47 30.97
C GLY C 113 -11.27 17.87 32.37
N SER C 114 -12.24 17.13 32.88
CA SER C 114 -12.77 17.33 34.23
C SER C 114 -11.69 17.29 35.29
N VAL C 115 -11.95 18.02 36.40
CA VAL C 115 -11.19 17.79 37.62
C VAL C 115 -11.19 16.27 37.88
N ALA C 116 -10.00 15.71 38.15
CA ALA C 116 -9.81 14.31 38.60
C ALA C 116 -10.01 13.24 37.53
N VAL C 117 -10.02 13.64 36.27
CA VAL C 117 -10.06 12.67 35.16
C VAL C 117 -8.68 12.05 34.94
N GLY C 118 -7.63 12.73 35.36
CA GLY C 118 -6.28 12.26 35.17
C GLY C 118 -5.40 13.06 34.21
N LYS C 119 -5.61 14.37 34.15
CA LYS C 119 -4.88 15.27 33.23
C LYS C 119 -3.43 15.36 33.63
N SER C 120 -3.22 15.47 34.93
CA SER C 120 -1.86 15.66 35.45
C SER C 120 -1.04 14.39 35.25
N THR C 121 -1.68 13.23 35.47
CA THR C 121 -0.98 11.99 35.28
C THR C 121 -0.67 11.80 33.80
N THR C 122 -1.69 11.98 32.96
CA THR C 122 -1.50 11.90 31.51
C THR C 122 -0.33 12.76 31.05
N ALA C 123 -0.29 14.00 31.51
CA ALA C 123 0.74 14.95 31.13
C ALA C 123 2.16 14.55 31.59
N ARG C 124 2.24 14.11 32.84
CA ARG C 124 3.52 13.67 33.41
C ARG C 124 3.94 12.39 32.71
N VAL C 125 3.01 11.51 32.40
CA VAL C 125 3.36 10.30 31.63
C VAL C 125 3.89 10.65 30.24
N LEU C 126 3.22 11.57 29.53
CA LEU C 126 3.69 12.00 28.20
C LEU C 126 5.03 12.74 28.24
N GLN C 127 5.21 13.57 29.27
CA GLN C 127 6.49 14.22 29.47
C GLN C 127 7.64 13.20 29.53
N ALA C 128 7.45 12.19 30.35
CA ALA C 128 8.43 11.14 30.53
C ALA C 128 8.70 10.39 29.24
N LEU C 129 7.65 10.03 28.51
CA LEU C 129 7.81 9.25 27.29
C LEU C 129 8.27 10.06 26.07
N LEU C 130 7.89 11.33 25.98
CA LEU C 130 8.24 12.15 24.81
C LEU C 130 9.71 12.53 24.80
N SER C 131 10.29 12.69 25.99
CA SER C 131 11.75 12.81 26.20
C SER C 131 12.64 11.73 25.50
N ARG C 132 12.05 10.60 25.10
CA ARG C 132 12.82 9.46 24.60
C ARG C 132 13.11 9.54 23.07
N TRP C 133 12.54 10.50 22.34
CA TRP C 133 12.94 10.69 20.92
C TRP C 133 14.07 11.73 20.80
N PRO C 134 15.06 11.45 19.94
CA PRO C 134 16.13 12.43 19.68
C PRO C 134 15.63 13.80 19.21
N GLU C 135 14.58 13.82 18.38
CA GLU C 135 14.03 15.10 17.83
C GLU C 135 13.54 16.08 18.90
N HIS C 136 13.20 15.58 20.08
CA HIS C 136 12.64 16.43 21.12
C HIS C 136 12.83 15.90 22.56
N ARG C 137 14.01 16.15 23.12
CA ARG C 137 14.38 15.67 24.46
C ARG C 137 14.00 16.64 25.55
N HIS C 138 14.02 17.94 25.29
CA HIS C 138 13.64 18.91 26.32
C HIS C 138 12.10 19.15 26.36
N VAL C 139 11.44 18.52 27.33
CA VAL C 139 9.97 18.57 27.46
C VAL C 139 9.54 19.18 28.81
N GLU C 140 8.87 20.34 28.74
CA GLU C 140 8.40 21.04 29.91
C GLU C 140 6.92 20.80 30.15
N LEU C 141 6.49 21.11 31.35
CA LEU C 141 5.15 20.83 31.82
C LEU C 141 4.69 22.01 32.65
N ILE C 142 3.57 22.62 32.25
CA ILE C 142 3.02 23.79 32.95
C ILE C 142 1.55 23.53 33.13
N THR C 143 1.06 23.74 34.34
CA THR C 143 -0.35 23.53 34.61
C THR C 143 -1.04 24.89 34.65
N THR C 144 -2.29 24.97 34.21
CA THR C 144 -3.01 26.23 34.28
C THR C 144 -3.52 26.55 35.71
N ASP C 145 -3.46 25.59 36.63
CA ASP C 145 -3.76 25.82 38.06
C ASP C 145 -3.01 27.06 38.54
N GLY C 146 -1.77 27.19 38.09
CA GLY C 146 -0.93 28.31 38.49
C GLY C 146 -1.52 29.67 38.14
N PHE C 147 -2.37 29.74 37.12
CA PHE C 147 -2.94 31.02 36.67
C PHE C 147 -4.29 31.29 37.34
N LEU C 148 -4.65 30.48 38.34
CA LEU C 148 -5.81 30.79 39.16
C LEU C 148 -5.51 32.07 39.92
N HIS C 149 -6.52 32.90 40.17
CA HIS C 149 -6.31 34.03 41.08
C HIS C 149 -5.97 33.44 42.46
N PRO C 150 -5.06 34.09 43.23
CA PRO C 150 -4.81 33.52 44.58
C PRO C 150 -6.09 33.51 45.45
N ASN C 151 -6.13 32.65 46.45
CA ASN C 151 -7.33 32.57 47.34
C ASN C 151 -7.74 33.97 47.85
N SER C 152 -6.77 34.77 48.29
CA SER C 152 -7.08 36.11 48.79
C SER C 152 -7.86 36.96 47.80
N VAL C 153 -7.49 36.92 46.51
CA VAL C 153 -8.25 37.66 45.48
C VAL C 153 -9.59 37.01 45.29
N LEU C 154 -9.63 35.69 45.30
CA LEU C 154 -10.89 34.98 45.10
C LEU C 154 -11.90 35.33 46.21
N LYS C 155 -11.43 35.36 47.46
CA LYS C 155 -12.24 35.81 48.62
C LYS C 155 -12.85 37.16 48.36
N GLU C 156 -12.02 38.13 47.98
CA GLU C 156 -12.49 39.49 47.66
C GLU C 156 -13.64 39.53 46.67
N ARG C 157 -13.66 38.56 45.75
CA ARG C 157 -14.63 38.55 44.65
C ARG C 157 -15.77 37.61 44.93
N GLY C 158 -15.70 36.91 46.07
CA GLY C 158 -16.73 35.93 46.38
C GLY C 158 -16.71 34.71 45.50
N LEU C 159 -15.49 34.28 45.12
CA LEU C 159 -15.31 33.16 44.17
C LEU C 159 -14.68 31.88 44.73
N MET C 160 -14.62 31.70 46.05
CA MET C 160 -13.98 30.48 46.60
C MET C 160 -14.70 29.18 46.14
N LYS C 161 -16.03 29.21 46.11
CA LYS C 161 -16.80 28.06 45.60
C LYS C 161 -16.87 27.98 44.07
N LYS C 162 -16.07 28.81 43.39
CA LYS C 162 -16.03 28.85 41.93
C LYS C 162 -14.60 28.59 41.44
N LYS C 163 -13.76 28.01 42.31
CA LYS C 163 -12.34 27.79 41.94
C LYS C 163 -12.37 26.78 40.81
N GLY C 164 -11.73 27.14 39.70
CA GLY C 164 -11.74 26.31 38.51
C GLY C 164 -12.68 26.82 37.42
N PHE C 165 -13.63 27.70 37.82
CA PHE C 165 -14.56 28.32 36.85
C PHE C 165 -13.82 29.46 36.15
N PRO C 166 -14.29 29.87 34.97
CA PRO C 166 -13.60 30.88 34.20
C PRO C 166 -13.24 32.15 35.02
N GLN C 167 -14.18 32.67 35.81
CA GLN C 167 -13.90 33.91 36.60
C GLN C 167 -12.79 33.74 37.64
N SER C 168 -12.40 32.48 37.94
CA SER C 168 -11.30 32.22 38.93
C SER C 168 -9.91 32.30 38.34
N TYR C 169 -9.81 32.41 37.00
CA TYR C 169 -8.52 32.41 36.31
C TYR C 169 -8.11 33.80 35.90
N ASP C 170 -6.80 34.02 35.91
CA ASP C 170 -6.23 35.16 35.26
C ASP C 170 -6.00 34.74 33.81
N MET C 171 -7.09 34.67 33.05
CA MET C 171 -6.99 34.12 31.71
C MET C 171 -6.08 34.95 30.79
N HIS C 172 -6.05 36.27 30.95
CA HIS C 172 -5.21 37.12 30.09
C HIS C 172 -3.75 36.75 30.27
N ARG C 173 -3.35 36.50 31.51
CA ARG C 173 -1.96 36.15 31.78
C ARG C 173 -1.63 34.78 31.18
N LEU C 174 -2.59 33.87 31.22
CA LEU C 174 -2.36 32.53 30.66
C LEU C 174 -2.19 32.57 29.12
N VAL C 175 -3.13 33.23 28.44
CA VAL C 175 -3.01 33.48 27.00
C VAL C 175 -1.69 34.18 26.69
N LYS C 176 -1.31 35.16 27.51
CA LYS C 176 -0.05 35.88 27.28
C LYS C 176 1.16 34.97 27.36
N PHE C 177 1.07 34.00 28.27
CA PHE C 177 2.14 33.05 28.48
C PHE C 177 2.41 32.20 27.21
N VAL C 178 1.44 31.42 26.75
CA VAL C 178 1.64 30.64 25.52
C VAL C 178 1.88 31.54 24.26
N SER C 179 1.23 32.70 24.22
CA SER C 179 1.51 33.70 23.19
C SER C 179 3.01 34.13 23.19
N ASP C 180 3.56 34.44 24.36
CA ASP C 180 5.01 34.70 24.45
C ASP C 180 5.85 33.54 23.97
N LEU C 181 5.54 32.33 24.41
CA LEU C 181 6.29 31.15 23.92
C LEU C 181 6.23 31.04 22.39
N LYS C 182 5.04 31.23 21.84
CA LYS C 182 4.83 31.23 20.38
C LYS C 182 5.34 32.49 19.68
N SER C 183 5.82 33.48 20.44
CA SER C 183 6.54 34.65 19.87
C SER C 183 8.05 34.47 19.81
N GLY C 184 8.54 33.41 20.45
CA GLY C 184 9.95 33.10 20.44
C GLY C 184 10.74 33.74 21.57
N VAL C 185 10.08 34.15 22.65
CA VAL C 185 10.79 34.70 23.80
C VAL C 185 11.74 33.64 24.35
N PRO C 186 12.99 34.03 24.60
CA PRO C 186 13.96 33.05 25.12
C PRO C 186 13.55 32.49 26.50
N GLN C 187 12.74 33.22 27.24
CA GLN C 187 12.36 32.81 28.55
C GLN C 187 10.95 33.32 28.86
N ALA C 188 10.13 32.49 29.51
CA ALA C 188 8.82 32.92 29.98
C ALA C 188 8.54 32.29 31.34
N THR C 189 7.81 33.02 32.16
CA THR C 189 7.62 32.66 33.56
C THR C 189 6.13 32.46 33.85
N ALA C 190 5.84 31.34 34.52
CA ALA C 190 4.48 30.98 34.90
C ALA C 190 4.37 30.94 36.41
N PRO C 191 3.23 31.39 36.95
CA PRO C 191 2.94 31.18 38.37
C PRO C 191 2.59 29.73 38.63
N VAL C 192 2.78 29.30 39.88
CA VAL C 192 2.70 27.91 40.27
C VAL C 192 1.71 27.72 41.42
N TYR C 193 0.96 26.62 41.35
CA TYR C 193 -0.09 26.31 42.28
C TYR C 193 0.25 25.03 43.00
N SER C 194 -0.19 24.93 44.25
CA SER C 194 0.01 23.73 45.04
C SER C 194 -1.32 23.24 45.55
N HIS C 195 -1.64 21.98 45.27
CA HIS C 195 -2.89 21.39 45.75
C HIS C 195 -2.81 21.12 47.26
N LEU C 196 -1.58 20.91 47.73
CA LEU C 196 -1.31 20.66 49.16
C LEU C 196 -1.73 21.85 50.05
N ILE C 197 -1.44 23.07 49.62
CA ILE C 197 -1.90 24.27 50.35
C ILE C 197 -3.13 24.96 49.73
N TYR C 198 -3.65 24.37 48.64
CA TYR C 198 -4.88 24.83 47.98
C TYR C 198 -4.79 26.28 47.52
N ASP C 199 -3.65 26.69 47.01
CA ASP C 199 -3.41 28.10 46.66
C ASP C 199 -2.22 28.26 45.73
N VAL C 200 -2.10 29.45 45.13
CA VAL C 200 -0.94 29.83 44.33
C VAL C 200 0.26 29.92 45.27
N ILE C 201 1.39 29.37 44.87
CA ILE C 201 2.57 29.41 45.74
C ILE C 201 3.18 30.81 45.63
N PRO C 202 3.20 31.57 46.74
CA PRO C 202 3.49 33.03 46.68
C PRO C 202 4.79 33.45 45.97
N ASP C 203 5.91 32.76 46.19
CA ASP C 203 7.15 33.12 45.46
C ASP C 203 7.70 31.96 44.61
N GLY C 204 6.81 31.14 44.06
CA GLY C 204 7.23 29.91 43.34
C GLY C 204 7.17 29.95 41.82
N ASP C 205 7.18 31.14 41.22
CA ASP C 205 7.13 31.27 39.77
C ASP C 205 8.19 30.44 39.02
N LYS C 206 7.70 29.56 38.12
CA LYS C 206 8.52 28.65 37.31
C LYS C 206 8.90 29.23 35.92
N THR C 207 10.21 29.34 35.67
CA THR C 207 10.72 29.93 34.46
C THR C 207 11.03 28.85 33.42
N VAL C 208 10.49 29.03 32.22
CA VAL C 208 10.68 28.08 31.14
C VAL C 208 11.59 28.68 30.06
N ALA C 209 12.43 27.84 29.46
CA ALA C 209 13.49 28.30 28.56
C ALA C 209 13.53 27.52 27.26
N GLN C 210 12.69 27.92 26.31
CA GLN C 210 12.64 27.33 24.97
C GLN C 210 12.81 25.79 24.90
N PRO C 211 11.88 25.06 25.52
CA PRO C 211 11.88 23.61 25.35
C PRO C 211 11.48 23.21 23.94
N ASP C 212 11.75 21.96 23.56
CA ASP C 212 11.29 21.42 22.28
C ASP C 212 9.75 21.30 22.31
N ILE C 213 9.24 20.90 23.47
CA ILE C 213 7.83 20.65 23.68
C ILE C 213 7.47 21.24 25.01
N LEU C 214 6.32 21.91 25.06
CA LEU C 214 5.66 22.26 26.28
C LEU C 214 4.26 21.60 26.32
N ILE C 215 4.01 20.90 27.43
CA ILE C 215 2.72 20.32 27.71
C ILE C 215 2.03 21.30 28.67
N LEU C 216 0.82 21.74 28.30
CA LEU C 216 0.00 22.64 29.09
C LEU C 216 -1.24 21.92 29.54
N GLU C 217 -1.33 21.66 30.85
CA GLU C 217 -2.30 20.76 31.43
C GLU C 217 -3.29 21.61 32.22
N GLY C 218 -4.58 21.49 31.93
CA GLY C 218 -5.61 22.23 32.71
C GLY C 218 -7.01 22.09 32.17
N LEU C 219 -8.00 22.28 33.03
CA LEU C 219 -9.37 21.99 32.62
C LEU C 219 -9.91 22.96 31.55
N ASN C 220 -9.29 24.13 31.46
CA ASN C 220 -9.75 25.23 30.63
C ASN C 220 -8.97 25.50 29.34
N VAL C 221 -8.07 24.58 28.93
CA VAL C 221 -7.19 24.84 27.77
C VAL C 221 -7.90 24.90 26.42
N LEU C 222 -9.13 24.43 26.36
CA LEU C 222 -9.94 24.48 25.19
C LEU C 222 -11.04 25.59 25.23
N GLN C 223 -11.03 26.38 26.30
CA GLN C 223 -12.01 27.46 26.46
C GLN C 223 -11.60 28.67 25.60
N SER C 224 -12.55 29.55 25.38
CA SER C 224 -12.34 30.70 24.51
C SER C 224 -13.03 31.92 25.12
N GLY C 225 -12.95 33.04 24.42
CA GLY C 225 -13.59 34.28 24.90
C GLY C 225 -15.05 34.15 25.26
N MET C 226 -15.76 33.21 24.64
CA MET C 226 -17.15 33.02 24.96
C MET C 226 -17.36 32.59 26.43
N ASP C 227 -16.38 31.92 27.01
CA ASP C 227 -16.42 31.47 28.38
C ASP C 227 -16.02 32.53 29.36
N TYR C 228 -15.51 33.67 28.88
CA TYR C 228 -15.09 34.78 29.74
C TYR C 228 -15.82 36.09 29.35
N PRO C 229 -17.17 36.10 29.32
CA PRO C 229 -17.88 37.33 28.91
C PRO C 229 -17.72 38.51 29.87
N HIS C 230 -17.37 38.23 31.12
CA HIS C 230 -17.09 39.25 32.13
C HIS C 230 -15.75 39.96 31.88
N ASP C 231 -14.88 39.36 31.06
CA ASP C 231 -13.61 39.98 30.70
C ASP C 231 -13.09 39.29 29.41
N PRO C 232 -13.67 39.60 28.23
CA PRO C 232 -13.44 38.79 27.02
C PRO C 232 -12.02 38.87 26.49
N HIS C 233 -11.56 37.75 25.90
CA HIS C 233 -10.32 37.75 25.12
C HIS C 233 -10.64 37.29 23.67
N HIS C 234 -9.75 37.59 22.74
CA HIS C 234 -10.06 37.47 21.32
C HIS C 234 -9.08 36.58 20.53
N VAL C 235 -7.97 36.25 21.15
CA VAL C 235 -7.07 35.20 20.71
C VAL C 235 -7.05 34.20 21.86
N PHE C 236 -7.25 32.92 21.54
CA PHE C 236 -7.50 31.90 22.55
C PHE C 236 -6.27 31.06 22.87
N VAL C 237 -6.29 30.36 24.00
CA VAL C 237 -5.19 29.45 24.31
C VAL C 237 -4.93 28.52 23.14
N SER C 238 -6.00 28.00 22.56
CA SER C 238 -5.93 27.00 21.51
C SER C 238 -5.25 27.54 20.26
N ASP C 239 -5.28 28.87 20.07
CA ASP C 239 -4.59 29.51 18.92
C ASP C 239 -3.07 29.49 19.07
N PHE C 240 -2.59 29.07 20.25
CA PHE C 240 -1.15 28.91 20.49
C PHE C 240 -0.78 27.48 20.85
N VAL C 241 -1.72 26.55 20.57
CA VAL C 241 -1.52 25.12 20.84
C VAL C 241 -1.51 24.30 19.55
N ASP C 242 -0.52 23.42 19.45
CA ASP C 242 -0.34 22.60 18.26
C ASP C 242 -1.23 21.39 18.25
N PHE C 243 -1.38 20.77 19.40
CA PHE C 243 -2.16 19.54 19.50
C PHE C 243 -2.80 19.51 20.88
N SER C 244 -4.11 19.25 20.92
CA SER C 244 -4.84 19.21 22.16
C SER C 244 -5.48 17.85 22.40
N ILE C 245 -5.41 17.42 23.66
CA ILE C 245 -6.03 16.17 24.11
C ILE C 245 -7.09 16.52 25.16
N TYR C 246 -8.27 15.94 25.02
CA TYR C 246 -9.30 15.98 26.05
C TYR C 246 -9.44 14.57 26.63
N VAL C 247 -9.18 14.44 27.93
CA VAL C 247 -9.38 13.18 28.66
C VAL C 247 -10.80 13.14 29.19
N ASP C 248 -11.54 12.09 28.82
CA ASP C 248 -12.94 12.02 29.08
C ASP C 248 -13.29 10.78 29.91
N ALA C 249 -14.37 10.87 30.69
CA ALA C 249 -14.90 9.68 31.43
C ALA C 249 -16.28 10.02 31.95
N PRO C 250 -17.10 9.00 32.20
CA PRO C 250 -18.41 9.25 32.77
C PRO C 250 -18.30 9.91 34.14
N GLU C 251 -19.33 10.68 34.49
CA GLU C 251 -19.32 11.46 35.75
C GLU C 251 -19.23 10.56 36.99
N GLU C 252 -19.79 9.35 36.94
CA GLU C 252 -19.75 8.49 38.12
C GLU C 252 -18.33 7.96 38.42
N LEU C 253 -17.54 7.69 37.39
CA LEU C 253 -16.11 7.36 37.59
C LEU C 253 -15.34 8.57 38.08
N LEU C 254 -15.60 9.71 37.47
CA LEU C 254 -14.93 10.93 37.88
C LEU C 254 -15.12 11.19 39.38
N LYS C 255 -16.35 11.04 39.82
CA LYS C 255 -16.70 11.26 41.21
C LYS C 255 -15.90 10.30 42.11
N SER C 256 -15.87 9.02 41.80
CA SER C 256 -15.12 8.04 42.61
C SER C 256 -13.67 8.41 42.70
N TRP C 257 -13.08 8.73 41.55
CA TRP C 257 -11.66 9.07 41.47
C TRP C 257 -11.36 10.33 42.24
N TYR C 258 -12.27 11.30 42.15
CA TYR C 258 -12.12 12.54 42.89
C TYR C 258 -12.11 12.21 44.41
N ILE C 259 -13.06 11.39 44.86
CA ILE C 259 -13.18 11.10 46.32
C ILE C 259 -11.96 10.31 46.80
N ASN C 260 -11.54 9.32 46.03
CA ASN C 260 -10.34 8.53 46.35
C ASN C 260 -9.12 9.43 46.48
N ARG C 261 -8.97 10.41 45.58
CA ARG C 261 -7.82 11.31 45.65
C ARG C 261 -7.92 12.20 46.87
N PHE C 262 -9.14 12.66 47.15
CA PHE C 262 -9.37 13.49 48.34
C PHE C 262 -8.95 12.71 49.62
N LEU C 263 -9.40 11.46 49.74
CA LEU C 263 -8.99 10.64 50.89
C LEU C 263 -7.44 10.46 50.97
N LYS C 264 -6.74 10.37 49.84
CA LYS C 264 -5.28 10.28 49.88
C LYS C 264 -4.67 11.54 50.43
N PHE C 265 -5.15 12.70 50.00
CA PHE C 265 -4.72 13.97 50.59
C PHE C 265 -5.02 14.00 52.11
N ARG C 266 -6.23 13.61 52.51
CA ARG C 266 -6.56 13.56 53.96
C ARG C 266 -5.58 12.69 54.77
N GLU C 267 -5.31 11.50 54.26
CA GLU C 267 -4.33 10.58 54.84
C GLU C 267 -2.99 11.24 55.10
N GLY C 268 -2.42 11.87 54.07
CA GLY C 268 -1.16 12.59 54.18
C GLY C 268 -1.19 13.57 55.33
N ALA C 269 -2.35 14.19 55.53
CA ALA C 269 -2.48 15.32 56.47
C ALA C 269 -2.40 14.93 57.93
N PHE C 270 -2.49 13.62 58.23
CA PHE C 270 -2.35 13.18 59.62
C PHE C 270 -0.95 13.48 60.07
N THR C 271 0.02 13.33 59.15
CA THR C 271 1.43 13.67 59.43
C THR C 271 1.89 14.98 58.77
N ASP C 272 0.98 15.95 58.64
CA ASP C 272 1.30 17.23 58.01
C ASP C 272 0.28 18.29 58.42
N PRO C 273 0.50 18.89 59.61
CA PRO C 273 -0.33 19.97 60.17
C PRO C 273 -0.58 21.15 59.19
N ASP C 274 0.37 21.35 58.26
CA ASP C 274 0.31 22.45 57.30
C ASP C 274 -0.52 22.18 56.02
N SER C 275 -1.01 20.95 55.83
CA SER C 275 -1.84 20.67 54.67
C SER C 275 -3.18 21.43 54.79
N TYR C 276 -3.64 22.07 53.70
CA TYR C 276 -5.03 22.54 53.70
C TYR C 276 -6.01 21.41 54.13
N PHE C 277 -5.61 20.16 53.93
CA PHE C 277 -6.40 18.98 54.32
C PHE C 277 -6.37 18.56 55.81
N HIS C 278 -5.59 19.26 56.64
CA HIS C 278 -5.71 19.17 58.11
C HIS C 278 -7.19 19.36 58.54
N ASN C 279 -7.86 20.35 57.93
CA ASN C 279 -9.31 20.58 58.09
C ASN C 279 -10.16 19.30 58.02
N TYR C 280 -9.76 18.34 57.18
CA TYR C 280 -10.54 17.11 56.99
C TYR C 280 -9.98 15.90 57.76
N ALA C 281 -8.70 15.94 58.08
CA ALA C 281 -8.11 14.92 58.95
C ALA C 281 -8.73 15.03 60.37
N LYS C 282 -9.27 16.21 60.72
CA LYS C 282 -9.96 16.40 62.00
C LYS C 282 -11.47 16.08 61.88
N LEU C 283 -11.83 15.26 60.90
CA LEU C 283 -13.18 14.80 60.74
C LEU C 283 -13.16 13.28 60.69
N SER C 284 -14.28 12.64 61.03
CA SER C 284 -14.43 11.21 60.75
C SER C 284 -14.28 11.00 59.26
N LYS C 285 -13.87 9.81 58.86
CA LYS C 285 -13.80 9.47 57.44
C LYS C 285 -15.15 9.76 56.71
N GLU C 286 -16.26 9.39 57.32
CA GLU C 286 -17.58 9.50 56.69
C GLU C 286 -17.93 10.97 56.45
N GLU C 287 -17.73 11.81 57.48
CA GLU C 287 -17.95 13.25 57.35
C GLU C 287 -17.14 13.81 56.20
N ALA C 288 -15.90 13.33 56.09
CA ALA C 288 -14.95 13.79 55.09
C ALA C 288 -15.39 13.34 53.70
N VAL C 289 -15.77 12.06 53.57
CA VAL C 289 -16.37 11.57 52.31
C VAL C 289 -17.58 12.43 51.88
N ASP C 290 -18.46 12.78 52.83
CA ASP C 290 -19.62 13.62 52.53
C ASP C 290 -19.25 15.01 52.07
N ILE C 291 -18.25 15.59 52.70
CA ILE C 291 -17.76 16.91 52.35
C ILE C 291 -17.21 16.88 50.92
N ALA C 292 -16.29 15.97 50.66
CA ALA C 292 -15.71 15.83 49.33
C ALA C 292 -16.80 15.60 48.26
N THR C 293 -17.80 14.80 48.58
CA THR C 293 -18.92 14.56 47.66
C THR C 293 -19.72 15.83 47.34
N SER C 294 -19.95 16.64 48.37
CA SER C 294 -20.59 17.95 48.19
C SER C 294 -19.71 18.91 47.40
N LEU C 295 -18.44 18.99 47.74
CA LEU C 295 -17.50 19.79 46.96
C LEU C 295 -17.51 19.38 45.50
N TRP C 296 -17.53 18.06 45.26
CA TRP C 296 -17.58 17.51 43.92
C TRP C 296 -18.84 17.97 43.22
N ASN C 297 -20.00 17.70 43.84
CA ASN C 297 -21.29 18.02 43.26
C ASN C 297 -21.51 19.51 43.04
N GLU C 298 -21.11 20.34 43.99
CA GLU C 298 -21.42 21.78 43.93
C GLU C 298 -20.43 22.63 43.11
N ILE C 299 -19.19 22.18 43.02
CA ILE C 299 -18.15 22.96 42.34
C ILE C 299 -17.68 22.25 41.08
N ASN C 300 -17.02 21.10 41.24
CA ASN C 300 -16.33 20.50 40.12
C ASN C 300 -17.29 19.94 39.07
N LEU C 301 -18.41 19.37 39.50
CA LEU C 301 -19.36 18.78 38.57
C LEU C 301 -20.11 19.83 37.75
N MET C 302 -20.48 20.94 38.40
CA MET C 302 -21.15 22.05 37.75
C MET C 302 -20.18 22.70 36.76
N ASN C 303 -18.90 22.84 37.15
CA ASN C 303 -17.88 23.31 36.23
C ASN C 303 -17.79 22.43 34.98
N LEU C 304 -17.73 21.13 35.21
CA LEU C 304 -17.71 20.16 34.14
C LEU C 304 -18.85 20.39 33.15
N LYS C 305 -20.08 20.43 33.66
CA LYS C 305 -21.25 20.50 32.77
C LYS C 305 -21.35 21.85 32.11
N GLU C 306 -20.99 22.92 32.80
CA GLU C 306 -21.21 24.25 32.28
C GLU C 306 -20.05 24.77 31.44
N ASN C 307 -18.81 24.39 31.78
CA ASN C 307 -17.63 25.02 31.17
C ASN C 307 -16.60 24.10 30.52
N ILE C 308 -16.46 22.87 31.01
CA ILE C 308 -15.43 21.98 30.52
C ILE C 308 -15.98 21.09 29.42
N LEU C 309 -17.06 20.36 29.71
CA LEU C 309 -17.51 19.33 28.77
C LEU C 309 -17.88 19.99 27.41
N PRO C 310 -18.39 21.23 27.43
CA PRO C 310 -18.79 21.72 26.07
C PRO C 310 -17.61 22.02 25.11
N THR C 311 -16.39 22.10 25.63
CA THR C 311 -15.17 22.31 24.83
C THR C 311 -14.59 21.04 24.21
N ARG C 312 -15.11 19.88 24.61
CA ARG C 312 -14.55 18.60 24.21
C ARG C 312 -14.35 18.40 22.70
N GLU C 313 -15.30 18.86 21.87
CA GLU C 313 -15.19 18.62 20.42
C GLU C 313 -14.23 19.61 19.74
N ARG C 314 -13.58 20.47 20.52
CA ARG C 314 -12.51 21.30 20.01
C ARG C 314 -11.14 20.61 20.09
N ALA C 315 -11.09 19.39 20.69
CA ALA C 315 -9.81 18.70 20.88
C ALA C 315 -9.31 18.04 19.59
N SER C 316 -7.99 18.04 19.37
CA SER C 316 -7.41 17.20 18.33
C SER C 316 -7.71 15.73 18.60
N LEU C 317 -7.68 15.36 19.87
CA LEU C 317 -7.80 13.94 20.28
C LEU C 317 -8.57 13.83 21.60
N ILE C 318 -9.51 12.90 21.65
CA ILE C 318 -10.35 12.66 22.84
C ILE C 318 -10.02 11.25 23.30
N MET C 319 -9.54 11.13 24.53
CA MET C 319 -9.14 9.85 25.09
C MET C 319 -10.13 9.53 26.21
N THR C 320 -10.92 8.45 26.01
CA THR C 320 -12.03 8.13 26.88
C THR C 320 -11.66 6.94 27.79
N LYS C 321 -11.79 7.17 29.09
CA LYS C 321 -11.52 6.14 30.11
C LYS C 321 -12.77 5.43 30.55
N SER C 322 -12.61 4.19 31.00
CA SER C 322 -13.66 3.45 31.72
C SER C 322 -13.07 3.01 33.08
N ALA C 323 -13.64 1.96 33.67
CA ALA C 323 -13.26 1.53 35.00
C ALA C 323 -11.76 1.27 35.16
N ASN C 324 -11.23 1.67 36.32
CA ASN C 324 -9.80 1.55 36.67
C ASN C 324 -8.91 2.38 35.80
N HIS C 325 -9.46 3.42 35.17
CA HIS C 325 -8.69 4.36 34.33
C HIS C 325 -8.30 3.80 32.99
N SER C 326 -8.81 2.63 32.65
CA SER C 326 -8.41 1.92 31.44
C SER C 326 -8.99 2.66 30.25
N VAL C 327 -8.16 3.00 29.27
CA VAL C 327 -8.66 3.66 28.08
C VAL C 327 -9.42 2.69 27.21
N ASN C 328 -10.65 3.09 26.93
CA ASN C 328 -11.56 2.29 26.15
C ASN C 328 -11.79 2.81 24.73
N GLN C 329 -11.52 4.09 24.49
CA GLN C 329 -11.74 4.69 23.16
C GLN C 329 -10.81 5.88 22.92
N VAL C 330 -10.25 5.96 21.73
CA VAL C 330 -9.52 7.13 21.32
C VAL C 330 -10.15 7.65 20.02
N ARG C 331 -10.35 8.98 19.98
CA ARG C 331 -10.85 9.68 18.79
C ARG C 331 -9.82 10.73 18.35
N LEU C 332 -9.39 10.66 17.08
CA LEU C 332 -8.37 11.56 16.53
C LEU C 332 -8.93 12.28 15.31
N ARG C 333 -8.80 13.61 15.31
CA ARG C 333 -9.31 14.40 14.20
C ARG C 333 -8.71 13.94 12.87
N LYS C 334 -9.60 13.71 11.90
CA LYS C 334 -9.19 13.31 10.55
C LYS C 334 -8.39 14.38 9.84
N MET D 27 8.50 41.38 20.12
CA MET D 27 8.31 39.91 19.88
C MET D 27 6.84 39.57 19.89
N THR D 28 6.30 39.25 18.70
CA THR D 28 4.90 38.84 18.57
C THR D 28 4.86 37.40 18.02
N PRO D 29 3.67 36.79 18.00
CA PRO D 29 3.54 35.44 17.41
C PRO D 29 3.72 35.35 15.88
N TYR D 30 3.89 36.49 15.22
CA TYR D 30 4.05 36.53 13.79
C TYR D 30 5.46 36.96 13.39
N LEU D 31 6.06 36.26 12.44
CA LEU D 31 7.24 36.79 11.77
C LEU D 31 6.78 37.67 10.63
N GLN D 32 7.47 38.78 10.44
CA GLN D 32 7.20 39.68 9.34
C GLN D 32 8.20 39.36 8.25
N PHE D 33 7.71 38.95 7.08
CA PHE D 33 8.61 38.66 5.98
C PHE D 33 9.41 39.92 5.60
N ASN D 34 10.72 39.78 5.47
CA ASN D 34 11.52 40.84 4.87
C ASN D 34 11.72 40.56 3.37
N ARG D 35 12.27 41.55 2.67
CA ARG D 35 12.32 41.50 1.21
C ARG D 35 13.16 40.34 0.67
N HIS D 36 14.12 39.89 1.46
CA HIS D 36 15.07 38.86 1.05
C HIS D 36 14.44 37.51 1.21
N GLN D 37 13.71 37.34 2.31
CA GLN D 37 12.96 36.13 2.55
C GLN D 37 11.85 35.94 1.52
N TRP D 38 11.14 37.02 1.21
CA TRP D 38 10.04 36.98 0.24
C TRP D 38 10.60 36.72 -1.16
N ALA D 39 11.70 37.37 -1.53
CA ALA D 39 12.30 37.06 -2.84
C ALA D 39 12.77 35.62 -2.92
N ALA D 40 13.29 35.08 -1.82
CA ALA D 40 13.77 33.69 -1.84
C ALA D 40 12.59 32.72 -2.04
N LEU D 41 11.42 33.11 -1.52
CA LEU D 41 10.20 32.33 -1.71
C LEU D 41 9.78 32.45 -3.14
N ARG D 42 9.75 33.66 -3.66
CA ARG D 42 9.43 33.89 -5.08
C ARG D 42 10.35 33.10 -6.04
N ASP D 43 11.64 33.02 -5.71
CA ASP D 43 12.65 32.44 -6.63
C ASP D 43 12.89 30.93 -6.44
N SER D 44 12.07 30.27 -5.61
CA SER D 44 12.33 28.90 -5.19
C SER D 44 11.89 27.86 -6.21
N VAL D 45 11.11 28.28 -7.21
CA VAL D 45 10.65 27.39 -8.26
C VAL D 45 10.52 28.19 -9.56
N PRO D 46 10.47 27.51 -10.71
CA PRO D 46 10.00 28.17 -11.92
C PRO D 46 8.48 28.19 -11.79
N MET D 47 7.86 29.32 -11.67
CA MET D 47 6.38 29.26 -11.67
C MET D 47 5.68 30.25 -12.54
N THR D 48 6.41 30.90 -13.47
CA THR D 48 5.77 31.97 -14.30
C THR D 48 4.72 31.32 -15.21
N LEU D 49 3.76 32.13 -15.57
CA LEU D 49 2.54 31.65 -16.18
C LEU D 49 2.67 31.60 -17.68
N THR D 50 2.01 30.65 -18.33
CA THR D 50 1.86 30.70 -19.80
C THR D 50 1.00 31.92 -20.20
N GLU D 51 1.00 32.24 -21.50
CA GLU D 51 0.18 33.34 -22.04
C GLU D 51 -1.28 33.11 -21.75
N ASP D 52 -1.70 31.85 -21.86
CA ASP D 52 -3.09 31.49 -21.65
C ASP D 52 -3.51 31.65 -20.19
N GLU D 53 -2.60 31.33 -19.27
CA GLU D 53 -2.93 31.42 -17.86
C GLU D 53 -3.03 32.86 -17.46
N ILE D 54 -2.19 33.71 -18.07
CA ILE D 54 -2.24 35.18 -17.84
C ILE D 54 -3.61 35.77 -18.25
N THR D 55 -4.08 35.43 -19.45
CA THR D 55 -5.43 35.83 -19.91
C THR D 55 -6.51 35.39 -18.93
N ARG D 56 -6.45 34.13 -18.49
CA ARG D 56 -7.38 33.64 -17.46
C ARG D 56 -7.35 34.49 -16.19
N LEU D 57 -6.15 34.82 -15.72
CA LEU D 57 -6.02 35.61 -14.49
C LEU D 57 -6.57 37.03 -14.65
N LYS D 58 -6.32 37.65 -15.80
CA LYS D 58 -6.91 38.96 -16.11
C LYS D 58 -8.41 38.86 -16.12
N GLY D 59 -8.96 37.73 -16.56
CA GLY D 59 -10.41 37.53 -16.52
C GLY D 59 -11.01 37.54 -15.10
N ILE D 60 -10.22 37.27 -14.07
CA ILE D 60 -10.74 37.28 -12.69
C ILE D 60 -11.04 38.70 -12.26
N ASN D 61 -10.15 39.61 -12.62
CA ASN D 61 -10.33 40.97 -12.26
C ASN D 61 -9.50 41.83 -13.18
N GLU D 62 -10.20 42.73 -13.85
CA GLU D 62 -9.68 43.68 -14.80
C GLU D 62 -8.57 44.50 -14.21
N ASP D 63 -8.75 44.92 -12.96
CA ASP D 63 -7.81 45.82 -12.28
C ASP D 63 -6.63 45.13 -11.59
N LEU D 64 -6.55 43.81 -11.71
CA LEU D 64 -5.50 43.03 -11.06
C LEU D 64 -4.22 43.22 -11.82
N SER D 65 -3.21 43.69 -11.11
CA SER D 65 -1.89 43.88 -11.68
C SER D 65 -1.15 42.55 -11.87
N LEU D 66 -0.55 42.38 -13.05
CA LEU D 66 0.23 41.19 -13.35
C LEU D 66 1.50 41.18 -12.57
N GLU D 67 2.08 42.35 -12.37
CA GLU D 67 3.22 42.56 -11.51
C GLU D 67 2.95 42.06 -10.10
N GLU D 68 1.76 42.39 -9.59
CA GLU D 68 1.32 41.91 -8.30
C GLU D 68 1.14 40.37 -8.31
N VAL D 69 0.68 39.82 -9.43
CA VAL D 69 0.61 38.35 -9.54
C VAL D 69 2.00 37.74 -9.42
N ALA D 70 2.96 38.35 -10.07
CA ALA D 70 4.32 37.79 -10.10
C ALA D 70 5.03 38.01 -8.78
N GLU D 71 4.88 39.18 -8.17
CA GLU D 71 5.66 39.50 -7.01
C GLU D 71 5.01 39.10 -5.68
N ILE D 72 3.70 38.85 -5.69
CA ILE D 72 2.95 38.62 -4.44
C ILE D 72 2.18 37.31 -4.53
N TYR D 73 1.26 37.18 -5.49
CA TYR D 73 0.35 35.98 -5.46
C TYR D 73 1.03 34.69 -5.79
N LEU D 74 2.02 34.73 -6.71
CA LEU D 74 2.76 33.50 -7.01
C LEU D 74 3.54 33.00 -5.79
N PRO D 75 4.31 33.87 -5.16
CA PRO D 75 4.96 33.48 -3.92
C PRO D 75 4.04 33.06 -2.78
N LEU D 76 2.95 33.78 -2.59
CA LEU D 76 1.99 33.44 -1.53
C LEU D 76 1.41 32.06 -1.79
N SER D 77 0.98 31.82 -3.01
CA SER D 77 0.48 30.49 -3.33
C SER D 77 1.59 29.44 -3.16
N ARG D 78 2.84 29.80 -3.45
CA ARG D 78 3.96 28.86 -3.28
C ARG D 78 4.15 28.51 -1.78
N LEU D 79 4.05 29.53 -0.92
CA LEU D 79 4.12 29.32 0.53
C LEU D 79 3.04 28.35 0.99
N LEU D 80 1.81 28.56 0.55
CA LEU D 80 0.71 27.65 0.91
C LEU D 80 1.02 26.28 0.45
N ASN D 81 1.60 26.14 -0.75
CA ASN D 81 1.94 24.79 -1.21
C ASN D 81 2.83 24.04 -0.19
N PHE D 82 3.78 24.73 0.40
CA PHE D 82 4.63 24.09 1.45
C PHE D 82 3.78 23.51 2.60
N TYR D 83 2.75 24.26 3.00
CA TYR D 83 1.86 23.81 4.07
C TYR D 83 0.98 22.67 3.63
N ILE D 84 0.43 22.77 2.43
CA ILE D 84 -0.47 21.75 1.92
C ILE D 84 0.26 20.43 1.68
N SER D 85 1.45 20.53 1.09
CA SER D 85 2.29 19.39 0.79
C SER D 85 2.76 18.70 2.06
N SER D 86 3.20 19.48 3.05
CA SER D 86 3.50 18.88 4.34
C SER D 86 2.30 18.11 4.88
N ASN D 87 1.11 18.68 4.82
CA ASN D 87 -0.11 18.05 5.37
C ASN D 87 -0.39 16.76 4.61
N LEU D 88 -0.32 16.82 3.27
CA LEU D 88 -0.47 15.60 2.48
C LEU D 88 0.51 14.49 2.88
N ARG D 89 1.80 14.80 3.06
CA ARG D 89 2.73 13.73 3.42
C ARG D 89 2.40 13.21 4.84
N ARG D 90 2.05 14.10 5.77
CA ARG D 90 1.70 13.65 7.12
C ARG D 90 0.51 12.67 7.04
N GLN D 91 -0.54 13.03 6.31
CA GLN D 91 -1.69 12.13 6.11
C GLN D 91 -1.24 10.77 5.55
N ALA D 92 -0.41 10.76 4.51
CA ALA D 92 0.13 9.48 3.99
C ALA D 92 0.84 8.66 5.10
N VAL D 93 1.68 9.30 5.89
CA VAL D 93 2.36 8.60 6.97
C VAL D 93 1.36 8.08 8.03
N LEU D 94 0.43 8.93 8.46
CA LEU D 94 -0.57 8.50 9.44
C LEU D 94 -1.53 7.41 8.90
N GLU D 95 -1.83 7.41 7.60
CA GLU D 95 -2.58 6.28 6.98
C GLU D 95 -1.96 4.94 7.30
N GLN D 96 -0.67 4.84 7.00
CA GLN D 96 0.14 3.65 7.28
C GLN D 96 0.12 3.33 8.78
N PHE D 97 0.57 4.29 9.59
CA PHE D 97 0.70 4.06 11.01
C PHE D 97 -0.65 3.64 11.66
N LEU D 98 -1.73 4.34 11.31
CA LEU D 98 -3.06 4.14 11.90
C LEU D 98 -3.90 3.09 11.18
N GLY D 99 -3.49 2.63 10.02
CA GLY D 99 -4.23 1.60 9.26
C GLY D 99 -5.64 2.03 8.88
N THR D 100 -5.78 3.28 8.48
CA THR D 100 -7.08 3.80 8.06
C THR D 100 -7.13 3.79 6.54
N ASN D 101 -8.32 3.70 5.96
CA ASN D 101 -8.49 3.42 4.52
C ASN D 101 -7.73 4.37 3.59
N GLY D 102 -7.51 5.60 4.06
CA GLY D 102 -6.87 6.63 3.26
C GLY D 102 -7.85 7.57 2.62
N GLN D 103 -8.95 7.85 3.33
CA GLN D 103 -9.95 8.81 2.89
C GLN D 103 -9.34 10.21 2.73
N ARG D 104 -9.32 10.70 1.50
CA ARG D 104 -8.92 12.07 1.21
C ARG D 104 -9.74 13.11 2.00
N ILE D 105 -9.07 13.88 2.87
CA ILE D 105 -9.72 15.01 3.56
C ILE D 105 -9.21 16.31 2.97
N PRO D 106 -10.13 17.22 2.54
CA PRO D 106 -9.66 18.47 1.95
C PRO D 106 -8.88 19.34 2.90
N TYR D 107 -7.88 20.05 2.34
CA TYR D 107 -7.12 21.07 3.06
C TYR D 107 -7.91 22.31 2.92
N ILE D 108 -8.29 22.91 4.03
CA ILE D 108 -9.18 24.06 3.99
C ILE D 108 -8.39 25.31 4.34
N ILE D 109 -8.51 26.30 3.46
CA ILE D 109 -7.87 27.60 3.63
C ILE D 109 -8.99 28.62 3.76
N SER D 110 -8.94 29.45 4.79
CA SER D 110 -9.97 30.45 4.92
C SER D 110 -9.41 31.85 4.70
N ILE D 111 -10.26 32.73 4.18
CA ILE D 111 -9.87 34.12 3.93
C ILE D 111 -10.87 35.10 4.56
N ALA D 112 -10.38 35.85 5.54
CA ALA D 112 -11.17 36.85 6.27
C ALA D 112 -10.71 38.26 5.99
N GLY D 113 -11.49 39.22 6.51
CA GLY D 113 -11.18 40.65 6.42
C GLY D 113 -12.42 41.48 6.10
N SER D 114 -12.24 42.79 6.10
CA SER D 114 -13.34 43.72 5.87
C SER D 114 -14.08 43.46 4.58
N VAL D 115 -15.34 43.81 4.59
CA VAL D 115 -16.05 44.04 3.33
C VAL D 115 -15.17 44.96 2.44
N ALA D 116 -15.06 44.58 1.18
CA ALA D 116 -14.33 45.38 0.16
C ALA D 116 -12.79 45.45 0.30
N VAL D 117 -12.19 44.58 1.11
CA VAL D 117 -10.70 44.58 1.17
C VAL D 117 -10.07 43.78 0.05
N GLY D 118 -10.84 42.91 -0.58
CA GLY D 118 -10.37 42.08 -1.68
C GLY D 118 -10.33 40.60 -1.39
N LYS D 119 -11.10 40.15 -0.41
CA LYS D 119 -11.17 38.69 -0.13
C LYS D 119 -11.52 37.87 -1.37
N SER D 120 -12.56 38.26 -2.08
CA SER D 120 -13.02 37.48 -3.22
C SER D 120 -11.98 37.39 -4.36
N THR D 121 -11.42 38.53 -4.73
CA THR D 121 -10.33 38.57 -5.74
C THR D 121 -9.13 37.72 -5.27
N THR D 122 -8.68 37.97 -4.04
CA THR D 122 -7.60 37.17 -3.45
C THR D 122 -7.96 35.68 -3.55
N ALA D 123 -9.18 35.31 -3.16
CA ALA D 123 -9.58 33.89 -3.15
C ALA D 123 -9.56 33.29 -4.55
N ARG D 124 -9.99 34.06 -5.53
CA ARG D 124 -10.09 33.53 -6.87
C ARG D 124 -8.72 33.41 -7.51
N VAL D 125 -7.84 34.36 -7.22
CA VAL D 125 -6.47 34.25 -7.71
C VAL D 125 -5.76 33.08 -7.09
N LEU D 126 -5.92 32.88 -5.77
CA LEU D 126 -5.25 31.76 -5.15
C LEU D 126 -5.79 30.42 -5.64
N GLN D 127 -7.09 30.35 -5.90
CA GLN D 127 -7.69 29.11 -6.46
C GLN D 127 -7.02 28.78 -7.80
N ALA D 128 -6.91 29.76 -8.68
CA ALA D 128 -6.32 29.56 -10.01
C ALA D 128 -4.88 29.07 -9.87
N LEU D 129 -4.11 29.81 -9.08
CA LEU D 129 -2.66 29.53 -8.95
C LEU D 129 -2.39 28.26 -8.17
N LEU D 130 -3.18 27.96 -7.14
CA LEU D 130 -2.93 26.70 -6.41
C LEU D 130 -3.26 25.46 -7.28
N SER D 131 -4.23 25.58 -8.18
CA SER D 131 -4.66 24.44 -9.02
C SER D 131 -3.60 24.02 -10.07
N ARG D 132 -2.57 24.82 -10.22
CA ARG D 132 -1.43 24.52 -11.10
C ARG D 132 -0.40 23.57 -10.49
N TRP D 133 -0.53 23.25 -9.21
CA TRP D 133 0.37 22.31 -8.56
C TRP D 133 -0.22 20.93 -8.67
N PRO D 134 0.53 19.97 -9.26
CA PRO D 134 -0.07 18.67 -9.57
C PRO D 134 -0.50 17.87 -8.35
N GLU D 135 0.07 18.11 -7.19
CA GLU D 135 -0.41 17.44 -5.97
C GLU D 135 -1.80 17.95 -5.54
N HIS D 136 -2.29 19.09 -6.03
CA HIS D 136 -3.57 19.62 -5.55
C HIS D 136 -4.23 20.47 -6.61
N ARG D 137 -4.61 19.81 -7.69
CA ARG D 137 -5.24 20.48 -8.85
C ARG D 137 -6.69 20.88 -8.62
N HIS D 138 -7.44 20.16 -7.78
CA HIS D 138 -8.87 20.40 -7.61
C HIS D 138 -9.06 21.30 -6.40
N VAL D 139 -9.29 22.57 -6.68
CA VAL D 139 -9.44 23.61 -5.69
C VAL D 139 -10.83 24.23 -5.84
N GLU D 140 -11.63 24.10 -4.79
CA GLU D 140 -12.99 24.63 -4.76
C GLU D 140 -12.98 25.89 -4.01
N LEU D 141 -13.95 26.76 -4.30
CA LEU D 141 -14.09 28.03 -3.60
C LEU D 141 -15.53 28.22 -3.13
N ILE D 142 -15.72 28.52 -1.84
CA ILE D 142 -17.04 28.74 -1.24
C ILE D 142 -17.02 30.06 -0.45
N THR D 143 -18.06 30.85 -0.61
CA THR D 143 -18.16 32.12 0.11
C THR D 143 -19.13 31.92 1.28
N THR D 144 -18.83 32.51 2.42
CA THR D 144 -19.77 32.41 3.56
C THR D 144 -21.03 33.30 3.30
N ASP D 145 -20.96 34.20 2.32
CA ASP D 145 -22.12 35.04 1.93
C ASP D 145 -23.34 34.15 1.71
N GLY D 146 -23.12 32.98 1.12
CA GLY D 146 -24.17 32.05 0.79
C GLY D 146 -24.95 31.56 1.99
N PHE D 147 -24.33 31.62 3.18
CA PHE D 147 -24.92 31.17 4.46
C PHE D 147 -25.60 32.32 5.24
N LEU D 148 -25.65 33.52 4.67
CA LEU D 148 -26.52 34.57 5.22
C LEU D 148 -27.96 34.11 5.19
N HIS D 149 -28.76 34.56 6.14
CA HIS D 149 -30.22 34.34 6.01
C HIS D 149 -30.68 35.14 4.78
N PRO D 150 -31.62 34.58 3.99
CA PRO D 150 -32.21 35.32 2.85
C PRO D 150 -32.80 36.67 3.27
N ASN D 151 -32.99 37.56 2.31
CA ASN D 151 -33.48 38.91 2.63
C ASN D 151 -34.87 38.86 3.32
N SER D 152 -35.74 37.95 2.93
CA SER D 152 -37.06 37.89 3.55
C SER D 152 -36.92 37.61 5.07
N VAL D 153 -36.00 36.71 5.43
CA VAL D 153 -35.76 36.39 6.86
C VAL D 153 -35.11 37.54 7.60
N LEU D 154 -34.10 38.16 7.00
CA LEU D 154 -33.50 39.35 7.63
C LEU D 154 -34.57 40.43 7.90
N LYS D 155 -35.46 40.67 6.94
CA LYS D 155 -36.51 41.70 7.09
C LYS D 155 -37.45 41.37 8.28
N GLU D 156 -37.89 40.12 8.39
CA GLU D 156 -38.69 39.65 9.53
C GLU D 156 -38.03 39.90 10.88
N ARG D 157 -36.72 39.70 10.94
CA ARG D 157 -36.02 39.84 12.20
C ARG D 157 -35.54 41.23 12.39
N GLY D 158 -35.83 42.13 11.45
CA GLY D 158 -35.37 43.55 11.58
C GLY D 158 -33.85 43.73 11.40
N LEU D 159 -33.25 42.90 10.55
CA LEU D 159 -31.78 42.80 10.42
C LEU D 159 -31.22 43.31 9.09
N MET D 160 -32.01 44.00 8.26
CA MET D 160 -31.47 44.41 6.95
C MET D 160 -30.27 45.34 7.06
N LYS D 161 -30.30 46.26 7.99
CA LYS D 161 -29.13 47.07 8.28
C LYS D 161 -28.01 46.32 9.02
N LYS D 162 -28.14 45.00 9.18
CA LYS D 162 -27.16 44.24 9.91
C LYS D 162 -26.65 43.07 9.07
N LYS D 163 -26.84 43.14 7.76
CA LYS D 163 -26.30 42.10 6.87
C LYS D 163 -24.77 42.11 6.97
N GLY D 164 -24.21 40.92 7.17
CA GLY D 164 -22.77 40.75 7.46
C GLY D 164 -22.47 40.63 8.93
N PHE D 165 -23.38 41.09 9.78
CA PHE D 165 -23.21 40.96 11.24
C PHE D 165 -23.51 39.50 11.64
N PRO D 166 -23.01 39.06 12.78
CA PRO D 166 -23.25 37.69 13.24
C PRO D 166 -24.72 37.24 13.17
N GLN D 167 -25.65 38.05 13.65
CA GLN D 167 -27.05 37.67 13.66
C GLN D 167 -27.61 37.41 12.27
N SER D 168 -26.93 37.89 11.23
CA SER D 168 -27.42 37.75 9.87
C SER D 168 -27.06 36.40 9.23
N TYR D 169 -26.21 35.60 9.88
CA TYR D 169 -25.80 34.33 9.31
C TYR D 169 -26.46 33.13 9.90
N ASP D 170 -26.69 32.13 9.06
CA ASP D 170 -26.96 30.79 9.52
C ASP D 170 -25.63 30.12 9.91
N MET D 171 -25.10 30.46 11.07
CA MET D 171 -23.74 30.04 11.44
C MET D 171 -23.62 28.55 11.68
N HIS D 172 -24.66 27.96 12.29
CA HIS D 172 -24.65 26.50 12.53
C HIS D 172 -24.53 25.76 11.20
N ARG D 173 -25.20 26.25 10.16
CA ARG D 173 -25.12 25.62 8.85
C ARG D 173 -23.73 25.73 8.22
N LEU D 174 -23.05 26.87 8.43
CA LEU D 174 -21.68 27.07 7.92
C LEU D 174 -20.68 26.16 8.66
N VAL D 175 -20.81 26.08 9.98
CA VAL D 175 -20.00 25.17 10.76
C VAL D 175 -20.23 23.76 10.31
N LYS D 176 -21.49 23.39 10.07
CA LYS D 176 -21.78 22.02 9.64
C LYS D 176 -21.16 21.71 8.30
N PHE D 177 -21.13 22.70 7.40
CA PHE D 177 -20.56 22.49 6.08
C PHE D 177 -19.08 22.10 6.14
N VAL D 178 -18.28 22.87 6.88
CA VAL D 178 -16.86 22.56 7.02
C VAL D 178 -16.60 21.34 7.94
N SER D 179 -17.43 21.15 8.97
CA SER D 179 -17.36 19.93 9.76
C SER D 179 -17.59 18.68 8.86
N ASP D 180 -18.63 18.74 8.04
CA ASP D 180 -18.90 17.65 7.10
C ASP D 180 -17.72 17.41 6.19
N LEU D 181 -17.15 18.48 5.65
CA LEU D 181 -16.00 18.30 4.76
C LEU D 181 -14.87 17.59 5.52
N LYS D 182 -14.70 17.96 6.78
CA LYS D 182 -13.63 17.41 7.58
C LYS D 182 -14.00 16.06 8.21
N SER D 183 -15.22 15.57 7.92
CA SER D 183 -15.64 14.25 8.31
C SER D 183 -15.45 13.28 7.15
N GLY D 184 -15.05 13.81 6.00
CA GLY D 184 -14.80 12.97 4.82
C GLY D 184 -16.06 12.63 4.01
N VAL D 185 -17.16 13.37 4.18
CA VAL D 185 -18.36 13.15 3.33
C VAL D 185 -17.97 13.21 1.87
N PRO D 186 -18.60 12.37 1.03
CA PRO D 186 -18.18 12.41 -0.38
C PRO D 186 -18.68 13.68 -1.10
N GLN D 187 -19.74 14.29 -0.61
CA GLN D 187 -20.19 15.56 -1.16
C GLN D 187 -20.89 16.39 -0.10
N ALA D 188 -20.82 17.71 -0.26
CA ALA D 188 -21.45 18.64 0.66
C ALA D 188 -22.05 19.76 -0.16
N THR D 189 -23.16 20.33 0.34
CA THR D 189 -23.87 21.38 -0.42
C THR D 189 -23.88 22.72 0.31
N ALA D 190 -23.58 23.79 -0.42
CA ALA D 190 -23.56 25.14 0.14
C ALA D 190 -24.58 26.01 -0.57
N PRO D 191 -25.30 26.81 0.18
CA PRO D 191 -26.13 27.83 -0.44
C PRO D 191 -25.24 28.93 -1.08
N VAL D 192 -25.73 29.59 -2.13
CA VAL D 192 -24.93 30.56 -2.88
C VAL D 192 -25.62 31.90 -2.87
N TYR D 193 -24.82 32.95 -2.85
CA TYR D 193 -25.27 34.32 -2.75
C TYR D 193 -24.89 35.09 -4.03
N SER D 194 -25.71 36.07 -4.41
CA SER D 194 -25.39 36.95 -5.54
C SER D 194 -25.39 38.39 -5.09
N HIS D 195 -24.25 39.06 -5.23
CA HIS D 195 -24.17 40.49 -4.99
C HIS D 195 -25.04 41.30 -5.99
N LEU D 196 -25.21 40.72 -7.18
CA LEU D 196 -26.00 41.33 -8.24
C LEU D 196 -27.45 41.50 -7.79
N ILE D 197 -28.01 40.51 -7.11
CA ILE D 197 -29.38 40.63 -6.63
C ILE D 197 -29.44 40.97 -5.13
N TYR D 198 -28.29 41.24 -4.51
CA TYR D 198 -28.21 41.54 -3.08
C TYR D 198 -28.93 40.47 -2.26
N ASP D 199 -28.78 39.22 -2.62
CA ASP D 199 -29.53 38.18 -1.90
C ASP D 199 -28.99 36.77 -2.17
N VAL D 200 -29.44 35.83 -1.33
CA VAL D 200 -29.23 34.39 -1.50
C VAL D 200 -30.00 33.94 -2.73
N ILE D 201 -29.39 33.12 -3.61
CA ILE D 201 -30.05 32.69 -4.84
C ILE D 201 -31.07 31.62 -4.50
N PRO D 202 -32.37 31.87 -4.77
CA PRO D 202 -33.44 31.00 -4.24
C PRO D 202 -33.22 29.51 -4.40
N ASP D 203 -32.79 29.07 -5.57
CA ASP D 203 -32.64 27.63 -5.83
C ASP D 203 -31.21 27.23 -6.17
N GLY D 204 -30.26 28.14 -5.95
CA GLY D 204 -28.89 27.95 -6.42
C GLY D 204 -28.01 27.46 -5.30
N ASP D 205 -27.74 26.17 -5.28
CA ASP D 205 -26.86 25.59 -4.28
C ASP D 205 -25.69 24.97 -5.01
N LYS D 206 -24.52 25.09 -4.41
CA LYS D 206 -23.29 24.57 -4.98
C LYS D 206 -22.91 23.30 -4.21
N THR D 207 -22.71 22.20 -4.95
CA THR D 207 -22.29 20.92 -4.36
C THR D 207 -20.81 20.73 -4.62
N VAL D 208 -20.01 20.51 -3.57
CA VAL D 208 -18.59 20.20 -3.77
C VAL D 208 -18.34 18.73 -3.48
N ALA D 209 -17.36 18.14 -4.17
CA ALA D 209 -17.12 16.71 -4.09
C ALA D 209 -15.68 16.39 -3.74
N GLN D 210 -15.38 16.31 -2.45
CA GLN D 210 -14.01 15.97 -1.99
C GLN D 210 -12.87 16.58 -2.86
N PRO D 211 -12.70 17.90 -2.80
CA PRO D 211 -11.61 18.56 -3.49
C PRO D 211 -10.30 18.41 -2.73
N ASP D 212 -9.16 18.62 -3.39
CA ASP D 212 -7.86 18.56 -2.69
C ASP D 212 -7.80 19.73 -1.71
N ILE D 213 -8.32 20.88 -2.17
CA ILE D 213 -8.32 22.08 -1.35
C ILE D 213 -9.67 22.74 -1.43
N LEU D 214 -10.13 23.28 -0.32
CA LEU D 214 -11.26 24.18 -0.35
C LEU D 214 -10.85 25.51 0.22
N ILE D 215 -11.19 26.58 -0.48
CA ILE D 215 -10.98 27.93 0.00
C ILE D 215 -12.35 28.44 0.46
N LEU D 216 -12.41 28.86 1.72
CA LEU D 216 -13.63 29.38 2.31
C LEU D 216 -13.41 30.86 2.55
N GLU D 217 -14.12 31.70 1.81
CA GLU D 217 -13.90 33.13 1.81
C GLU D 217 -15.10 33.80 2.47
N GLY D 218 -14.86 34.72 3.39
CA GLY D 218 -15.91 35.42 4.10
C GLY D 218 -15.41 36.21 5.31
N LEU D 219 -16.11 37.28 5.64
CA LEU D 219 -15.68 38.16 6.69
C LEU D 219 -15.70 37.51 8.08
N ASN D 220 -16.45 36.40 8.24
CA ASN D 220 -16.67 35.82 9.56
C ASN D 220 -15.90 34.49 9.87
N VAL D 221 -15.01 34.08 8.97
CA VAL D 221 -14.35 32.76 9.10
C VAL D 221 -13.42 32.65 10.30
N LEU D 222 -13.10 33.77 10.97
CA LEU D 222 -12.28 33.75 12.20
C LEU D 222 -13.10 34.04 13.45
N GLN D 223 -14.42 34.13 13.32
CA GLN D 223 -15.27 34.34 14.46
C GLN D 223 -15.58 33.00 15.14
N SER D 224 -16.17 33.10 16.32
CA SER D 224 -16.35 31.98 17.20
C SER D 224 -17.62 32.19 17.99
N GLY D 225 -17.88 31.30 18.93
CA GLY D 225 -19.11 31.39 19.74
C GLY D 225 -19.28 32.70 20.48
N MET D 226 -18.18 33.34 20.84
CA MET D 226 -18.28 34.60 21.55
C MET D 226 -19.01 35.67 20.76
N ASP D 227 -18.90 35.60 19.44
CA ASP D 227 -19.51 36.55 18.51
C ASP D 227 -20.97 36.27 18.23
N TYR D 228 -21.45 35.09 18.67
CA TYR D 228 -22.83 34.68 18.45
C TYR D 228 -23.56 34.40 19.82
N PRO D 229 -23.56 35.36 20.76
CA PRO D 229 -24.19 35.06 22.07
C PRO D 229 -25.70 34.81 21.97
N HIS D 230 -26.34 35.30 20.90
CA HIS D 230 -27.77 35.06 20.62
C HIS D 230 -28.10 33.61 20.22
N ASP D 231 -27.10 32.82 19.84
CA ASP D 231 -27.29 31.45 19.41
C ASP D 231 -25.89 30.76 19.42
N PRO D 232 -25.32 30.48 20.62
CA PRO D 232 -23.93 30.05 20.67
C PRO D 232 -23.63 28.77 19.95
N HIS D 233 -22.41 28.67 19.43
CA HIS D 233 -21.84 27.40 18.99
C HIS D 233 -20.50 27.14 19.69
N HIS D 234 -20.15 25.86 19.84
CA HIS D 234 -19.04 25.45 20.74
C HIS D 234 -17.81 24.86 20.04
N VAL D 235 -17.97 24.61 18.74
CA VAL D 235 -16.88 24.28 17.84
C VAL D 235 -16.93 25.31 16.69
N PHE D 236 -15.77 25.87 16.35
CA PHE D 236 -15.74 27.03 15.48
C PHE D 236 -15.38 26.67 14.03
N VAL D 237 -15.69 27.59 13.10
CA VAL D 237 -15.26 27.43 11.72
C VAL D 237 -13.75 27.14 11.69
N SER D 238 -12.99 27.88 12.48
CA SER D 238 -11.52 27.73 12.53
C SER D 238 -11.02 26.36 13.02
N ASP D 239 -11.86 25.64 13.78
CA ASP D 239 -11.49 24.30 14.23
C ASP D 239 -11.54 23.31 13.10
N PHE D 240 -12.03 23.74 11.94
CA PHE D 240 -12.09 22.89 10.73
C PHE D 240 -11.28 23.45 9.57
N VAL D 241 -10.46 24.44 9.86
CA VAL D 241 -9.66 25.16 8.82
C VAL D 241 -8.20 24.94 9.09
N ASP D 242 -7.43 24.60 8.05
CA ASP D 242 -6.00 24.32 8.22
C ASP D 242 -5.15 25.59 8.24
N PHE D 243 -5.51 26.55 7.40
CA PHE D 243 -4.70 27.75 7.24
C PHE D 243 -5.61 28.94 6.99
N SER D 244 -5.43 30.04 7.72
CA SER D 244 -6.33 31.19 7.57
C SER D 244 -5.53 32.46 7.25
N ILE D 245 -6.05 33.24 6.30
CA ILE D 245 -5.48 34.49 5.88
C ILE D 245 -6.44 35.63 6.24
N TYR D 246 -5.94 36.65 6.91
CA TYR D 246 -6.72 37.87 7.12
C TYR D 246 -6.14 38.96 6.20
N VAL D 247 -6.96 39.45 5.31
CA VAL D 247 -6.55 40.53 4.41
C VAL D 247 -6.90 41.86 5.07
N ASP D 248 -5.90 42.69 5.31
CA ASP D 248 -6.01 43.84 6.13
C ASP D 248 -5.69 45.09 5.31
N ALA D 249 -6.30 46.22 5.69
CA ALA D 249 -6.05 47.53 5.08
C ALA D 249 -6.64 48.61 5.97
N PRO D 250 -6.06 49.82 5.94
CA PRO D 250 -6.60 50.90 6.77
C PRO D 250 -8.02 51.29 6.32
N GLU D 251 -8.78 51.84 7.25
CA GLU D 251 -10.17 52.25 7.02
C GLU D 251 -10.41 53.08 5.77
N GLU D 252 -9.55 54.07 5.54
CA GLU D 252 -9.75 54.99 4.43
C GLU D 252 -9.69 54.27 3.12
N LEU D 253 -8.77 53.30 3.02
CA LEU D 253 -8.62 52.60 1.77
C LEU D 253 -9.83 51.73 1.55
N LEU D 254 -10.25 51.03 2.60
CA LEU D 254 -11.41 50.18 2.53
C LEU D 254 -12.65 51.00 2.06
N LYS D 255 -12.85 52.15 2.65
CA LYS D 255 -13.98 53.02 2.31
C LYS D 255 -13.93 53.38 0.83
N SER D 256 -12.75 53.79 0.36
CA SER D 256 -12.58 54.17 -1.04
CA SER D 256 -12.58 54.17 -1.06
C SER D 256 -12.84 52.97 -1.98
N TRP D 257 -12.34 51.78 -1.60
CA TRP D 257 -12.59 50.57 -2.41
C TRP D 257 -14.05 50.13 -2.40
N TYR D 258 -14.72 50.32 -1.25
CA TYR D 258 -16.15 50.03 -1.14
C TYR D 258 -16.93 51.01 -2.04
N ILE D 259 -16.63 52.30 -1.93
CA ILE D 259 -17.35 53.31 -2.72
C ILE D 259 -17.13 53.03 -4.22
N ASN D 260 -15.86 52.81 -4.61
CA ASN D 260 -15.54 52.57 -6.01
C ASN D 260 -16.28 51.33 -6.51
N ARG D 261 -16.37 50.29 -5.70
CA ARG D 261 -17.08 49.08 -6.13
C ARG D 261 -18.60 49.34 -6.25
N PHE D 262 -19.15 50.16 -5.35
CA PHE D 262 -20.57 50.56 -5.43
C PHE D 262 -20.83 51.32 -6.74
N LEU D 263 -19.92 52.24 -7.12
CA LEU D 263 -20.06 52.98 -8.38
C LEU D 263 -19.98 52.05 -9.56
N LYS D 264 -19.16 51.00 -9.49
CA LYS D 264 -19.10 50.03 -10.58
C LYS D 264 -20.36 49.21 -10.70
N PHE D 265 -20.96 48.80 -9.59
CA PHE D 265 -22.28 48.14 -9.63
C PHE D 265 -23.35 49.07 -10.24
N ARG D 266 -23.38 50.32 -9.80
CA ARG D 266 -24.32 51.33 -10.34
C ARG D 266 -24.17 51.42 -11.85
N GLU D 267 -22.92 51.51 -12.34
CA GLU D 267 -22.68 51.55 -13.78
C GLU D 267 -23.18 50.29 -14.50
N GLY D 268 -22.87 49.13 -13.94
CA GLY D 268 -23.33 47.86 -14.51
C GLY D 268 -24.84 47.82 -14.58
N ALA D 269 -25.47 48.36 -13.56
CA ALA D 269 -26.92 48.38 -13.49
C ALA D 269 -27.62 49.21 -14.61
N PHE D 270 -26.93 50.19 -15.18
CA PHE D 270 -27.48 50.97 -16.29
C PHE D 270 -28.06 50.08 -17.40
N THR D 271 -27.33 49.01 -17.77
CA THR D 271 -27.67 48.15 -18.87
C THR D 271 -27.99 46.70 -18.43
N ASP D 272 -28.01 46.40 -17.13
CA ASP D 272 -28.40 45.06 -16.67
C ASP D 272 -29.70 45.09 -15.82
N PRO D 273 -30.82 44.60 -16.39
CA PRO D 273 -32.12 44.70 -15.73
C PRO D 273 -32.28 43.75 -14.53
N ASP D 274 -31.43 42.73 -14.44
CA ASP D 274 -31.45 41.78 -13.31
C ASP D 274 -30.68 42.28 -12.09
N SER D 275 -30.16 43.50 -12.19
CA SER D 275 -29.37 44.05 -11.13
C SER D 275 -30.25 44.78 -10.10
N TYR D 276 -29.90 44.62 -8.83
CA TYR D 276 -30.59 45.28 -7.70
C TYR D 276 -30.54 46.80 -7.79
N PHE D 277 -29.48 47.33 -8.43
CA PHE D 277 -29.19 48.78 -8.47
C PHE D 277 -29.82 49.43 -9.72
N HIS D 278 -30.66 48.68 -10.44
CA HIS D 278 -31.08 49.01 -11.83
C HIS D 278 -32.08 50.16 -11.90
N ASN D 279 -33.12 50.09 -11.08
CA ASN D 279 -34.18 51.11 -11.03
C ASN D 279 -33.71 52.40 -10.32
N TYR D 280 -32.38 52.58 -10.16
CA TYR D 280 -31.81 53.74 -9.45
C TYR D 280 -30.77 54.57 -10.25
N ALA D 281 -30.91 54.59 -11.59
CA ALA D 281 -30.03 55.40 -12.45
C ALA D 281 -30.32 56.92 -12.29
N LYS D 282 -31.52 57.24 -11.82
CA LYS D 282 -31.93 58.63 -11.63
C LYS D 282 -31.12 59.40 -10.57
N LEU D 283 -30.47 58.67 -9.66
CA LEU D 283 -29.60 59.31 -8.67
C LEU D 283 -28.39 59.93 -9.35
N SER D 284 -28.05 61.15 -8.95
CA SER D 284 -26.77 61.76 -9.31
C SER D 284 -25.62 60.87 -8.86
N LYS D 285 -24.48 60.98 -9.50
CA LYS D 285 -23.30 60.29 -9.04
C LYS D 285 -22.98 60.71 -7.61
N GLU D 286 -23.26 61.98 -7.30
CA GLU D 286 -22.97 62.54 -5.97
C GLU D 286 -23.77 61.85 -4.88
N GLU D 287 -25.05 61.67 -5.14
CA GLU D 287 -25.91 61.05 -4.19
C GLU D 287 -25.61 59.54 -4.11
N ALA D 288 -25.32 58.90 -5.24
CA ALA D 288 -24.82 57.52 -5.22
C ALA D 288 -23.63 57.40 -4.24
N VAL D 289 -22.71 58.35 -4.26
CA VAL D 289 -21.56 58.36 -3.33
C VAL D 289 -21.98 58.53 -1.87
N ASP D 290 -22.94 59.42 -1.64
CA ASP D 290 -23.49 59.63 -0.32
C ASP D 290 -24.13 58.39 0.22
N ILE D 291 -24.87 57.71 -0.64
CA ILE D 291 -25.51 56.47 -0.24
C ILE D 291 -24.45 55.38 0.07
N ALA D 292 -23.45 55.22 -0.81
CA ALA D 292 -22.39 54.26 -0.57
C ALA D 292 -21.67 54.60 0.74
N THR D 293 -21.45 55.88 0.96
CA THR D 293 -20.76 56.32 2.15
C THR D 293 -21.55 56.01 3.43
N SER D 294 -22.86 56.22 3.41
CA SER D 294 -23.68 55.90 4.58
C SER D 294 -23.80 54.39 4.76
N LEU D 295 -23.96 53.62 3.69
CA LEU D 295 -23.86 52.15 3.79
C LEU D 295 -22.54 51.70 4.44
N TRP D 296 -21.43 52.31 4.03
CA TRP D 296 -20.14 52.01 4.62
C TRP D 296 -20.13 52.39 6.10
N ASN D 297 -20.37 53.66 6.39
CA ASN D 297 -20.25 54.15 7.75
C ASN D 297 -21.17 53.42 8.73
N GLU D 298 -22.39 53.10 8.32
CA GLU D 298 -23.39 52.63 9.29
C GLU D 298 -23.46 51.10 9.38
N ILE D 299 -23.09 50.39 8.32
CA ILE D 299 -23.20 48.93 8.31
C ILE D 299 -21.81 48.31 8.32
N ASN D 300 -21.07 48.43 7.22
CA ASN D 300 -19.85 47.66 7.04
C ASN D 300 -18.74 48.12 7.94
N LEU D 301 -18.64 49.41 8.19
CA LEU D 301 -17.58 49.91 9.04
C LEU D 301 -17.84 49.52 10.48
N MET D 302 -19.09 49.63 10.92
CA MET D 302 -19.44 49.25 12.29
C MET D 302 -19.16 47.77 12.49
N ASN D 303 -19.57 46.94 11.50
CA ASN D 303 -19.24 45.51 11.47
C ASN D 303 -17.75 45.24 11.60
N LEU D 304 -16.95 45.96 10.82
CA LEU D 304 -15.49 45.83 10.87
C LEU D 304 -15.00 46.04 12.28
N LYS D 305 -15.40 47.15 12.88
CA LYS D 305 -14.85 47.53 14.19
C LYS D 305 -15.32 46.56 15.29
N GLU D 306 -16.57 46.14 15.24
CA GLU D 306 -17.18 45.35 16.31
C GLU D 306 -16.90 43.85 16.18
N ASN D 307 -16.87 43.34 14.96
CA ASN D 307 -16.88 41.91 14.72
C ASN D 307 -15.77 41.33 13.87
N ILE D 308 -15.20 42.09 12.92
CA ILE D 308 -14.18 41.51 12.02
C ILE D 308 -12.74 41.75 12.51
N LEU D 309 -12.39 43.02 12.69
CA LEU D 309 -11.03 43.36 13.06
C LEU D 309 -10.52 42.66 14.35
N PRO D 310 -11.39 42.53 15.39
CA PRO D 310 -10.93 41.82 16.60
C PRO D 310 -10.49 40.35 16.34
N THR D 311 -10.91 39.76 15.22
CA THR D 311 -10.53 38.39 14.89
C THR D 311 -9.18 38.23 14.18
N ARG D 312 -8.50 39.35 13.88
CA ARG D 312 -7.37 39.36 12.99
C ARG D 312 -6.21 38.49 13.46
N GLU D 313 -5.93 38.55 14.75
CA GLU D 313 -4.78 37.86 15.35
C GLU D 313 -5.05 36.37 15.56
N ARG D 314 -6.21 35.90 15.15
CA ARG D 314 -6.43 34.48 15.04
C ARG D 314 -5.97 33.88 13.72
N ALA D 315 -5.55 34.72 12.79
CA ALA D 315 -5.15 34.23 11.48
C ALA D 315 -3.77 33.58 11.50
N SER D 316 -3.58 32.57 10.65
CA SER D 316 -2.26 32.05 10.36
C SER D 316 -1.40 33.09 9.70
N LEU D 317 -2.01 33.92 8.87
CA LEU D 317 -1.27 34.89 8.07
C LEU D 317 -2.06 36.19 7.89
N ILE D 318 -1.40 37.32 8.10
CA ILE D 318 -2.04 38.62 7.88
C ILE D 318 -1.31 39.27 6.70
N MET D 319 -2.09 39.64 5.69
CA MET D 319 -1.59 40.19 4.45
C MET D 319 -2.14 41.62 4.37
N THR D 320 -1.25 42.60 4.42
CA THR D 320 -1.65 44.00 4.45
C THR D 320 -1.53 44.62 3.09
N LYS D 321 -2.57 45.37 2.72
CA LYS D 321 -2.68 46.00 1.42
C LYS D 321 -2.60 47.50 1.59
N SER D 322 -2.16 48.19 0.54
CA SER D 322 -1.97 49.62 0.56
C SER D 322 -2.67 50.20 -0.67
N ALA D 323 -2.33 51.44 -1.01
CA ALA D 323 -2.87 52.10 -2.19
C ALA D 323 -2.74 51.23 -3.46
N ASN D 324 -3.81 51.24 -4.26
CA ASN D 324 -3.89 50.45 -5.48
C ASN D 324 -3.85 48.96 -5.25
N HIS D 325 -4.16 48.51 -4.04
CA HIS D 325 -4.28 47.09 -3.72
C HIS D 325 -2.97 46.32 -3.62
N SER D 326 -1.86 47.01 -3.76
CA SER D 326 -0.60 46.29 -3.69
C SER D 326 -0.30 45.87 -2.25
N VAL D 327 0.14 44.62 -2.15
CA VAL D 327 0.40 44.02 -0.85
C VAL D 327 1.74 44.53 -0.36
N ASN D 328 1.79 45.09 0.84
CA ASN D 328 3.07 45.55 1.34
C ASN D 328 3.58 44.92 2.57
N GLN D 329 2.87 43.91 3.11
CA GLN D 329 3.34 43.25 4.32
C GLN D 329 2.71 41.89 4.43
N VAL D 330 3.51 40.89 4.79
CA VAL D 330 3.02 39.56 5.03
C VAL D 330 3.55 39.10 6.38
N ARG D 331 2.61 38.81 7.29
CA ARG D 331 2.93 38.29 8.59
C ARG D 331 2.44 36.84 8.69
N LEU D 332 3.31 35.96 9.18
CA LEU D 332 3.05 34.51 9.26
C LEU D 332 3.33 34.02 10.69
N ARG D 333 2.41 33.23 11.23
CA ARG D 333 2.58 32.65 12.56
C ARG D 333 3.90 31.85 12.63
N LYS D 334 4.65 32.08 13.68
CA LYS D 334 5.94 31.38 13.91
C LYS D 334 5.71 29.91 14.19
N LEU E 26 48.04 33.58 -5.89
CA LEU E 26 47.16 32.78 -6.81
C LEU E 26 46.06 32.08 -6.05
N MET E 27 44.97 31.83 -6.75
CA MET E 27 43.82 31.19 -6.15
C MET E 27 44.03 29.69 -6.20
N THR E 28 43.57 29.01 -5.16
CA THR E 28 43.67 27.57 -5.08
C THR E 28 42.26 27.06 -4.76
N PRO E 29 42.07 25.72 -4.79
CA PRO E 29 40.74 25.17 -4.43
C PRO E 29 40.40 25.18 -2.95
N TYR E 30 41.27 25.75 -2.12
CA TYR E 30 41.09 25.73 -0.65
C TYR E 30 40.96 27.15 -0.02
N LEU E 31 40.01 27.36 0.89
CA LEU E 31 40.09 28.48 1.80
C LEU E 31 41.19 28.16 2.79
N GLN E 32 42.04 29.16 3.03
CA GLN E 32 43.21 29.00 3.86
C GLN E 32 43.13 29.83 5.14
N PHE E 33 43.23 29.18 6.28
CA PHE E 33 43.24 29.86 7.59
C PHE E 33 44.57 29.62 8.33
N ASN E 34 45.18 30.70 8.83
CA ASN E 34 46.25 30.55 9.80
C ASN E 34 45.65 30.25 11.15
N ARG E 35 46.49 30.01 12.16
CA ARG E 35 45.98 29.58 13.48
C ARG E 35 45.12 30.63 14.11
N HIS E 36 45.60 31.86 14.05
CA HIS E 36 44.83 32.98 14.54
C HIS E 36 43.40 32.96 13.95
N GLN E 37 43.32 32.92 12.63
CA GLN E 37 42.00 32.85 11.96
C GLN E 37 41.16 31.63 12.39
N TRP E 38 41.77 30.44 12.39
CA TRP E 38 41.02 29.26 12.77
C TRP E 38 40.55 29.33 14.21
N ALA E 39 41.45 29.72 15.11
CA ALA E 39 41.09 29.82 16.54
C ALA E 39 40.00 30.89 16.79
N ALA E 40 39.99 31.94 16.00
CA ALA E 40 38.95 32.98 16.11
C ALA E 40 37.53 32.47 15.81
N LEU E 41 37.41 31.29 15.20
CA LEU E 41 36.11 30.70 14.87
C LEU E 41 35.27 30.31 16.07
N ARG E 42 35.89 30.17 17.23
CA ARG E 42 35.11 29.91 18.45
C ARG E 42 34.67 31.23 19.13
N THR E 48 31.94 26.13 27.05
CA THR E 48 31.52 24.97 26.26
C THR E 48 31.82 23.64 27.00
N LEU E 49 33.07 23.17 26.94
CA LEU E 49 33.45 21.81 27.40
C LEU E 49 32.95 21.41 28.80
N THR E 50 32.57 20.15 28.98
CA THR E 50 32.19 19.63 30.30
C THR E 50 33.35 18.87 30.94
N GLU E 51 33.25 18.62 32.24
CA GLU E 51 34.35 17.94 32.97
C GLU E 51 34.40 16.43 32.75
N ASP E 52 33.30 15.82 32.34
CA ASP E 52 33.34 14.41 31.95
C ASP E 52 33.95 14.28 30.56
N GLU E 53 33.71 15.28 29.71
CA GLU E 53 34.40 15.39 28.42
C GLU E 53 35.89 15.69 28.59
N ILE E 54 36.22 16.49 29.60
CA ILE E 54 37.62 16.75 29.94
C ILE E 54 38.39 15.44 30.25
N THR E 55 37.77 14.54 31.01
CA THR E 55 38.44 13.31 31.42
C THR E 55 38.65 12.36 30.24
N ARG E 56 37.59 12.18 29.44
CA ARG E 56 37.70 11.40 28.19
C ARG E 56 38.92 11.83 27.38
N LEU E 57 39.05 13.15 27.22
CA LEU E 57 40.09 13.71 26.37
C LEU E 57 41.48 13.43 26.92
N LYS E 58 41.66 13.65 28.23
CA LYS E 58 42.91 13.27 28.90
C LYS E 58 43.16 11.78 28.73
N GLY E 59 42.08 11.00 28.82
CA GLY E 59 42.12 9.54 28.64
C GLY E 59 42.58 9.10 27.27
N ILE E 60 42.15 9.84 26.25
CA ILE E 60 42.55 9.56 24.88
C ILE E 60 44.05 9.74 24.75
N ASN E 61 44.55 10.88 25.20
CA ASN E 61 45.99 11.16 25.11
C ASN E 61 46.47 12.17 26.16
N GLU E 62 47.37 11.73 27.02
CA GLU E 62 47.93 12.57 28.07
C GLU E 62 48.74 13.74 27.55
N ASP E 63 49.42 13.56 26.43
CA ASP E 63 50.16 14.68 25.82
C ASP E 63 49.27 15.71 25.11
N LEU E 64 47.96 15.48 25.05
CA LEU E 64 47.08 16.30 24.23
C LEU E 64 46.67 17.53 24.99
N SER E 65 47.13 18.68 24.53
CA SER E 65 46.82 19.97 25.12
C SER E 65 45.30 20.31 25.08
N LEU E 66 44.72 20.63 26.23
CA LEU E 66 43.35 21.13 26.28
C LEU E 66 43.18 22.51 25.62
N GLU E 67 44.27 23.28 25.58
CA GLU E 67 44.29 24.49 24.82
C GLU E 67 43.99 24.16 23.35
N GLU E 68 44.72 23.17 22.83
CA GLU E 68 44.57 22.77 21.44
C GLU E 68 43.12 22.27 21.15
N VAL E 69 42.50 21.64 22.11
CA VAL E 69 41.18 21.10 21.88
C VAL E 69 40.14 22.21 21.69
N ALA E 70 40.15 23.20 22.58
CA ALA E 70 39.21 24.31 22.54
C ALA E 70 39.45 25.19 21.35
N GLU E 71 40.70 25.40 21.00
CA GLU E 71 41.01 26.35 19.96
C GLU E 71 40.96 25.80 18.54
N ILE E 72 41.21 24.49 18.38
CA ILE E 72 41.28 23.87 17.06
C ILE E 72 40.16 22.91 16.81
N TYR E 73 40.00 21.92 17.70
CA TYR E 73 39.11 20.79 17.46
C TYR E 73 37.64 21.07 17.70
N LEU E 74 37.31 21.96 18.65
CA LEU E 74 35.91 22.35 18.84
C LEU E 74 35.38 23.06 17.60
N PRO E 75 36.10 24.05 17.10
CA PRO E 75 35.70 24.64 15.80
C PRO E 75 35.63 23.61 14.66
N LEU E 76 36.58 22.68 14.63
CA LEU E 76 36.58 21.66 13.61
C LEU E 76 35.33 20.80 13.73
N SER E 77 34.97 20.41 14.94
CA SER E 77 33.79 19.61 15.11
C SER E 77 32.52 20.39 14.77
N ARG E 78 32.56 21.70 14.97
CA ARG E 78 31.45 22.61 14.60
C ARG E 78 31.34 22.75 13.07
N LEU E 79 32.48 22.89 12.41
CA LEU E 79 32.53 22.83 10.99
C LEU E 79 31.87 21.55 10.50
N LEU E 80 32.33 20.41 11.00
CA LEU E 80 31.77 19.12 10.57
C LEU E 80 30.27 19.05 10.84
N ASN E 81 29.82 19.57 11.97
CA ASN E 81 28.40 19.55 12.29
C ASN E 81 27.61 20.36 11.26
N PHE E 82 28.16 21.46 10.75
CA PHE E 82 27.45 22.18 9.68
C PHE E 82 27.30 21.31 8.43
N TYR E 83 28.35 20.57 8.09
CA TYR E 83 28.30 19.74 6.89
C TYR E 83 27.28 18.63 7.09
N ILE E 84 27.28 18.02 8.27
CA ILE E 84 26.43 16.85 8.56
C ILE E 84 24.98 17.29 8.60
N SER E 85 24.77 18.40 9.27
CA SER E 85 23.46 18.98 9.38
C SER E 85 22.84 19.34 8.01
N SER E 86 23.65 19.94 7.14
CA SER E 86 23.26 20.23 5.80
C SER E 86 22.86 18.94 5.06
N ASN E 87 23.62 17.88 5.26
CA ASN E 87 23.33 16.58 4.68
C ASN E 87 22.01 16.01 5.24
N LEU E 88 21.79 16.14 6.53
CA LEU E 88 20.56 15.64 7.12
C LEU E 88 19.33 16.42 6.61
N ARG E 89 19.46 17.73 6.47
CA ARG E 89 18.37 18.56 5.93
C ARG E 89 18.02 18.18 4.53
N ARG E 90 19.04 17.91 3.72
CA ARG E 90 18.81 17.56 2.35
C ARG E 90 18.09 16.23 2.30
N GLN E 91 18.51 15.32 3.17
CA GLN E 91 17.94 13.98 3.18
C GLN E 91 16.44 14.07 3.52
N ALA E 92 16.09 14.91 4.50
CA ALA E 92 14.67 15.12 4.78
C ALA E 92 13.91 15.68 3.57
N VAL E 93 14.52 16.56 2.78
CA VAL E 93 13.87 17.05 1.57
C VAL E 93 13.70 15.89 0.56
N LEU E 94 14.74 15.09 0.37
CA LEU E 94 14.68 14.03 -0.61
C LEU E 94 13.63 13.00 -0.20
N GLU E 95 13.44 12.82 1.10
CA GLU E 95 12.43 11.90 1.61
C GLU E 95 11.02 12.31 1.23
N GLN E 96 10.81 13.60 0.94
CA GLN E 96 9.52 14.04 0.43
C GLN E 96 9.03 13.20 -0.76
N PHE E 97 9.95 12.76 -1.63
CA PHE E 97 9.59 11.88 -2.77
C PHE E 97 10.13 10.47 -2.62
N LEU E 98 11.25 10.29 -1.93
CA LEU E 98 11.76 8.94 -1.70
C LEU E 98 10.95 8.18 -0.66
N GLY E 99 10.26 8.89 0.23
CA GLY E 99 9.61 8.24 1.35
C GLY E 99 10.62 8.13 2.49
N THR E 100 10.14 7.78 3.68
CA THR E 100 10.96 7.75 4.90
C THR E 100 11.27 6.33 5.30
N ASN E 101 10.98 5.39 4.40
CA ASN E 101 11.18 3.98 4.74
C ASN E 101 12.62 3.57 4.51
N GLY E 102 13.33 4.35 3.69
CA GLY E 102 14.69 4.04 3.29
C GLY E 102 15.59 3.66 4.46
N GLN E 103 16.58 2.82 4.17
CA GLN E 103 17.61 2.42 5.16
C GLN E 103 18.40 3.66 5.58
N ARG E 104 18.77 3.74 6.86
CA ARG E 104 19.60 4.84 7.37
C ARG E 104 21.07 4.71 6.91
N ILE E 105 21.63 5.81 6.40
CA ILE E 105 22.99 5.81 5.84
C ILE E 105 23.87 6.66 6.72
N PRO E 106 25.00 6.13 7.21
CA PRO E 106 25.86 6.96 8.04
C PRO E 106 26.68 7.98 7.26
N TYR E 107 26.87 9.15 7.87
CA TYR E 107 27.82 10.17 7.36
C TYR E 107 29.22 9.69 7.68
N ILE E 108 30.05 9.55 6.65
CA ILE E 108 31.40 9.01 6.84
C ILE E 108 32.44 10.10 6.71
N ILE E 109 33.27 10.23 7.75
CA ILE E 109 34.39 11.16 7.78
C ILE E 109 35.66 10.30 7.77
N SER E 110 36.58 10.56 6.85
CA SER E 110 37.86 9.84 6.86
C SER E 110 39.00 10.72 7.31
N ILE E 111 40.03 10.08 7.86
CA ILE E 111 41.21 10.75 8.36
C ILE E 111 42.48 10.08 7.86
N ALA E 112 43.25 10.85 7.08
CA ALA E 112 44.41 10.40 6.36
C ALA E 112 45.65 11.12 6.84
N GLY E 113 46.80 10.65 6.37
CA GLY E 113 48.10 11.22 6.72
C GLY E 113 49.18 10.20 7.05
N SER E 114 50.39 10.74 7.21
CA SER E 114 51.55 9.94 7.56
C SER E 114 51.33 9.11 8.79
N VAL E 115 51.97 7.95 8.79
CA VAL E 115 52.25 7.26 10.07
C VAL E 115 52.88 8.31 10.99
N ALA E 116 52.38 8.32 12.22
CA ALA E 116 52.88 9.16 13.32
C ALA E 116 52.52 10.64 13.27
N VAL E 117 51.62 11.05 12.36
CA VAL E 117 51.19 12.44 12.31
C VAL E 117 50.17 12.76 13.40
N GLY E 118 49.49 11.74 13.89
CA GLY E 118 48.43 11.96 14.89
C GLY E 118 47.00 11.66 14.45
N LYS E 119 46.83 10.83 13.44
CA LYS E 119 45.50 10.38 12.99
C LYS E 119 44.67 9.77 14.11
N SER E 120 45.25 8.86 14.87
CA SER E 120 44.46 8.17 15.89
C SER E 120 43.94 9.15 16.96
N THR E 121 44.79 10.08 17.37
CA THR E 121 44.39 11.07 18.36
C THR E 121 43.30 11.96 17.76
N THR E 122 43.55 12.49 16.55
CA THR E 122 42.55 13.33 15.85
C THR E 122 41.19 12.62 15.71
N ALA E 123 41.22 11.37 15.24
CA ALA E 123 39.99 10.58 15.10
C ALA E 123 39.27 10.46 16.44
N ARG E 124 40.01 10.08 17.47
CA ARG E 124 39.40 9.82 18.78
C ARG E 124 38.87 11.12 19.42
N VAL E 125 39.60 12.23 19.26
CA VAL E 125 39.11 13.50 19.71
C VAL E 125 37.81 13.84 19.01
N LEU E 126 37.79 13.75 17.69
CA LEU E 126 36.56 14.08 16.92
C LEU E 126 35.41 13.20 17.26
N GLN E 127 35.65 11.92 17.51
CA GLN E 127 34.54 11.04 17.91
C GLN E 127 33.87 11.51 19.22
N ALA E 128 34.70 11.93 20.19
CA ALA E 128 34.21 12.37 21.49
C ALA E 128 33.49 13.67 21.31
N LEU E 129 34.08 14.63 20.57
CA LEU E 129 33.40 15.92 20.34
C LEU E 129 32.10 15.89 19.48
N LEU E 130 32.08 15.07 18.42
CA LEU E 130 30.89 14.99 17.54
C LEU E 130 29.68 14.37 18.18
N SER E 131 29.91 13.51 19.17
CA SER E 131 28.77 12.88 19.87
C SER E 131 28.04 13.87 20.79
N ARG E 132 28.60 15.06 21.04
CA ARG E 132 27.90 16.09 21.83
C ARG E 132 26.59 16.49 21.17
N TRP E 133 26.65 16.75 19.86
CA TRP E 133 25.50 17.22 19.10
C TRP E 133 24.32 16.27 19.07
N PRO E 134 23.11 16.82 19.22
CA PRO E 134 21.91 16.02 19.27
C PRO E 134 21.56 15.40 17.93
N GLU E 135 21.95 16.06 16.84
CA GLU E 135 21.74 15.51 15.48
C GLU E 135 22.50 14.20 15.19
N HIS E 136 23.59 13.95 15.92
CA HIS E 136 24.44 12.80 15.64
C HIS E 136 25.22 12.31 16.84
N ARG E 137 24.51 11.64 17.75
CA ARG E 137 25.08 11.20 19.02
C ARG E 137 25.89 9.94 18.88
N HIS E 138 25.46 9.03 17.98
CA HIS E 138 26.16 7.76 17.80
C HIS E 138 27.26 7.87 16.71
N VAL E 139 28.51 7.87 17.16
CA VAL E 139 29.66 8.01 16.29
C VAL E 139 30.56 6.79 16.44
N GLU E 140 30.78 6.01 15.39
CA GLU E 140 31.69 4.88 15.42
C GLU E 140 33.04 5.29 14.88
N LEU E 141 34.06 4.54 15.26
CA LEU E 141 35.40 4.72 14.80
C LEU E 141 35.95 3.40 14.31
N ILE E 142 36.40 3.35 13.05
CA ILE E 142 37.02 2.17 12.50
C ILE E 142 38.34 2.57 11.88
N THR E 143 39.40 1.80 12.12
CA THR E 143 40.69 2.09 11.51
C THR E 143 40.97 1.11 10.38
N THR E 144 41.73 1.56 9.39
CA THR E 144 42.02 0.70 8.24
C THR E 144 43.10 -0.33 8.54
N ASP E 145 43.78 -0.16 9.68
CA ASP E 145 44.74 -1.17 10.16
C ASP E 145 44.11 -2.56 10.17
N GLY E 146 42.85 -2.67 10.59
CA GLY E 146 42.16 -3.92 10.64
C GLY E 146 42.08 -4.68 9.32
N PHE E 147 42.25 -3.94 8.20
CA PHE E 147 42.10 -4.48 6.84
C PHE E 147 43.46 -4.80 6.22
N LEU E 148 44.52 -4.66 7.00
CA LEU E 148 45.85 -5.17 6.63
C LEU E 148 45.78 -6.69 6.50
N HIS E 149 46.47 -7.26 5.52
CA HIS E 149 46.65 -8.72 5.48
C HIS E 149 47.29 -9.16 6.82
N PRO E 150 46.88 -10.31 7.37
CA PRO E 150 47.54 -10.73 8.62
C PRO E 150 49.03 -11.05 8.41
N ASN E 151 49.82 -10.94 9.50
CA ASN E 151 51.26 -11.25 9.44
C ASN E 151 51.52 -12.58 8.70
N SER E 152 50.73 -13.58 9.04
CA SER E 152 50.68 -14.85 8.30
C SER E 152 50.83 -14.64 6.78
N VAL E 153 49.92 -13.83 6.22
CA VAL E 153 49.88 -13.61 4.78
C VAL E 153 50.98 -12.67 4.29
N LEU E 154 51.39 -11.72 5.11
CA LEU E 154 52.46 -10.78 4.73
C LEU E 154 53.86 -11.44 4.65
N LYS E 155 54.10 -12.45 5.50
CA LYS E 155 55.33 -13.26 5.42
C LYS E 155 55.32 -14.09 4.15
N GLU E 156 54.25 -14.87 3.92
CA GLU E 156 54.09 -15.63 2.66
C GLU E 156 54.50 -14.78 1.47
N ARG E 157 54.11 -13.50 1.46
CA ARG E 157 54.34 -12.63 0.30
C ARG E 157 55.58 -11.76 0.44
N GLY E 158 56.31 -11.90 1.54
CA GLY E 158 57.51 -11.11 1.77
C GLY E 158 57.23 -9.64 1.96
N LEU E 159 56.20 -9.32 2.70
CA LEU E 159 55.76 -7.92 2.85
C LEU E 159 55.80 -7.41 4.31
N MET E 160 56.55 -8.08 5.19
CA MET E 160 56.51 -7.70 6.62
C MET E 160 57.11 -6.32 6.85
N LYS E 161 58.12 -5.97 6.07
CA LYS E 161 58.65 -4.59 6.06
C LYS E 161 57.92 -3.63 5.12
N LYS E 162 56.74 -4.02 4.64
CA LYS E 162 55.91 -3.14 3.81
C LYS E 162 54.52 -2.95 4.42
N LYS E 163 54.42 -3.23 5.71
CA LYS E 163 53.18 -3.00 6.42
C LYS E 163 52.84 -1.51 6.28
N GLY E 164 51.61 -1.26 5.85
CA GLY E 164 51.14 0.08 5.55
C GLY E 164 51.20 0.45 4.06
N PHE E 165 51.95 -0.29 3.27
CA PHE E 165 52.01 -0.06 1.79
C PHE E 165 50.77 -0.70 1.16
N PRO E 166 50.43 -0.28 -0.07
CA PRO E 166 49.23 -0.75 -0.71
C PRO E 166 49.09 -2.26 -0.77
N GLN E 167 50.16 -2.95 -1.15
CA GLN E 167 50.16 -4.44 -1.20
C GLN E 167 49.90 -5.13 0.15
N SER E 168 50.08 -4.42 1.28
CA SER E 168 49.82 -5.01 2.61
C SER E 168 48.34 -5.01 3.00
N TYR E 169 47.51 -4.30 2.24
CA TYR E 169 46.10 -4.16 2.58
C TYR E 169 45.20 -5.06 1.79
N ASP E 170 44.23 -5.61 2.47
CA ASP E 170 43.11 -6.23 1.80
C ASP E 170 42.15 -5.12 1.36
N MET E 171 42.50 -4.44 0.28
CA MET E 171 41.84 -3.18 -0.06
C MET E 171 40.42 -3.41 -0.52
N HIS E 172 40.18 -4.51 -1.24
CA HIS E 172 38.82 -4.78 -1.76
C HIS E 172 37.86 -4.95 -0.60
N ARG E 173 38.33 -5.58 0.46
CA ARG E 173 37.49 -5.74 1.63
C ARG E 173 37.19 -4.39 2.30
N LEU E 174 38.17 -3.48 2.29
CA LEU E 174 37.95 -2.15 2.87
C LEU E 174 36.94 -1.36 2.03
N VAL E 175 37.14 -1.33 0.72
CA VAL E 175 36.14 -0.71 -0.16
C VAL E 175 34.75 -1.31 0.03
N LYS E 176 34.70 -2.63 0.19
CA LYS E 176 33.42 -3.28 0.37
C LYS E 176 32.78 -2.84 1.68
N PHE E 177 33.59 -2.64 2.71
CA PHE E 177 33.04 -2.26 4.01
C PHE E 177 32.33 -0.91 3.93
N VAL E 178 32.99 0.09 3.36
CA VAL E 178 32.33 1.41 3.27
C VAL E 178 31.22 1.40 2.21
N SER E 179 31.39 0.61 1.15
CA SER E 179 30.32 0.42 0.18
C SER E 179 29.10 -0.17 0.83
N ASP E 180 29.28 -1.17 1.69
CA ASP E 180 28.15 -1.78 2.39
C ASP E 180 27.46 -0.79 3.28
N LEU E 181 28.24 -0.04 4.03
CA LEU E 181 27.67 1.01 4.87
C LEU E 181 26.83 1.98 4.04
N LYS E 182 27.39 2.40 2.90
CA LYS E 182 26.65 3.29 1.99
C LYS E 182 25.56 2.57 1.17
N SER E 183 25.38 1.27 1.38
CA SER E 183 24.25 0.54 0.80
C SER E 183 23.08 0.41 1.76
N GLY E 184 23.29 0.81 3.01
CA GLY E 184 22.26 0.73 4.02
C GLY E 184 22.20 -0.60 4.78
N VAL E 185 23.11 -1.53 4.55
CA VAL E 185 23.10 -2.77 5.33
C VAL E 185 22.80 -2.49 6.81
N PRO E 186 21.97 -3.35 7.46
CA PRO E 186 21.62 -3.05 8.86
C PRO E 186 22.83 -3.22 9.77
N GLN E 187 23.74 -4.11 9.40
CA GLN E 187 25.06 -4.11 10.00
C GLN E 187 26.15 -4.69 9.12
N ALA E 188 27.37 -4.30 9.45
CA ALA E 188 28.51 -4.64 8.67
C ALA E 188 29.61 -4.88 9.64
N THR E 189 30.50 -5.76 9.25
CA THR E 189 31.51 -6.28 10.12
C THR E 189 32.85 -5.84 9.59
N ALA E 190 33.71 -5.35 10.46
CA ALA E 190 35.08 -5.01 10.10
C ALA E 190 36.07 -5.77 10.96
N PRO E 191 37.17 -6.22 10.36
CA PRO E 191 38.25 -6.83 11.10
C PRO E 191 38.92 -5.80 11.95
N VAL E 192 39.50 -6.23 13.06
CA VAL E 192 40.09 -5.34 14.06
C VAL E 192 41.57 -5.69 14.25
N TYR E 193 42.37 -4.65 14.45
CA TYR E 193 43.82 -4.79 14.60
C TYR E 193 44.21 -4.58 16.06
N SER E 194 45.16 -5.38 16.54
CA SER E 194 45.70 -5.20 17.90
C SER E 194 47.12 -4.78 17.77
N HIS E 195 47.44 -3.59 18.27
CA HIS E 195 48.81 -3.10 18.30
C HIS E 195 49.67 -3.89 19.25
N LEU E 196 49.01 -4.56 20.20
CA LEU E 196 49.72 -5.38 21.18
C LEU E 196 50.45 -6.50 20.47
N ILE E 197 49.75 -7.28 19.66
CA ILE E 197 50.37 -8.38 18.93
C ILE E 197 50.72 -8.01 17.48
N TYR E 198 50.74 -6.71 17.17
CA TYR E 198 51.12 -6.22 15.84
C TYR E 198 50.41 -7.00 14.72
N ASP E 199 49.12 -7.21 14.83
CA ASP E 199 48.43 -8.09 13.89
C ASP E 199 46.93 -7.96 13.97
N VAL E 200 46.27 -8.49 12.95
CA VAL E 200 44.82 -8.62 12.95
C VAL E 200 44.36 -9.66 14.00
N ILE E 201 43.44 -9.25 14.87
CA ILE E 201 42.90 -10.12 15.92
C ILE E 201 42.11 -11.25 15.25
N PRO E 202 42.53 -12.52 15.46
CA PRO E 202 41.88 -13.65 14.79
C PRO E 202 40.36 -13.76 14.99
N ASP E 203 39.89 -13.62 16.22
CA ASP E 203 38.45 -13.72 16.51
C ASP E 203 37.73 -12.35 16.52
N GLY E 204 38.46 -11.26 16.31
CA GLY E 204 38.04 -9.95 16.84
C GLY E 204 37.05 -9.08 16.09
N ASP E 205 36.42 -9.58 15.04
CA ASP E 205 35.55 -8.73 14.20
C ASP E 205 34.55 -7.84 14.95
N LYS E 206 34.43 -6.59 14.50
CA LYS E 206 33.54 -5.61 15.11
C LYS E 206 32.33 -5.31 14.22
N THR E 207 31.14 -5.55 14.75
CA THR E 207 29.92 -5.21 14.05
C THR E 207 29.58 -3.77 14.34
N VAL E 208 29.36 -2.98 13.29
CA VAL E 208 28.80 -1.64 13.47
C VAL E 208 27.38 -1.67 12.93
N ALA E 209 26.47 -1.02 13.64
CA ALA E 209 25.05 -1.06 13.32
C ALA E 209 24.50 0.36 13.10
N GLN E 210 24.56 0.82 11.85
CA GLN E 210 23.93 2.08 11.46
C GLN E 210 24.13 3.26 12.43
N PRO E 211 25.38 3.59 12.75
CA PRO E 211 25.72 4.82 13.50
C PRO E 211 25.26 6.07 12.78
N ASP E 212 25.27 7.21 13.48
CA ASP E 212 24.99 8.49 12.80
C ASP E 212 26.19 8.92 11.99
N ILE E 213 27.38 8.76 12.57
CA ILE E 213 28.64 9.09 11.93
C ILE E 213 29.61 7.92 12.07
N LEU E 214 30.35 7.64 11.02
CA LEU E 214 31.44 6.67 11.11
C LEU E 214 32.69 7.37 10.68
N ILE E 215 33.67 7.39 11.57
CA ILE E 215 34.96 7.94 11.24
C ILE E 215 35.88 6.83 10.78
N LEU E 216 36.47 6.99 9.61
CA LEU E 216 37.37 5.99 9.07
C LEU E 216 38.78 6.54 9.05
N GLU E 217 39.61 5.95 9.91
CA GLU E 217 40.92 6.45 10.15
C GLU E 217 41.99 5.54 9.55
N GLY E 218 42.85 6.11 8.73
CA GLY E 218 43.89 5.32 8.09
C GLY E 218 44.69 6.09 7.08
N LEU E 219 45.94 5.69 6.91
CA LEU E 219 46.83 6.39 6.05
C LEU E 219 46.40 6.28 4.61
N ASN E 220 45.61 5.26 4.30
CA ASN E 220 45.36 4.97 2.89
C ASN E 220 43.97 5.40 2.40
N VAL E 221 43.25 6.22 3.18
CA VAL E 221 41.83 6.43 2.90
C VAL E 221 41.63 7.33 1.71
N LEU E 222 42.68 8.02 1.26
CA LEU E 222 42.59 8.89 0.08
C LEU E 222 43.23 8.23 -1.14
N GLN E 223 43.70 6.99 -0.99
CA GLN E 223 44.29 6.26 -2.12
C GLN E 223 43.21 5.74 -3.06
N SER E 224 43.62 5.27 -4.22
CA SER E 224 42.67 4.83 -5.24
C SER E 224 43.30 3.73 -6.07
N GLY E 225 42.63 3.32 -7.14
CA GLY E 225 43.10 2.31 -8.03
C GLY E 225 44.53 2.45 -8.51
N MET E 226 44.93 3.67 -8.83
CA MET E 226 46.27 3.92 -9.32
C MET E 226 47.31 3.40 -8.30
N ASP E 227 46.96 3.40 -7.02
CA ASP E 227 47.88 3.00 -5.96
C ASP E 227 47.95 1.51 -5.79
N TYR E 228 47.07 0.77 -6.46
CA TYR E 228 47.00 -0.68 -6.34
C TYR E 228 47.03 -1.35 -7.74
N PRO E 229 48.12 -1.12 -8.51
CA PRO E 229 48.19 -1.71 -9.85
C PRO E 229 48.38 -3.23 -9.84
N HIS E 230 48.82 -3.77 -8.70
CA HIS E 230 48.94 -5.21 -8.51
C HIS E 230 47.57 -5.89 -8.43
N ASP E 231 46.53 -5.15 -8.05
CA ASP E 231 45.19 -5.71 -7.93
C ASP E 231 44.17 -4.55 -7.95
N PRO E 232 43.81 -4.05 -9.15
CA PRO E 232 43.18 -2.73 -9.13
C PRO E 232 41.75 -2.76 -8.66
N HIS E 233 41.27 -1.62 -8.20
CA HIS E 233 39.86 -1.45 -7.92
C HIS E 233 39.41 -0.17 -8.59
N HIS E 234 38.12 -0.10 -8.86
CA HIS E 234 37.58 0.91 -9.77
C HIS E 234 36.57 1.86 -9.12
N VAL E 235 36.17 1.55 -7.90
CA VAL E 235 35.46 2.47 -7.04
C VAL E 235 36.30 2.55 -5.75
N PHE E 236 36.51 3.75 -5.28
CA PHE E 236 37.51 4.08 -4.30
C PHE E 236 36.89 4.37 -2.96
N VAL E 237 37.68 4.23 -1.90
CA VAL E 237 37.22 4.50 -0.52
C VAL E 237 36.57 5.87 -0.50
N SER E 238 37.23 6.85 -1.15
CA SER E 238 36.73 8.23 -1.23
C SER E 238 35.29 8.39 -1.77
N ASP E 239 34.88 7.46 -2.63
CA ASP E 239 33.59 7.53 -3.27
C ASP E 239 32.50 7.16 -2.30
N PHE E 240 32.89 6.67 -1.12
CA PHE E 240 31.99 6.34 -0.01
C PHE E 240 32.20 7.17 1.25
N VAL E 241 32.98 8.24 1.12
CA VAL E 241 33.29 9.12 2.22
C VAL E 241 32.68 10.49 1.93
N ASP E 242 32.01 11.07 2.92
CA ASP E 242 31.42 12.41 2.77
C ASP E 242 32.42 13.51 2.97
N PHE E 243 33.34 13.36 3.91
CA PHE E 243 34.25 14.45 4.24
C PHE E 243 35.56 13.85 4.65
N SER E 244 36.66 14.25 3.99
CA SER E 244 37.95 13.71 4.34
C SER E 244 38.90 14.78 4.91
N ILE E 245 39.66 14.42 5.92
CA ILE E 245 40.66 15.29 6.54
C ILE E 245 42.00 14.66 6.34
N TYR E 246 42.96 15.41 5.84
CA TYR E 246 44.33 14.94 5.77
C TYR E 246 45.13 15.69 6.82
N VAL E 247 45.75 14.98 7.75
CA VAL E 247 46.58 15.60 8.79
C VAL E 247 48.03 15.59 8.37
N ASP E 248 48.60 16.79 8.31
CA ASP E 248 49.83 17.05 7.59
C ASP E 248 50.89 17.68 8.53
N ALA E 249 52.15 17.45 8.19
CA ALA E 249 53.27 18.02 8.92
C ALA E 249 54.52 17.77 8.15
N PRO E 250 55.51 18.66 8.29
CA PRO E 250 56.79 18.39 7.58
C PRO E 250 57.49 17.10 8.04
N GLU E 251 58.29 16.53 7.14
CA GLU E 251 58.93 15.21 7.35
C GLU E 251 59.81 15.17 8.61
N GLU E 252 60.52 16.27 8.87
CA GLU E 252 61.39 16.39 10.04
C GLU E 252 60.60 16.16 11.30
N LEU E 253 59.45 16.84 11.42
CA LEU E 253 58.62 16.69 12.62
C LEU E 253 58.00 15.28 12.72
N LEU E 254 57.54 14.76 11.60
CA LEU E 254 56.98 13.40 11.58
C LEU E 254 58.01 12.38 12.12
N LYS E 255 59.25 12.52 11.68
CA LYS E 255 60.30 11.65 12.20
C LYS E 255 60.37 11.76 13.72
N SER E 256 60.50 12.99 14.20
CA SER E 256 60.64 13.21 15.63
C SER E 256 59.46 12.58 16.38
N TRP E 257 58.24 12.69 15.87
CA TRP E 257 57.09 12.11 16.60
C TRP E 257 57.05 10.62 16.52
N TYR E 258 57.58 10.08 15.42
CA TYR E 258 57.64 8.63 15.28
C TYR E 258 58.58 8.05 16.38
N ILE E 259 59.78 8.64 16.47
CA ILE E 259 60.81 8.22 17.42
C ILE E 259 60.31 8.36 18.85
N ASN E 260 59.77 9.54 19.20
CA ASN E 260 59.28 9.72 20.57
C ASN E 260 58.15 8.74 20.93
N ARG E 261 57.26 8.47 19.97
CA ARG E 261 56.27 7.42 20.18
C ARG E 261 56.92 6.05 20.45
N PHE E 262 57.96 5.70 19.69
CA PHE E 262 58.73 4.48 19.98
C PHE E 262 59.26 4.50 21.43
N LEU E 263 59.87 5.61 21.84
CA LEU E 263 60.43 5.72 23.20
C LEU E 263 59.35 5.62 24.27
N LYS E 264 58.19 6.24 24.04
CA LYS E 264 57.06 6.06 24.94
C LYS E 264 56.67 4.59 25.01
N PHE E 265 56.53 3.91 23.87
CA PHE E 265 56.09 2.51 23.86
C PHE E 265 57.05 1.62 24.67
N ARG E 266 58.33 2.01 24.63
CA ARG E 266 59.41 1.36 25.34
C ARG E 266 59.12 1.21 26.85
N GLU E 267 58.51 2.23 27.45
CA GLU E 267 58.16 2.19 28.88
C GLU E 267 56.70 1.87 29.11
N GLY E 268 55.95 1.62 28.05
CA GLY E 268 54.51 1.35 28.13
C GLY E 268 54.10 0.03 27.52
N ALA E 269 53.50 0.10 26.35
CA ALA E 269 52.96 -1.09 25.66
C ALA E 269 53.98 -2.25 25.52
N PHE E 270 55.24 -1.91 25.28
CA PHE E 270 56.28 -2.94 25.03
C PHE E 270 56.64 -3.72 26.31
N THR E 271 56.31 -3.18 27.48
CA THR E 271 56.56 -3.87 28.75
C THR E 271 55.52 -4.97 29.01
N ASP E 272 54.40 -4.98 28.27
CA ASP E 272 53.45 -6.10 28.39
C ASP E 272 54.14 -7.33 27.77
N PRO E 273 54.38 -8.38 28.58
CA PRO E 273 55.09 -9.55 28.05
C PRO E 273 54.47 -10.12 26.77
N ASP E 274 53.14 -10.00 26.60
CA ASP E 274 52.47 -10.44 25.38
C ASP E 274 52.66 -9.50 24.19
N SER E 275 53.35 -8.38 24.38
CA SER E 275 53.64 -7.48 23.25
C SER E 275 54.50 -8.18 22.19
N TYR E 276 54.14 -7.98 20.92
CA TYR E 276 54.94 -8.47 19.78
C TYR E 276 56.34 -7.91 19.81
N PHE E 277 56.45 -6.71 20.38
CA PHE E 277 57.67 -5.97 20.49
C PHE E 277 58.17 -5.95 21.93
N HIS E 278 57.88 -6.98 22.68
CA HIS E 278 58.32 -7.06 24.07
C HIS E 278 59.83 -6.87 24.23
N ASN E 279 60.63 -7.40 23.30
CA ASN E 279 62.09 -7.25 23.38
C ASN E 279 62.55 -5.84 23.25
N TYR E 280 61.75 -4.97 22.62
CA TYR E 280 62.11 -3.54 22.54
C TYR E 280 62.06 -2.81 23.91
N ALA E 281 61.36 -3.38 24.89
CA ALA E 281 61.33 -2.80 26.26
C ALA E 281 62.74 -2.79 26.91
N LYS E 282 63.53 -3.80 26.56
CA LYS E 282 64.89 -3.98 27.06
C LYS E 282 65.91 -2.98 26.49
N LEU E 283 65.61 -2.37 25.34
CA LEU E 283 66.66 -1.62 24.61
C LEU E 283 67.18 -0.43 25.40
N SER E 284 68.42 -0.05 25.14
CA SER E 284 68.94 1.22 25.59
C SER E 284 68.24 2.36 24.83
N LYS E 285 68.32 3.57 25.38
CA LYS E 285 67.71 4.73 24.74
C LYS E 285 68.33 4.90 23.35
N GLU E 286 69.65 4.85 23.31
CA GLU E 286 70.41 5.08 22.08
C GLU E 286 70.08 4.07 20.99
N GLU E 287 69.92 2.80 21.35
CA GLU E 287 69.63 1.79 20.34
C GLU E 287 68.18 1.93 19.90
N ALA E 288 67.28 2.15 20.86
CA ALA E 288 65.86 2.41 20.55
C ALA E 288 65.69 3.55 19.58
N VAL E 289 66.38 4.65 19.83
CA VAL E 289 66.39 5.75 18.87
C VAL E 289 66.85 5.29 17.49
N ASP E 290 67.94 4.51 17.46
CA ASP E 290 68.50 4.04 16.19
C ASP E 290 67.57 3.15 15.39
N ILE E 291 66.98 2.21 16.09
CA ILE E 291 65.99 1.31 15.49
C ILE E 291 64.78 2.11 14.95
N ALA E 292 64.25 3.02 15.77
CA ALA E 292 63.08 3.81 15.38
C ALA E 292 63.40 4.65 14.14
N THR E 293 64.56 5.28 14.14
CA THR E 293 65.02 6.07 13.00
C THR E 293 65.07 5.25 11.70
N SER E 294 65.56 4.02 11.79
CA SER E 294 65.65 3.13 10.66
C SER E 294 64.29 2.64 10.19
N LEU E 295 63.42 2.28 11.13
CA LEU E 295 62.07 1.93 10.81
C LEU E 295 61.40 3.09 10.11
N TRP E 296 61.63 4.31 10.58
CA TRP E 296 61.06 5.47 9.92
C TRP E 296 61.65 5.64 8.49
N ASN E 297 62.97 5.81 8.41
CA ASN E 297 63.66 6.06 7.16
C ASN E 297 63.44 5.00 6.10
N GLU E 298 63.35 3.74 6.50
CA GLU E 298 63.31 2.64 5.53
C GLU E 298 61.90 2.18 5.16
N ILE E 299 60.92 2.50 5.99
CA ILE E 299 59.57 1.98 5.77
C ILE E 299 58.60 3.14 5.67
N ASN E 300 58.44 3.87 6.76
CA ASN E 300 57.37 4.85 6.87
C ASN E 300 57.60 6.11 6.02
N LEU E 301 58.83 6.59 5.99
CA LEU E 301 59.19 7.72 5.12
C LEU E 301 58.96 7.38 3.64
N MET E 302 59.39 6.19 3.22
CA MET E 302 59.21 5.77 1.84
C MET E 302 57.69 5.67 1.49
N ASN E 303 56.89 5.13 2.42
CA ASN E 303 55.45 5.04 2.25
C ASN E 303 54.85 6.43 2.10
N LEU E 304 55.29 7.33 2.95
CA LEU E 304 54.84 8.70 2.89
C LEU E 304 55.06 9.31 1.52
N LYS E 305 56.29 9.30 1.03
CA LYS E 305 56.62 9.94 -0.24
C LYS E 305 55.99 9.26 -1.44
N GLU E 306 55.92 7.92 -1.44
CA GLU E 306 55.39 7.19 -2.59
C GLU E 306 53.86 7.09 -2.61
N ASN E 307 53.24 6.93 -1.45
CA ASN E 307 51.82 6.54 -1.42
C ASN E 307 50.87 7.46 -0.67
N ILE E 308 51.36 8.21 0.32
CA ILE E 308 50.48 8.98 1.23
C ILE E 308 50.46 10.44 0.81
N LEU E 309 51.63 11.05 0.77
CA LEU E 309 51.72 12.47 0.45
C LEU E 309 51.06 12.85 -0.88
N PRO E 310 51.22 12.02 -1.91
CA PRO E 310 50.57 12.46 -3.16
C PRO E 310 49.03 12.46 -3.14
N THR E 311 48.37 11.93 -2.09
CA THR E 311 46.92 11.94 -2.04
C THR E 311 46.37 13.15 -1.30
N ARG E 312 47.27 13.95 -0.76
CA ARG E 312 46.86 15.00 0.18
C ARG E 312 45.80 15.95 -0.39
N GLU E 313 45.97 16.31 -1.67
CA GLU E 313 45.15 17.35 -2.31
C GLU E 313 43.76 16.81 -2.71
N ARG E 314 43.50 15.52 -2.45
CA ARG E 314 42.17 14.94 -2.57
C ARG E 314 41.31 15.16 -1.32
N ALA E 315 41.89 15.63 -0.22
CA ALA E 315 41.11 15.81 1.03
C ALA E 315 40.14 17.01 0.96
N SER E 316 39.03 16.91 1.68
CA SER E 316 38.13 18.05 1.89
C SER E 316 38.83 19.14 2.71
N LEU E 317 39.61 18.71 3.71
CA LEU E 317 40.28 19.62 4.60
C LEU E 317 41.69 19.11 4.95
N ILE E 318 42.68 20.01 4.87
CA ILE E 318 44.05 19.71 5.24
C ILE E 318 44.36 20.47 6.53
N MET E 319 44.76 19.74 7.57
CA MET E 319 45.14 20.35 8.85
C MET E 319 46.65 20.16 9.09
N THR E 320 47.40 21.27 9.02
CA THR E 320 48.84 21.24 9.11
C THR E 320 49.32 21.52 10.55
N LYS E 321 50.21 20.68 11.05
CA LYS E 321 50.72 20.78 12.41
C LYS E 321 52.15 21.31 12.44
N SER E 322 52.46 21.96 13.54
CA SER E 322 53.76 22.51 13.83
C SER E 322 54.39 21.73 14.99
N ALA E 323 55.52 22.21 15.47
CA ALA E 323 56.11 21.76 16.72
C ALA E 323 55.08 21.67 17.86
N ASN E 324 55.25 20.65 18.68
CA ASN E 324 54.34 20.34 19.77
C ASN E 324 52.94 20.00 19.29
N HIS E 325 52.81 19.63 18.02
CA HIS E 325 51.52 19.29 17.42
C HIS E 325 50.51 20.44 17.33
N SER E 326 50.97 21.69 17.39
CA SER E 326 50.01 22.78 17.33
C SER E 326 49.73 23.11 15.87
N VAL E 327 48.44 23.23 15.58
CA VAL E 327 48.00 23.45 14.22
C VAL E 327 48.38 24.86 13.82
N ASN E 328 49.01 24.98 12.67
CA ASN E 328 49.38 26.29 12.14
C ASN E 328 48.72 26.65 10.80
N GLN E 329 47.96 25.74 10.21
CA GLN E 329 47.20 26.05 8.99
C GLN E 329 46.02 25.09 8.82
N VAL E 330 44.88 25.64 8.39
CA VAL E 330 43.74 24.83 8.00
C VAL E 330 43.34 25.23 6.57
N ARG E 331 43.20 24.25 5.71
CA ARG E 331 42.78 24.50 4.35
C ARG E 331 41.48 23.71 4.09
N LEU E 332 40.44 24.41 3.64
CA LEU E 332 39.12 23.82 3.45
C LEU E 332 38.66 24.04 2.02
N ARG E 333 38.25 22.97 1.37
CA ARG E 333 37.81 23.08 -0.02
C ARG E 333 36.66 24.10 -0.14
N LYS E 334 36.81 24.99 -1.11
CA LYS E 334 35.77 26.00 -1.40
C LYS E 334 34.53 25.34 -1.97
N LEU F 26 19.48 -7.95 -3.05
CA LEU F 26 20.88 -7.57 -2.66
C LEU F 26 21.07 -6.05 -2.71
N MET F 27 21.68 -5.50 -1.66
CA MET F 27 21.79 -4.06 -1.50
C MET F 27 23.09 -3.48 -2.05
N THR F 28 22.93 -2.37 -2.78
CA THR F 28 24.05 -1.64 -3.32
C THR F 28 24.01 -0.20 -2.85
N PRO F 29 25.05 0.57 -3.20
CA PRO F 29 25.05 1.98 -2.84
C PRO F 29 24.01 2.87 -3.60
N TYR F 30 23.22 2.29 -4.49
CA TYR F 30 22.25 3.05 -5.28
C TYR F 30 20.84 2.62 -4.92
N LEU F 31 19.95 3.58 -4.73
CA LEU F 31 18.53 3.27 -4.74
C LEU F 31 18.08 3.32 -6.18
N GLN F 32 17.09 2.52 -6.50
CA GLN F 32 16.50 2.50 -7.82
C GLN F 32 15.12 3.11 -7.65
N PHE F 33 14.85 4.18 -8.39
CA PHE F 33 13.57 4.84 -8.29
C PHE F 33 12.48 3.90 -8.74
N ASN F 34 11.41 3.81 -7.94
CA ASN F 34 10.20 3.08 -8.34
C ASN F 34 9.25 4.13 -8.90
N ARG F 35 8.16 3.72 -9.52
CA ARG F 35 7.30 4.68 -10.18
C ARG F 35 6.61 5.71 -9.21
N HIS F 36 6.38 5.37 -7.94
CA HIS F 36 5.72 6.33 -7.05
C HIS F 36 6.69 7.40 -6.59
N GLN F 37 7.92 7.01 -6.34
CA GLN F 37 8.96 7.99 -6.00
C GLN F 37 9.21 8.98 -7.17
N TRP F 38 9.28 8.43 -8.38
CA TRP F 38 9.53 9.25 -9.56
C TRP F 38 8.35 10.20 -9.83
N ALA F 39 7.11 9.71 -9.64
CA ALA F 39 5.90 10.53 -9.81
C ALA F 39 5.88 11.70 -8.83
N ALA F 40 6.20 11.41 -7.57
CA ALA F 40 6.20 12.39 -6.51
C ALA F 40 7.27 13.45 -6.80
N LEU F 41 8.40 13.03 -7.35
CA LEU F 41 9.43 13.97 -7.82
C LEU F 41 8.92 14.85 -8.97
N ARG F 42 8.37 14.22 -9.99
CA ARG F 42 7.83 14.90 -11.19
C ARG F 42 6.70 15.88 -10.84
N ASP F 43 5.81 15.48 -9.93
CA ASP F 43 4.62 16.27 -9.60
C ASP F 43 4.80 17.29 -8.49
N SER F 44 6.05 17.44 -8.02
CA SER F 44 6.36 18.28 -6.86
C SER F 44 6.30 19.76 -7.15
N VAL F 45 6.30 20.14 -8.42
CA VAL F 45 6.29 21.55 -8.79
C VAL F 45 5.46 21.65 -10.08
N PRO F 46 4.92 22.83 -10.40
CA PRO F 46 4.48 23.04 -11.76
C PRO F 46 5.74 23.26 -12.61
N MET F 47 6.01 22.47 -13.60
CA MET F 47 7.23 22.78 -14.39
C MET F 47 7.15 22.50 -15.85
N THR F 48 5.96 22.56 -16.45
CA THR F 48 5.91 22.36 -17.91
C THR F 48 6.16 23.69 -18.62
N LEU F 49 6.44 23.57 -19.89
CA LEU F 49 7.16 24.57 -20.60
C LEU F 49 6.22 25.52 -21.33
N THR F 50 6.70 26.70 -21.70
CA THR F 50 5.99 27.54 -22.67
C THR F 50 6.17 26.94 -24.07
N GLU F 51 5.45 27.48 -25.04
CA GLU F 51 5.59 27.03 -26.42
C GLU F 51 6.96 27.33 -26.92
N ASP F 52 7.44 28.53 -26.64
CA ASP F 52 8.77 28.89 -27.08
C ASP F 52 9.82 27.94 -26.48
N GLU F 53 9.68 27.58 -25.20
CA GLU F 53 10.67 26.67 -24.56
C GLU F 53 10.66 25.27 -25.19
N ILE F 54 9.47 24.80 -25.56
CA ILE F 54 9.35 23.54 -26.26
C ILE F 54 10.06 23.64 -27.62
N THR F 55 9.80 24.70 -28.34
CA THR F 55 10.48 24.96 -29.62
C THR F 55 12.00 24.94 -29.45
N ARG F 56 12.50 25.56 -28.39
CA ARG F 56 13.94 25.48 -28.09
C ARG F 56 14.46 24.08 -27.72
N LEU F 57 13.71 23.33 -26.92
CA LEU F 57 14.14 21.96 -26.59
C LEU F 57 14.24 21.13 -27.89
N LYS F 58 13.23 21.28 -28.74
CA LYS F 58 13.23 20.63 -30.05
C LYS F 58 14.43 21.01 -30.87
N GLY F 59 14.83 22.26 -30.82
CA GLY F 59 16.02 22.68 -31.57
C GLY F 59 17.31 22.00 -31.12
N ILE F 60 17.38 21.54 -29.87
CA ILE F 60 18.57 20.85 -29.41
C ILE F 60 18.75 19.55 -30.14
N ASN F 61 17.66 18.81 -30.32
CA ASN F 61 17.72 17.57 -31.02
C ASN F 61 16.34 17.24 -31.53
N GLU F 62 16.17 17.22 -32.85
CA GLU F 62 14.86 17.05 -33.46
C GLU F 62 14.23 15.67 -33.10
N ASP F 63 15.05 14.69 -32.73
CA ASP F 63 14.53 13.36 -32.34
C ASP F 63 14.28 13.24 -30.83
N LEU F 64 14.47 14.33 -30.08
CA LEU F 64 14.15 14.32 -28.65
C LEU F 64 12.62 14.24 -28.49
N SER F 65 12.11 13.19 -27.85
CA SER F 65 10.68 13.08 -27.54
C SER F 65 10.19 14.07 -26.44
N LEU F 66 9.09 14.77 -26.66
CA LEU F 66 8.48 15.62 -25.63
C LEU F 66 7.96 14.81 -24.44
N GLU F 67 7.55 13.58 -24.71
CA GLU F 67 7.18 12.68 -23.67
C GLU F 67 8.39 12.42 -22.74
N GLU F 68 9.60 12.27 -23.30
CA GLU F 68 10.77 12.07 -22.47
C GLU F 68 11.07 13.30 -21.65
N VAL F 69 10.87 14.46 -22.24
CA VAL F 69 11.08 15.70 -21.54
C VAL F 69 10.18 15.78 -20.30
N ALA F 70 8.88 15.52 -20.47
CA ALA F 70 7.93 15.59 -19.35
C ALA F 70 8.16 14.51 -18.30
N GLU F 71 8.43 13.30 -18.74
CA GLU F 71 8.45 12.16 -17.84
C GLU F 71 9.82 11.91 -17.22
N ILE F 72 10.88 12.36 -17.90
CA ILE F 72 12.23 12.05 -17.49
C ILE F 72 13.09 13.30 -17.23
N TYR F 73 13.24 14.20 -18.22
CA TYR F 73 14.23 15.29 -18.03
C TYR F 73 13.79 16.42 -17.12
N LEU F 74 12.49 16.73 -17.10
CA LEU F 74 11.99 17.70 -16.16
C LEU F 74 12.18 17.19 -14.71
N PRO F 75 11.74 15.95 -14.38
CA PRO F 75 12.01 15.47 -13.00
C PRO F 75 13.48 15.30 -12.65
N LEU F 76 14.29 14.91 -13.63
CA LEU F 76 15.74 14.85 -13.43
C LEU F 76 16.34 16.21 -13.10
N SER F 77 15.98 17.23 -13.86
CA SER F 77 16.43 18.59 -13.55
C SER F 77 15.91 19.01 -12.18
N ARG F 78 14.71 18.57 -11.82
CA ARG F 78 14.11 18.96 -10.51
C ARG F 78 14.88 18.32 -9.36
N LEU F 79 15.31 17.09 -9.57
CA LEU F 79 16.10 16.34 -8.60
C LEU F 79 17.42 17.05 -8.38
N LEU F 80 18.09 17.38 -9.47
CA LEU F 80 19.34 18.11 -9.40
C LEU F 80 19.19 19.45 -8.67
N ASN F 81 18.09 20.16 -8.93
CA ASN F 81 17.83 21.39 -8.17
C ASN F 81 17.86 21.18 -6.62
N PHE F 82 17.32 20.08 -6.12
CA PHE F 82 17.38 19.82 -4.68
C PHE F 82 18.83 19.83 -4.19
N TYR F 83 19.71 19.19 -4.96
CA TYR F 83 21.11 19.11 -4.60
C TYR F 83 21.82 20.48 -4.71
N ILE F 84 21.56 21.21 -5.79
CA ILE F 84 22.20 22.50 -6.01
C ILE F 84 21.76 23.49 -4.96
N SER F 85 20.46 23.51 -4.69
CA SER F 85 19.88 24.44 -3.73
C SER F 85 20.41 24.20 -2.34
N SER F 86 20.49 22.94 -1.97
CA SER F 86 21.07 22.55 -0.67
C SER F 86 22.52 23.06 -0.55
N ASN F 87 23.28 22.93 -1.61
CA ASN F 87 24.65 23.40 -1.62
C ASN F 87 24.76 24.95 -1.47
N LEU F 88 23.91 25.68 -2.16
CA LEU F 88 23.89 27.14 -2.03
C LEU F 88 23.64 27.54 -0.58
N ARG F 89 22.71 26.88 0.07
CA ARG F 89 22.38 27.22 1.44
C ARG F 89 23.50 26.82 2.39
N ARG F 90 24.14 25.68 2.12
CA ARG F 90 25.27 25.30 2.93
C ARG F 90 26.37 26.35 2.80
N GLN F 91 26.66 26.79 1.57
CA GLN F 91 27.68 27.86 1.35
C GLN F 91 27.40 29.09 2.19
N ALA F 92 26.13 29.52 2.25
CA ALA F 92 25.78 30.73 2.98
C ALA F 92 25.98 30.51 4.48
N VAL F 93 25.57 29.35 5.00
CA VAL F 93 25.78 29.07 6.41
C VAL F 93 27.28 29.11 6.73
N LEU F 94 28.11 28.49 5.88
CA LEU F 94 29.56 28.44 6.15
C LEU F 94 30.26 29.78 5.95
N GLU F 95 29.82 30.60 4.99
CA GLU F 95 30.34 31.97 4.84
C GLU F 95 30.20 32.79 6.13
N GLN F 96 29.02 32.69 6.74
CA GLN F 96 28.77 33.32 8.04
C GLN F 96 29.74 32.77 9.09
N PHE F 97 29.69 31.46 9.32
CA PHE F 97 30.57 30.81 10.28
C PHE F 97 32.06 31.15 10.07
N LEU F 98 32.54 30.98 8.86
CA LEU F 98 33.97 31.09 8.57
C LEU F 98 34.42 32.53 8.37
N GLY F 99 33.47 33.44 8.26
CA GLY F 99 33.77 34.84 7.98
C GLY F 99 34.47 35.09 6.66
N THR F 100 34.17 34.29 5.64
CA THR F 100 34.82 34.46 4.35
C THR F 100 34.10 35.53 3.55
N ASN F 101 34.72 35.94 2.45
CA ASN F 101 34.22 37.03 1.61
C ASN F 101 33.10 36.62 0.67
N GLY F 102 32.76 35.33 0.66
CA GLY F 102 31.62 34.84 -0.08
C GLY F 102 31.75 34.82 -1.59
N GLN F 103 32.91 34.40 -2.11
CA GLN F 103 33.12 34.24 -3.55
C GLN F 103 32.22 33.14 -4.08
N ARG F 104 31.76 33.29 -5.31
CA ARG F 104 30.88 32.28 -5.91
C ARG F 104 31.69 31.16 -6.51
N ILE F 105 31.37 29.94 -6.09
CA ILE F 105 32.01 28.76 -6.66
C ILE F 105 30.92 28.05 -7.45
N PRO F 106 31.12 27.77 -8.74
CA PRO F 106 30.08 27.06 -9.50
C PRO F 106 29.86 25.62 -9.03
N TYR F 107 28.60 25.23 -9.04
CA TYR F 107 28.20 23.86 -8.88
C TYR F 107 28.49 23.14 -10.20
N ILE F 108 29.22 22.03 -10.14
CA ILE F 108 29.67 21.31 -11.36
C ILE F 108 29.01 19.97 -11.44
N ILE F 109 28.32 19.76 -12.55
CA ILE F 109 27.69 18.51 -12.88
C ILE F 109 28.47 17.89 -14.02
N SER F 110 28.85 16.61 -13.89
CA SER F 110 29.51 15.92 -14.98
C SER F 110 28.61 14.86 -15.55
N ILE F 111 28.81 14.57 -16.83
CA ILE F 111 28.02 13.57 -17.56
C ILE F 111 28.94 12.67 -18.36
N ALA F 112 28.98 11.39 -17.98
CA ALA F 112 29.83 10.36 -18.57
C ALA F 112 29.01 9.29 -19.31
N GLY F 113 29.71 8.40 -20.00
CA GLY F 113 29.07 7.38 -20.79
C GLY F 113 29.85 7.09 -22.06
N SER F 114 29.48 6.02 -22.72
CA SER F 114 30.00 5.67 -24.04
C SER F 114 29.85 6.73 -25.06
N VAL F 115 30.72 6.69 -26.07
CA VAL F 115 30.50 7.45 -27.29
C VAL F 115 29.10 7.06 -27.80
N ALA F 116 28.33 8.07 -28.23
CA ALA F 116 27.01 7.92 -28.80
C ALA F 116 25.88 7.42 -27.89
N VAL F 117 26.04 7.45 -26.56
CA VAL F 117 24.94 7.12 -25.64
C VAL F 117 23.93 8.29 -25.50
N GLY F 118 24.37 9.49 -25.85
CA GLY F 118 23.52 10.70 -25.72
C GLY F 118 23.99 11.67 -24.63
N LYS F 119 25.29 11.67 -24.35
CA LYS F 119 25.80 12.59 -23.33
C LYS F 119 25.53 14.07 -23.73
N SER F 120 25.81 14.43 -24.97
CA SER F 120 25.68 15.80 -25.42
C SER F 120 24.22 16.25 -25.40
N THR F 121 23.31 15.39 -25.85
CA THR F 121 21.88 15.72 -25.85
C THR F 121 21.39 15.90 -24.41
N THR F 122 21.76 14.95 -23.55
CA THR F 122 21.40 15.01 -22.14
C THR F 122 21.94 16.29 -21.53
N ALA F 123 23.21 16.63 -21.79
CA ALA F 123 23.79 17.83 -21.19
C ALA F 123 23.07 19.11 -21.61
N ARG F 124 22.74 19.19 -22.90
CA ARG F 124 22.08 20.34 -23.47
C ARG F 124 20.66 20.45 -22.96
N VAL F 125 19.96 19.33 -22.84
CA VAL F 125 18.63 19.36 -22.27
C VAL F 125 18.70 19.80 -20.82
N LEU F 126 19.62 19.25 -20.03
CA LEU F 126 19.73 19.63 -18.62
C LEU F 126 20.14 21.08 -18.43
N GLN F 127 20.98 21.59 -19.31
CA GLN F 127 21.35 23.00 -19.30
C GLN F 127 20.11 23.92 -19.52
N ALA F 128 19.28 23.60 -20.49
CA ALA F 128 18.12 24.43 -20.79
C ALA F 128 17.16 24.38 -19.61
N LEU F 129 16.89 23.21 -19.10
CA LEU F 129 15.93 23.06 -18.00
C LEU F 129 16.40 23.61 -16.64
N LEU F 130 17.67 23.38 -16.30
CA LEU F 130 18.20 23.89 -15.04
C LEU F 130 18.18 25.40 -15.03
N SER F 131 18.40 26.02 -16.20
CA SER F 131 18.47 27.48 -16.30
C SER F 131 17.12 28.14 -16.08
N ARG F 132 16.04 27.36 -16.01
CA ARG F 132 14.72 27.93 -15.72
C ARG F 132 14.51 28.22 -14.25
N TRP F 133 15.40 27.74 -13.38
CA TRP F 133 15.21 27.89 -11.91
C TRP F 133 15.90 29.14 -11.48
N PRO F 134 15.15 30.09 -10.89
CA PRO F 134 15.76 31.42 -10.63
C PRO F 134 16.99 31.43 -9.75
N GLU F 135 17.15 30.47 -8.83
CA GLU F 135 18.40 30.38 -8.06
C GLU F 135 19.64 30.03 -8.89
N HIS F 136 19.46 29.47 -10.10
CA HIS F 136 20.62 29.03 -10.91
C HIS F 136 20.37 29.14 -12.41
N ARG F 137 20.19 30.37 -12.85
CA ARG F 137 19.91 30.70 -14.25
C ARG F 137 21.12 30.61 -15.17
N HIS F 138 22.31 30.83 -14.65
CA HIS F 138 23.49 30.88 -15.49
C HIS F 138 24.16 29.51 -15.42
N VAL F 139 23.90 28.72 -16.47
CA VAL F 139 24.36 27.35 -16.58
C VAL F 139 25.23 27.27 -17.83
N GLU F 140 26.50 26.97 -17.65
CA GLU F 140 27.46 26.79 -18.79
C GLU F 140 27.62 25.32 -19.10
N LEU F 141 28.04 25.02 -20.34
CA LEU F 141 28.28 23.67 -20.78
C LEU F 141 29.66 23.58 -21.46
N ILE F 142 30.50 22.63 -21.01
CA ILE F 142 31.83 22.46 -21.59
C ILE F 142 31.97 21.02 -21.86
N THR F 143 32.49 20.64 -23.04
CA THR F 143 32.76 19.24 -23.34
C THR F 143 34.24 18.93 -23.17
N THR F 144 34.56 17.71 -22.72
CA THR F 144 35.93 17.29 -22.60
C THR F 144 36.60 17.02 -23.96
N ASP F 145 35.78 16.87 -25.02
CA ASP F 145 36.26 16.80 -26.43
C ASP F 145 37.29 17.90 -26.72
N GLY F 146 36.99 19.10 -26.22
CA GLY F 146 37.86 20.24 -26.42
C GLY F 146 39.28 20.03 -25.94
N PHE F 147 39.46 19.16 -24.92
CA PHE F 147 40.76 18.97 -24.28
C PHE F 147 41.55 17.82 -24.89
N LEU F 148 41.02 17.23 -25.96
CA LEU F 148 41.77 16.32 -26.78
C LEU F 148 42.96 17.05 -27.39
N HIS F 149 44.10 16.38 -27.51
CA HIS F 149 45.19 16.90 -28.35
C HIS F 149 44.70 17.10 -29.76
N PRO F 150 45.15 18.18 -30.41
CA PRO F 150 44.83 18.41 -31.83
C PRO F 150 45.21 17.20 -32.70
N ASN F 151 44.54 17.08 -33.86
CA ASN F 151 44.83 15.99 -34.79
C ASN F 151 46.32 15.95 -35.12
N SER F 152 46.89 17.13 -35.34
CA SER F 152 48.32 17.21 -35.65
C SER F 152 49.20 16.57 -34.55
N VAL F 153 48.90 16.82 -33.27
CA VAL F 153 49.69 16.22 -32.16
C VAL F 153 49.43 14.71 -32.04
N LEU F 154 48.19 14.31 -32.29
CA LEU F 154 47.83 12.89 -32.24
C LEU F 154 48.53 12.13 -33.36
N LYS F 155 48.49 12.69 -34.58
CA LYS F 155 49.22 12.11 -35.72
C LYS F 155 50.67 11.89 -35.35
N GLU F 156 51.32 12.97 -34.91
CA GLU F 156 52.70 12.91 -34.38
C GLU F 156 52.99 11.78 -33.43
N ARG F 157 52.02 11.42 -32.55
CA ARG F 157 52.24 10.36 -31.54
C ARG F 157 51.68 9.01 -31.92
N GLY F 158 51.16 8.88 -33.14
CA GLY F 158 50.59 7.61 -33.59
C GLY F 158 49.26 7.23 -32.95
N LEU F 159 48.51 8.24 -32.50
CA LEU F 159 47.29 8.03 -31.69
C LEU F 159 45.98 8.41 -32.40
N MET F 160 46.02 8.56 -33.71
CA MET F 160 44.88 9.01 -34.44
C MET F 160 43.74 7.98 -34.36
N LYS F 161 44.04 6.70 -34.28
CA LYS F 161 43.03 5.68 -34.05
C LYS F 161 42.72 5.46 -32.54
N LYS F 162 43.18 6.34 -31.67
CA LYS F 162 42.96 6.19 -30.24
C LYS F 162 42.30 7.48 -29.71
N LYS F 163 41.64 8.21 -30.60
CA LYS F 163 40.90 9.39 -30.18
C LYS F 163 39.80 8.96 -29.19
N GLY F 164 39.83 9.59 -28.02
CA GLY F 164 38.95 9.27 -26.90
C GLY F 164 39.55 8.37 -25.82
N PHE F 165 40.66 7.69 -26.13
CA PHE F 165 41.38 6.89 -25.14
C PHE F 165 42.18 7.87 -24.27
N PRO F 166 42.56 7.46 -23.08
CA PRO F 166 43.22 8.38 -22.18
C PRO F 166 44.43 9.13 -22.76
N GLN F 167 45.28 8.45 -23.55
CA GLN F 167 46.45 9.09 -24.15
C GLN F 167 46.11 10.19 -25.15
N SER F 168 44.88 10.24 -25.63
CA SER F 168 44.46 11.28 -26.57
C SER F 168 44.09 12.59 -25.91
N TYR F 169 44.05 12.60 -24.56
CA TYR F 169 43.58 13.78 -23.82
C TYR F 169 44.74 14.54 -23.18
N ASP F 170 44.64 15.87 -23.23
CA ASP F 170 45.44 16.74 -22.41
C ASP F 170 44.77 16.78 -21.03
N MET F 171 44.91 15.67 -20.29
CA MET F 171 44.18 15.48 -19.06
C MET F 171 44.60 16.47 -17.98
N HIS F 172 45.88 16.75 -17.85
CA HIS F 172 46.30 17.79 -16.88
C HIS F 172 45.59 19.14 -17.09
N ARG F 173 45.41 19.52 -18.35
CA ARG F 173 44.75 20.79 -18.65
C ARG F 173 43.24 20.78 -18.26
N LEU F 174 42.57 19.67 -18.53
CA LEU F 174 41.18 19.46 -18.10
C LEU F 174 41.02 19.51 -16.56
N VAL F 175 41.87 18.81 -15.82
CA VAL F 175 41.81 18.88 -14.35
C VAL F 175 42.02 20.32 -13.85
N LYS F 176 42.98 21.00 -14.44
CA LYS F 176 43.26 22.37 -14.08
C LYS F 176 42.08 23.30 -14.29
N PHE F 177 41.38 23.08 -15.40
CA PHE F 177 40.22 23.88 -15.75
C PHE F 177 39.15 23.72 -14.69
N VAL F 178 38.84 22.47 -14.28
CA VAL F 178 37.85 22.31 -13.22
C VAL F 178 38.41 22.79 -11.86
N SER F 179 39.69 22.57 -11.64
CA SER F 179 40.34 23.06 -10.44
C SER F 179 40.28 24.61 -10.32
N ASP F 180 40.55 25.29 -11.44
CA ASP F 180 40.45 26.76 -11.46
C ASP F 180 39.01 27.22 -11.18
N LEU F 181 38.03 26.57 -11.78
CA LEU F 181 36.64 26.88 -11.45
C LEU F 181 36.39 26.69 -9.95
N LYS F 182 36.87 25.59 -9.38
CA LYS F 182 36.67 25.33 -7.95
C LYS F 182 37.56 26.19 -7.02
N SER F 183 38.39 27.05 -7.63
CA SER F 183 39.25 28.02 -6.92
C SER F 183 38.63 29.38 -6.90
N GLY F 184 37.61 29.58 -7.72
CA GLY F 184 36.91 30.86 -7.76
C GLY F 184 37.52 31.89 -8.72
N VAL F 185 38.27 31.45 -9.72
CA VAL F 185 38.83 32.38 -10.69
C VAL F 185 37.66 33.10 -11.40
N PRO F 186 37.83 34.40 -11.68
CA PRO F 186 36.72 35.15 -12.31
C PRO F 186 36.39 34.60 -13.68
N GLN F 187 37.40 34.11 -14.39
CA GLN F 187 37.17 33.42 -15.66
C GLN F 187 38.23 32.40 -15.97
N ALA F 188 37.83 31.36 -16.70
CA ALA F 188 38.72 30.32 -17.17
C ALA F 188 38.36 29.99 -18.59
N THR F 189 39.35 29.53 -19.33
CA THR F 189 39.23 29.34 -20.73
C THR F 189 39.42 27.87 -21.07
N ALA F 190 38.58 27.38 -21.97
CA ALA F 190 38.59 25.99 -22.37
C ALA F 190 38.74 25.93 -23.89
N PRO F 191 39.63 25.06 -24.38
CA PRO F 191 39.62 24.82 -25.83
C PRO F 191 38.32 24.14 -26.23
N VAL F 192 37.95 24.24 -27.51
CA VAL F 192 36.68 23.73 -28.03
C VAL F 192 36.92 22.85 -29.25
N TYR F 193 36.01 21.88 -29.42
CA TYR F 193 36.09 20.84 -30.43
C TYR F 193 34.89 20.92 -31.34
N SER F 194 35.05 20.50 -32.59
CA SER F 194 33.91 20.34 -33.52
C SER F 194 33.96 18.97 -34.16
N HIS F 195 32.89 18.19 -33.97
CA HIS F 195 32.77 16.86 -34.57
C HIS F 195 32.67 16.96 -36.11
N LEU F 196 32.12 18.08 -36.58
CA LEU F 196 31.99 18.34 -38.00
C LEU F 196 33.35 18.48 -38.71
N ILE F 197 34.36 19.07 -38.05
CA ILE F 197 35.74 19.10 -38.60
C ILE F 197 36.68 18.08 -37.93
N TYR F 198 36.11 17.27 -37.04
CA TYR F 198 36.83 16.19 -36.38
C TYR F 198 38.10 16.70 -35.69
N ASP F 199 38.02 17.83 -35.01
CA ASP F 199 39.22 18.42 -34.41
C ASP F 199 38.92 19.56 -33.45
N VAL F 200 39.97 19.94 -32.73
CA VAL F 200 39.99 21.13 -31.87
C VAL F 200 39.92 22.34 -32.78
N ILE F 201 39.12 23.34 -32.43
CA ILE F 201 38.98 24.55 -33.27
C ILE F 201 40.19 25.43 -33.00
N PRO F 202 41.02 25.69 -34.03
CA PRO F 202 42.36 26.31 -33.88
C PRO F 202 42.42 27.59 -33.04
N ASP F 203 41.37 28.39 -33.07
CA ASP F 203 41.31 29.62 -32.31
C ASP F 203 39.96 29.76 -31.57
N GLY F 204 39.32 28.62 -31.29
CA GLY F 204 37.90 28.61 -30.88
C GLY F 204 37.60 28.68 -29.39
N ASP F 205 38.60 29.02 -28.56
CA ASP F 205 38.46 28.97 -27.09
C ASP F 205 37.29 29.71 -26.46
N LYS F 206 36.66 29.04 -25.50
CA LYS F 206 35.47 29.51 -24.84
C LYS F 206 35.87 29.94 -23.45
N THR F 207 35.44 31.12 -23.04
CA THR F 207 35.75 31.62 -21.72
C THR F 207 34.51 31.51 -20.88
N VAL F 208 34.70 31.04 -19.66
CA VAL F 208 33.61 30.84 -18.72
C VAL F 208 33.80 31.80 -17.54
N ALA F 209 32.72 32.44 -17.11
CA ALA F 209 32.77 33.49 -16.10
C ALA F 209 31.82 33.22 -14.93
N GLN F 210 32.31 32.52 -13.94
CA GLN F 210 31.57 32.25 -12.69
C GLN F 210 30.04 31.94 -12.85
N PRO F 211 29.69 30.93 -13.69
CA PRO F 211 28.31 30.48 -13.78
C PRO F 211 27.82 29.95 -12.46
N ASP F 212 26.51 29.84 -12.34
CA ASP F 212 25.90 29.20 -11.17
C ASP F 212 26.19 27.74 -11.26
N ILE F 213 26.06 27.19 -12.47
CA ILE F 213 26.30 25.79 -12.70
C ILE F 213 27.15 25.60 -13.95
N LEU F 214 28.07 24.65 -13.88
CA LEU F 214 28.78 24.23 -15.07
C LEU F 214 28.54 22.73 -15.28
N ILE F 215 28.08 22.37 -16.49
CA ILE F 215 27.92 20.97 -16.89
C ILE F 215 29.13 20.58 -17.69
N LEU F 216 29.81 19.52 -17.25
CA LEU F 216 31.03 19.03 -17.92
C LEU F 216 30.71 17.69 -18.54
N GLU F 217 30.65 17.65 -19.86
CA GLU F 217 30.19 16.50 -20.60
C GLU F 217 31.37 15.78 -21.30
N GLY F 218 31.59 14.52 -21.01
CA GLY F 218 32.60 13.75 -21.71
C GLY F 218 32.73 12.34 -21.21
N LEU F 219 33.23 11.45 -22.06
CA LEU F 219 33.36 10.04 -21.71
C LEU F 219 34.31 9.79 -20.54
N ASN F 220 35.26 10.73 -20.29
CA ASN F 220 36.32 10.53 -19.32
C ASN F 220 36.18 11.26 -17.97
N VAL F 221 35.01 11.84 -17.70
CA VAL F 221 34.83 12.67 -16.47
C VAL F 221 34.89 11.85 -15.16
N LEU F 222 34.70 10.54 -15.24
CA LEU F 222 34.80 9.67 -14.07
C LEU F 222 36.14 8.90 -14.00
N GLN F 223 37.02 9.17 -14.96
CA GLN F 223 38.34 8.53 -14.99
C GLN F 223 39.25 9.14 -13.90
N SER F 224 40.34 8.45 -13.63
CA SER F 224 41.27 8.88 -12.63
C SER F 224 42.70 8.59 -13.06
N GLY F 225 43.66 8.88 -12.18
CA GLY F 225 45.08 8.60 -12.41
C GLY F 225 45.38 7.18 -12.88
N MET F 226 44.60 6.22 -12.41
CA MET F 226 44.83 4.85 -12.80
C MET F 226 44.68 4.68 -14.30
N ASP F 227 43.86 5.50 -14.93
CA ASP F 227 43.64 5.37 -16.39
C ASP F 227 44.69 6.10 -17.19
N TYR F 228 45.55 6.88 -16.52
CA TYR F 228 46.57 7.67 -17.19
C TYR F 228 47.98 7.31 -16.66
N PRO F 229 48.34 6.00 -16.68
CA PRO F 229 49.66 5.52 -16.15
C PRO F 229 50.86 6.05 -16.95
N HIS F 230 50.63 6.38 -18.21
CA HIS F 230 51.66 6.99 -19.06
C HIS F 230 52.02 8.38 -18.57
N ASP F 231 51.17 8.99 -17.75
CA ASP F 231 51.36 10.36 -17.33
C ASP F 231 50.40 10.66 -16.19
N PRO F 232 50.71 10.16 -14.98
CA PRO F 232 49.78 10.18 -13.83
C PRO F 232 49.34 11.55 -13.29
N HIS F 233 48.08 11.63 -12.84
CA HIS F 233 47.65 12.78 -12.07
C HIS F 233 47.06 12.22 -10.81
N HIS F 234 47.03 13.04 -9.77
CA HIS F 234 46.82 12.57 -8.41
C HIS F 234 45.61 13.23 -7.74
N VAL F 235 45.03 14.24 -8.39
CA VAL F 235 43.72 14.77 -8.02
C VAL F 235 42.90 14.70 -9.31
N PHE F 236 41.67 14.18 -9.22
CA PHE F 236 40.89 13.76 -10.39
C PHE F 236 39.80 14.76 -10.76
N VAL F 237 39.26 14.65 -11.97
CA VAL F 237 38.16 15.50 -12.38
C VAL F 237 37.04 15.45 -11.35
N SER F 238 36.73 14.23 -10.91
CA SER F 238 35.66 13.97 -9.92
C SER F 238 35.82 14.69 -8.58
N ASP F 239 37.08 14.95 -8.20
CA ASP F 239 37.38 15.70 -7.00
C ASP F 239 36.95 17.18 -7.09
N PHE F 240 36.58 17.64 -8.29
CA PHE F 240 36.11 19.00 -8.54
C PHE F 240 34.68 19.01 -9.11
N VAL F 241 33.98 17.89 -8.96
CA VAL F 241 32.64 17.71 -9.48
C VAL F 241 31.71 17.42 -8.31
N ASP F 242 30.59 18.11 -8.26
CA ASP F 242 29.58 17.93 -7.20
C ASP F 242 28.69 16.74 -7.43
N PHE F 243 28.29 16.52 -8.69
CA PHE F 243 27.30 15.52 -9.01
C PHE F 243 27.61 14.97 -10.38
N SER F 244 27.77 13.65 -10.48
CA SER F 244 28.08 13.04 -11.76
C SER F 244 26.96 12.11 -12.20
N ILE F 245 26.69 12.13 -13.50
CA ILE F 245 25.69 11.27 -14.12
C ILE F 245 26.41 10.38 -15.11
N TYR F 246 26.17 9.08 -15.04
CA TYR F 246 26.61 8.14 -16.07
C TYR F 246 25.40 7.72 -16.86
N VAL F 247 25.42 8.00 -18.16
CA VAL F 247 24.34 7.58 -19.05
C VAL F 247 24.70 6.22 -19.62
N ASP F 248 23.82 5.25 -19.44
CA ASP F 248 24.15 3.85 -19.68
C ASP F 248 23.21 3.26 -20.74
N ALA F 249 23.74 2.38 -21.56
CA ALA F 249 22.92 1.57 -22.49
C ALA F 249 23.68 0.31 -22.89
N PRO F 250 22.96 -0.77 -23.24
CA PRO F 250 23.67 -1.96 -23.69
C PRO F 250 24.40 -1.71 -24.99
N GLU F 251 25.47 -2.46 -25.16
CA GLU F 251 26.43 -2.31 -26.26
C GLU F 251 25.75 -2.28 -27.65
N GLU F 252 24.77 -3.15 -27.86
CA GLU F 252 24.10 -3.23 -29.14
C GLU F 252 23.25 -1.99 -29.48
N LEU F 253 22.71 -1.31 -28.46
CA LEU F 253 22.02 -0.06 -28.72
C LEU F 253 23.03 1.02 -29.10
N LEU F 254 24.13 1.04 -28.36
CA LEU F 254 25.19 2.00 -28.57
C LEU F 254 25.74 1.88 -30.01
N LYS F 255 25.96 0.66 -30.48
CA LYS F 255 26.50 0.44 -31.83
C LYS F 255 25.55 1.05 -32.87
N SER F 256 24.26 0.73 -32.70
CA SER F 256 23.25 1.18 -33.61
C SER F 256 23.13 2.70 -33.61
N TRP F 257 23.26 3.31 -32.44
CA TRP F 257 23.16 4.73 -32.34
C TRP F 257 24.39 5.40 -32.93
N TYR F 258 25.55 4.80 -32.71
CA TYR F 258 26.77 5.31 -33.31
C TYR F 258 26.66 5.28 -34.84
N ILE F 259 26.27 4.14 -35.38
CA ILE F 259 26.23 3.95 -36.85
C ILE F 259 25.22 4.93 -37.43
N ASN F 260 24.01 4.96 -36.87
N ASN F 260 24.02 4.96 -36.85
CA ASN F 260 22.96 5.89 -37.34
CA ASN F 260 22.98 5.88 -37.32
C ASN F 260 23.41 7.35 -37.27
C ASN F 260 23.42 7.34 -37.28
N ARG F 261 24.17 7.71 -36.26
CA ARG F 261 24.66 9.10 -36.13
C ARG F 261 25.71 9.38 -37.23
N PHE F 262 26.58 8.40 -37.47
CA PHE F 262 27.53 8.49 -38.55
C PHE F 262 26.78 8.71 -39.87
N LEU F 263 25.75 7.91 -40.12
CA LEU F 263 24.98 8.06 -41.36
C LEU F 263 24.34 9.44 -41.49
N LYS F 264 23.85 10.02 -40.39
CA LYS F 264 23.35 11.41 -40.39
C LYS F 264 24.41 12.42 -40.75
N PHE F 265 25.61 12.27 -40.21
CA PHE F 265 26.75 13.13 -40.61
C PHE F 265 27.05 12.95 -42.10
N ARG F 266 26.93 11.72 -42.61
CA ARG F 266 27.14 11.48 -44.04
C ARG F 266 26.08 12.22 -44.88
N GLU F 267 24.83 12.11 -44.47
CA GLU F 267 23.71 12.84 -45.08
C GLU F 267 23.94 14.33 -45.16
N GLY F 268 24.38 14.94 -44.06
CA GLY F 268 24.75 16.36 -44.08
C GLY F 268 25.90 16.61 -45.07
N ALA F 269 26.90 15.73 -45.07
CA ALA F 269 28.04 15.90 -45.97
C ALA F 269 27.69 15.80 -47.48
N PHE F 270 26.56 15.16 -47.84
CA PHE F 270 26.12 15.13 -49.25
C PHE F 270 26.17 16.52 -49.87
N THR F 271 25.89 17.56 -49.06
CA THR F 271 25.85 18.93 -49.55
C THR F 271 26.69 19.94 -48.76
N ASP F 272 27.54 19.46 -47.86
CA ASP F 272 28.47 20.35 -47.16
C ASP F 272 29.92 19.88 -47.38
N PRO F 273 30.63 20.47 -48.38
CA PRO F 273 31.99 20.00 -48.71
C PRO F 273 33.03 20.30 -47.63
N ASP F 274 32.69 21.22 -46.73
CA ASP F 274 33.52 21.52 -45.56
C ASP F 274 33.38 20.51 -44.41
N SER F 275 32.37 19.64 -44.45
CA SER F 275 32.28 18.54 -43.48
C SER F 275 33.46 17.64 -43.62
N TYR F 276 34.07 17.30 -42.50
CA TYR F 276 35.09 16.24 -42.50
C TYR F 276 34.57 14.98 -43.14
N PHE F 277 33.25 14.83 -43.22
CA PHE F 277 32.58 13.63 -43.77
C PHE F 277 32.31 13.69 -45.32
N HIS F 278 32.83 14.72 -45.98
CA HIS F 278 32.49 14.95 -47.39
C HIS F 278 32.78 13.73 -48.24
N ASN F 279 33.87 13.01 -47.97
CA ASN F 279 34.24 11.87 -48.81
C ASN F 279 33.40 10.66 -48.58
N TYR F 280 32.96 10.45 -47.34
CA TYR F 280 32.01 9.34 -47.04
C TYR F 280 30.67 9.49 -47.83
N ALA F 281 30.33 10.75 -48.13
CA ALA F 281 29.13 11.08 -48.89
C ALA F 281 29.26 10.70 -50.38
N LYS F 282 30.49 10.43 -50.83
CA LYS F 282 30.77 9.89 -52.16
C LYS F 282 30.79 8.38 -52.20
N LEU F 283 30.72 7.72 -51.04
CA LEU F 283 30.69 6.24 -51.03
C LEU F 283 29.29 5.67 -51.13
N SER F 284 29.20 4.39 -51.45
CA SER F 284 27.95 3.66 -51.27
C SER F 284 27.59 3.64 -49.78
N LYS F 285 26.33 3.35 -49.50
CA LYS F 285 25.83 3.27 -48.13
C LYS F 285 26.37 2.04 -47.44
N GLU F 286 26.46 0.95 -48.19
CA GLU F 286 27.04 -0.28 -47.71
C GLU F 286 28.44 -0.04 -47.21
N GLU F 287 29.25 0.65 -48.01
CA GLU F 287 30.63 0.89 -47.61
C GLU F 287 30.69 1.88 -46.42
N ALA F 288 29.86 2.92 -46.44
CA ALA F 288 29.83 3.86 -45.31
C ALA F 288 29.50 3.12 -44.03
N VAL F 289 28.53 2.21 -44.10
CA VAL F 289 28.14 1.44 -42.95
C VAL F 289 29.31 0.59 -42.51
N ASP F 290 29.99 -0.04 -43.47
CA ASP F 290 31.14 -0.90 -43.13
C ASP F 290 32.16 -0.13 -42.37
N ILE F 291 32.47 1.09 -42.82
CA ILE F 291 33.43 1.96 -42.16
C ILE F 291 32.95 2.40 -40.73
N ALA F 292 31.68 2.79 -40.60
CA ALA F 292 31.14 3.18 -39.31
C ALA F 292 31.22 2.00 -38.34
N THR F 293 30.86 0.82 -38.84
CA THR F 293 30.89 -0.39 -38.03
C THR F 293 32.28 -0.66 -37.51
N SER F 294 33.30 -0.43 -38.35
CA SER F 294 34.72 -0.60 -37.97
C SER F 294 35.22 0.42 -37.00
N LEU F 295 34.83 1.68 -37.22
CA LEU F 295 35.13 2.74 -36.26
C LEU F 295 34.60 2.40 -34.86
N TRP F 296 33.40 1.85 -34.79
CA TRP F 296 32.82 1.40 -33.52
C TRP F 296 33.59 0.25 -32.87
N ASN F 297 33.71 -0.86 -33.59
CA ASN F 297 34.37 -2.07 -33.09
C ASN F 297 35.84 -1.89 -32.71
N GLU F 298 36.60 -1.12 -33.49
CA GLU F 298 38.04 -1.05 -33.29
C GLU F 298 38.43 0.08 -32.33
N ILE F 299 37.65 1.17 -32.30
CA ILE F 299 37.98 2.31 -31.47
C ILE F 299 36.97 2.48 -30.30
N ASN F 300 35.75 2.90 -30.60
CA ASN F 300 34.83 3.30 -29.51
C ASN F 300 34.42 2.18 -28.59
N LEU F 301 34.18 0.99 -29.13
CA LEU F 301 33.82 -0.17 -28.32
C LEU F 301 34.95 -0.63 -27.40
N MET F 302 36.18 -0.61 -27.91
CA MET F 302 37.32 -0.98 -27.09
C MET F 302 37.51 0.09 -25.97
N ASN F 303 37.32 1.34 -26.30
CA ASN F 303 37.39 2.43 -25.32
C ASN F 303 36.29 2.22 -24.23
N LEU F 304 35.10 1.90 -24.68
CA LEU F 304 34.03 1.60 -23.74
C LEU F 304 34.42 0.53 -22.73
N LYS F 305 34.92 -0.57 -23.25
CA LYS F 305 35.19 -1.75 -22.46
C LYS F 305 36.39 -1.56 -21.56
N GLU F 306 37.41 -0.87 -22.04
CA GLU F 306 38.62 -0.78 -21.28
C GLU F 306 38.63 0.42 -20.37
N ASN F 307 38.01 1.53 -20.77
CA ASN F 307 38.17 2.79 -20.07
C ASN F 307 36.90 3.47 -19.55
N ILE F 308 35.74 3.22 -20.16
CA ILE F 308 34.54 3.97 -19.80
C ILE F 308 33.62 3.20 -18.85
N LEU F 309 33.23 2.02 -19.23
CA LEU F 309 32.33 1.21 -18.44
C LEU F 309 32.87 0.92 -17.03
N PRO F 310 34.19 0.78 -16.86
CA PRO F 310 34.64 0.49 -15.47
C PRO F 310 34.46 1.67 -14.49
N THR F 311 34.18 2.86 -15.00
CA THR F 311 34.01 4.03 -14.14
C THR F 311 32.58 4.23 -13.70
N ARG F 312 31.65 3.41 -14.20
CA ARG F 312 30.21 3.67 -14.05
C ARG F 312 29.76 3.82 -12.60
N GLU F 313 30.32 3.00 -11.73
CA GLU F 313 29.88 2.95 -10.31
C GLU F 313 30.51 4.09 -9.48
N ARG F 314 31.33 4.93 -10.12
CA ARG F 314 31.79 6.17 -9.52
C ARG F 314 30.76 7.32 -9.58
N ALA F 315 29.69 7.16 -10.34
CA ALA F 315 28.72 8.20 -10.58
C ALA F 315 27.75 8.36 -9.42
N SER F 316 27.32 9.60 -9.21
CA SER F 316 26.23 9.94 -8.30
C SER F 316 24.94 9.31 -8.78
N LEU F 317 24.69 9.37 -10.09
CA LEU F 317 23.43 8.85 -10.66
C LEU F 317 23.67 8.10 -11.97
N ILE F 318 23.05 6.94 -12.12
CA ILE F 318 23.14 6.20 -13.36
C ILE F 318 21.76 6.19 -13.97
N MET F 319 21.64 6.79 -15.17
CA MET F 319 20.47 6.67 -16.01
C MET F 319 20.66 5.74 -17.19
N THR F 320 19.79 4.74 -17.25
CA THR F 320 19.87 3.69 -18.23
C THR F 320 18.81 3.91 -19.31
N LYS F 321 19.21 3.75 -20.56
CA LYS F 321 18.35 3.96 -21.71
C LYS F 321 17.98 2.65 -22.43
N SER F 322 16.85 2.67 -23.10
CA SER F 322 16.40 1.53 -23.90
C SER F 322 16.37 1.96 -25.38
N ALA F 323 15.83 1.10 -26.24
CA ALA F 323 16.17 1.15 -27.68
C ALA F 323 15.89 2.47 -28.40
N ASN F 324 14.79 3.14 -28.03
CA ASN F 324 14.40 4.39 -28.66
C ASN F 324 14.89 5.63 -27.89
N HIS F 325 15.95 5.45 -27.10
CA HIS F 325 16.53 6.45 -26.19
C HIS F 325 15.73 6.76 -24.95
N SER F 326 14.63 6.08 -24.72
CA SER F 326 13.89 6.43 -23.51
C SER F 326 14.55 5.81 -22.27
N VAL F 327 14.51 6.57 -21.17
CA VAL F 327 15.13 6.16 -19.92
C VAL F 327 14.19 5.20 -19.21
N ASN F 328 14.71 4.06 -18.85
CA ASN F 328 13.93 3.00 -18.25
C ASN F 328 14.34 2.70 -16.80
N GLN F 329 15.43 3.32 -16.33
CA GLN F 329 15.94 3.06 -14.99
C GLN F 329 16.80 4.23 -14.52
N VAL F 330 16.55 4.72 -13.31
CA VAL F 330 17.33 5.77 -12.73
C VAL F 330 17.78 5.30 -11.35
N ARG F 331 19.10 5.24 -11.19
CA ARG F 331 19.75 4.87 -9.93
C ARG F 331 20.53 6.03 -9.29
N LEU F 332 20.23 6.32 -8.03
CA LEU F 332 20.86 7.43 -7.31
C LEU F 332 21.58 6.96 -6.05
N ARG F 333 22.80 7.46 -5.83
CA ARG F 333 23.53 7.12 -4.63
C ARG F 333 22.71 7.48 -3.37
N LYS F 334 22.68 6.54 -2.42
CA LYS F 334 21.95 6.69 -1.14
C LYS F 334 22.68 7.62 -0.23
N MET G 27 4.79 -12.60 13.22
CA MET G 27 3.69 -13.36 12.54
C MET G 27 3.14 -14.46 13.45
N THR G 28 1.82 -14.59 13.52
CA THR G 28 1.19 -15.67 14.29
C THR G 28 0.27 -16.47 13.36
N PRO G 29 -0.27 -17.61 13.84
CA PRO G 29 -1.20 -18.39 13.04
C PRO G 29 -2.58 -17.73 12.76
N TYR G 30 -2.81 -16.55 13.34
CA TYR G 30 -4.09 -15.82 13.23
C TYR G 30 -3.91 -14.53 12.47
N LEU G 31 -4.77 -14.29 11.50
CA LEU G 31 -4.88 -12.94 10.95
C LEU G 31 -5.81 -12.17 11.86
N GLN G 32 -5.54 -10.90 11.99
CA GLN G 32 -6.34 -10.00 12.79
C GLN G 32 -7.12 -9.10 11.84
N PHE G 33 -8.43 -9.17 11.88
CA PHE G 33 -9.25 -8.38 10.99
C PHE G 33 -8.97 -6.91 11.23
N ASN G 34 -8.76 -6.13 10.16
CA ASN G 34 -8.79 -4.68 10.26
C ASN G 34 -10.20 -4.25 9.89
N ARG G 35 -10.51 -2.99 10.20
CA ARG G 35 -11.87 -2.44 10.05
C ARG G 35 -12.46 -2.56 8.61
N HIS G 36 -11.60 -2.44 7.62
CA HIS G 36 -11.98 -2.50 6.23
C HIS G 36 -12.33 -3.90 5.81
N GLN G 37 -11.58 -4.87 6.27
CA GLN G 37 -11.91 -6.26 6.02
C GLN G 37 -13.27 -6.64 6.68
N TRP G 38 -13.45 -6.19 7.91
CA TRP G 38 -14.68 -6.47 8.67
C TRP G 38 -15.90 -5.79 8.04
N ALA G 39 -15.69 -4.56 7.55
CA ALA G 39 -16.77 -3.84 6.92
C ALA G 39 -17.14 -4.55 5.62
N ALA G 40 -16.16 -5.01 4.86
CA ALA G 40 -16.45 -5.70 3.61
C ALA G 40 -17.21 -7.02 3.85
N LEU G 41 -16.92 -7.67 4.96
CA LEU G 41 -17.69 -8.85 5.41
C LEU G 41 -19.11 -8.45 5.75
N ARG G 42 -19.25 -7.41 6.56
CA ARG G 42 -20.56 -6.94 7.00
C ARG G 42 -21.42 -6.57 5.80
N ASP G 43 -20.81 -5.97 4.79
CA ASP G 43 -21.53 -5.42 3.62
C ASP G 43 -21.66 -6.40 2.44
N SER G 44 -21.26 -7.65 2.65
CA SER G 44 -21.18 -8.63 1.56
C SER G 44 -22.53 -9.17 1.16
N VAL G 45 -23.56 -8.99 1.98
CA VAL G 45 -24.92 -9.48 1.66
C VAL G 45 -25.91 -8.48 2.22
N PRO G 46 -27.19 -8.57 1.80
CA PRO G 46 -28.21 -7.92 2.61
C PRO G 46 -28.53 -8.88 3.75
N MET G 47 -28.31 -8.49 4.98
CA MET G 47 -28.72 -9.43 6.06
C MET G 47 -29.26 -8.72 7.27
N THR G 48 -29.85 -7.56 7.03
CA THR G 48 -30.45 -6.82 8.10
C THR G 48 -31.78 -7.52 8.49
N LEU G 49 -32.15 -7.35 9.75
CA LEU G 49 -33.19 -8.14 10.40
C LEU G 49 -34.53 -7.47 10.22
N THR G 50 -35.62 -8.25 10.20
CA THR G 50 -36.98 -7.69 10.32
C THR G 50 -37.26 -7.26 11.76
N GLU G 51 -38.41 -6.63 11.97
CA GLU G 51 -38.79 -6.18 13.31
C GLU G 51 -39.00 -7.34 14.28
N ASP G 52 -39.69 -8.38 13.82
CA ASP G 52 -39.88 -9.59 14.64
C ASP G 52 -38.55 -10.24 15.08
N GLU G 53 -37.62 -10.39 14.15
CA GLU G 53 -36.29 -10.91 14.49
C GLU G 53 -35.56 -10.02 15.52
N ILE G 54 -35.58 -8.70 15.29
CA ILE G 54 -35.01 -7.75 16.25
C ILE G 54 -35.57 -7.98 17.65
N THR G 55 -36.86 -8.29 17.75
CA THR G 55 -37.48 -8.49 19.06
C THR G 55 -37.02 -9.81 19.70
N ARG G 56 -37.03 -10.89 18.94
CA ARG G 56 -36.54 -12.17 19.45
C ARG G 56 -35.09 -12.06 19.95
N LEU G 57 -34.22 -11.40 19.17
CA LEU G 57 -32.85 -11.16 19.65
C LEU G 57 -32.85 -10.42 20.98
N LYS G 58 -33.66 -9.38 21.07
CA LYS G 58 -33.83 -8.64 22.33
C LYS G 58 -34.22 -9.55 23.46
N GLY G 59 -35.08 -10.53 23.18
CA GLY G 59 -35.48 -11.55 24.14
C GLY G 59 -34.35 -12.44 24.65
N ILE G 60 -33.31 -12.60 23.84
CA ILE G 60 -32.18 -13.42 24.26
C ILE G 60 -31.44 -12.79 25.40
N ASN G 61 -31.22 -11.48 25.30
CA ASN G 61 -30.55 -10.76 26.36
C ASN G 61 -30.88 -9.25 26.32
N GLU G 62 -31.56 -8.80 27.37
CA GLU G 62 -31.96 -7.39 27.55
C GLU G 62 -30.82 -6.43 27.29
N ASP G 63 -29.65 -6.79 27.77
CA ASP G 63 -28.49 -5.93 27.69
C ASP G 63 -27.77 -5.97 26.32
N LEU G 64 -28.21 -6.82 25.41
CA LEU G 64 -27.52 -6.94 24.12
C LEU G 64 -27.80 -5.72 23.23
N SER G 65 -26.75 -5.09 22.77
CA SER G 65 -26.87 -3.91 21.92
C SER G 65 -27.20 -4.31 20.47
N LEU G 66 -28.22 -3.68 19.89
CA LEU G 66 -28.55 -3.96 18.48
C LEU G 66 -27.46 -3.49 17.56
N GLU G 67 -26.74 -2.45 17.97
CA GLU G 67 -25.63 -1.98 17.18
C GLU G 67 -24.56 -3.05 17.16
N GLU G 68 -24.35 -3.68 18.30
CA GLU G 68 -23.42 -4.75 18.36
C GLU G 68 -23.90 -5.93 17.45
N VAL G 69 -25.21 -6.19 17.41
CA VAL G 69 -25.76 -7.21 16.50
C VAL G 69 -25.47 -6.87 15.04
N ALA G 70 -25.57 -5.57 14.72
CA ALA G 70 -25.36 -5.07 13.37
C ALA G 70 -23.90 -5.09 12.96
N GLU G 71 -23.05 -4.55 13.80
CA GLU G 71 -21.63 -4.40 13.46
C GLU G 71 -20.77 -5.61 13.75
N ILE G 72 -21.23 -6.50 14.63
CA ILE G 72 -20.41 -7.66 15.03
C ILE G 72 -21.04 -9.00 14.73
N TYR G 73 -22.22 -9.26 15.27
CA TYR G 73 -22.77 -10.63 15.24
C TYR G 73 -23.30 -11.02 13.89
N LEU G 74 -23.96 -10.10 13.19
CA LEU G 74 -24.28 -10.35 11.77
C LEU G 74 -23.07 -10.68 10.90
N PRO G 75 -21.99 -9.86 10.92
CA PRO G 75 -20.81 -10.23 10.14
C PRO G 75 -20.12 -11.51 10.63
N LEU G 76 -20.06 -11.72 11.95
CA LEU G 76 -19.50 -12.95 12.48
C LEU G 76 -20.28 -14.15 11.97
N SER G 77 -21.61 -14.09 12.03
CA SER G 77 -22.39 -15.20 11.55
C SER G 77 -22.25 -15.36 10.03
N ARG G 78 -22.06 -14.26 9.30
CA ARG G 78 -21.83 -14.32 7.86
C ARG G 78 -20.51 -15.03 7.55
N LEU G 79 -19.46 -14.71 8.30
CA LEU G 79 -18.18 -15.40 8.17
C LEU G 79 -18.36 -16.89 8.44
N LEU G 80 -19.06 -17.23 9.51
CA LEU G 80 -19.26 -18.64 9.81
C LEU G 80 -19.94 -19.36 8.63
N ASN G 81 -20.93 -18.73 8.00
CA ASN G 81 -21.62 -19.33 6.88
C ASN G 81 -20.66 -19.66 5.75
N PHE G 82 -19.64 -18.84 5.49
CA PHE G 82 -18.67 -19.22 4.45
C PHE G 82 -18.05 -20.59 4.75
N TYR G 83 -17.70 -20.83 6.02
CA TYR G 83 -17.05 -22.07 6.42
C TYR G 83 -18.03 -23.23 6.37
N ILE G 84 -19.25 -23.00 6.89
CA ILE G 84 -20.30 -24.02 6.90
C ILE G 84 -20.69 -24.42 5.49
N SER G 85 -20.90 -23.40 4.66
CA SER G 85 -21.27 -23.58 3.28
C SER G 85 -20.18 -24.35 2.49
N SER G 86 -18.92 -24.00 2.73
CA SER G 86 -17.83 -24.72 2.10
C SER G 86 -17.84 -26.19 2.47
N ASN G 87 -18.08 -26.49 3.75
CA ASN G 87 -18.15 -27.89 4.25
C ASN G 87 -19.35 -28.64 3.63
N LEU G 88 -20.52 -28.02 3.56
CA LEU G 88 -21.69 -28.68 2.92
C LEU G 88 -21.39 -29.12 1.47
N ARG G 89 -20.81 -28.23 0.68
CA ARG G 89 -20.48 -28.53 -0.72
C ARG G 89 -19.39 -29.59 -0.86
N ARG G 90 -18.46 -29.62 0.08
CA ARG G 90 -17.44 -30.65 0.03
C ARG G 90 -18.10 -31.98 0.33
N GLN G 91 -18.97 -32.03 1.35
CA GLN G 91 -19.72 -33.26 1.62
C GLN G 91 -20.47 -33.74 0.36
N ALA G 92 -21.15 -32.82 -0.34
CA ALA G 92 -21.93 -33.16 -1.55
C ALA G 92 -21.05 -33.72 -2.61
N VAL G 93 -19.94 -33.05 -2.93
CA VAL G 93 -18.99 -33.56 -3.91
C VAL G 93 -18.35 -34.91 -3.45
N LEU G 94 -17.92 -35.00 -2.19
CA LEU G 94 -17.37 -36.26 -1.67
C LEU G 94 -18.37 -37.42 -1.79
N GLU G 95 -19.66 -37.11 -1.59
CA GLU G 95 -20.74 -38.11 -1.66
C GLU G 95 -20.78 -38.80 -3.03
N GLN G 96 -20.77 -38.01 -4.10
CA GLN G 96 -20.65 -38.56 -5.45
C GLN G 96 -19.35 -39.33 -5.64
N PHE G 97 -18.23 -38.70 -5.30
CA PHE G 97 -16.89 -39.28 -5.51
C PHE G 97 -16.64 -40.60 -4.75
N LEU G 98 -17.09 -40.66 -3.50
CA LEU G 98 -16.90 -41.83 -2.62
C LEU G 98 -18.01 -42.84 -2.73
N GLY G 99 -19.20 -42.40 -3.15
CA GLY G 99 -20.38 -43.28 -3.24
C GLY G 99 -21.06 -43.60 -1.92
N THR G 100 -21.21 -42.59 -1.08
CA THR G 100 -21.91 -42.73 0.20
C THR G 100 -23.38 -42.43 0.01
N ASN G 101 -24.19 -42.74 1.04
CA ASN G 101 -25.64 -42.48 0.98
C ASN G 101 -26.03 -40.99 0.96
N GLY G 102 -25.09 -40.13 1.34
CA GLY G 102 -25.37 -38.70 1.46
C GLY G 102 -26.06 -38.37 2.77
N GLN G 103 -25.69 -39.07 3.83
CA GLN G 103 -26.24 -38.81 5.16
C GLN G 103 -25.52 -37.62 5.77
N ARG G 104 -26.21 -36.49 5.85
CA ARG G 104 -25.60 -35.28 6.37
C ARG G 104 -25.12 -35.47 7.83
N ILE G 105 -23.93 -34.94 8.08
CA ILE G 105 -23.26 -34.93 9.38
C ILE G 105 -23.35 -33.48 9.84
N PRO G 106 -23.74 -33.24 11.09
CA PRO G 106 -23.82 -31.85 11.53
C PRO G 106 -22.50 -31.08 11.52
N TYR G 107 -22.54 -29.85 11.08
CA TYR G 107 -21.41 -28.94 11.28
C TYR G 107 -21.42 -28.50 12.74
N ILE G 108 -20.31 -28.72 13.45
CA ILE G 108 -20.25 -28.43 14.89
C ILE G 108 -19.38 -27.22 15.18
N ILE G 109 -19.95 -26.22 15.82
CA ILE G 109 -19.22 -25.02 16.23
C ILE G 109 -19.14 -25.08 17.76
N SER G 110 -17.94 -24.90 18.31
CA SER G 110 -17.79 -24.84 19.74
C SER G 110 -17.47 -23.42 20.17
N ILE G 111 -17.88 -23.09 21.39
CA ILE G 111 -17.64 -21.79 21.99
C ILE G 111 -17.05 -21.96 23.39
N ALA G 112 -15.80 -21.50 23.53
CA ALA G 112 -15.04 -21.56 24.77
C ALA G 112 -14.77 -20.17 25.39
N GLY G 113 -14.25 -20.18 26.63
CA GLY G 113 -13.89 -18.97 27.34
C GLY G 113 -14.22 -19.04 28.85
N SER G 114 -13.85 -17.97 29.56
CA SER G 114 -14.02 -17.88 31.01
C SER G 114 -15.49 -17.99 31.35
N VAL G 115 -15.76 -18.50 32.53
CA VAL G 115 -17.07 -18.29 33.14
C VAL G 115 -17.36 -16.77 33.07
N ALA G 116 -18.58 -16.45 32.72
CA ALA G 116 -19.10 -15.08 32.65
C ALA G 116 -18.55 -14.15 31.52
N VAL G 117 -17.89 -14.72 30.52
CA VAL G 117 -17.36 -13.90 29.43
C VAL G 117 -18.47 -13.60 28.45
N GLY G 118 -19.50 -14.42 28.43
CA GLY G 118 -20.59 -14.31 27.44
C GLY G 118 -20.75 -15.45 26.41
N LYS G 119 -20.30 -16.64 26.76
CA LYS G 119 -20.40 -17.79 25.87
C LYS G 119 -21.82 -18.06 25.54
N SER G 120 -22.66 -18.17 26.58
CA SER G 120 -24.06 -18.47 26.36
C SER G 120 -24.76 -17.42 25.51
N THR G 121 -24.54 -16.14 25.82
CA THR G 121 -25.20 -15.11 25.04
C THR G 121 -24.73 -15.20 23.57
N THR G 122 -23.42 -15.32 23.40
CA THR G 122 -22.85 -15.38 22.08
C THR G 122 -23.42 -16.54 21.32
N ALA G 123 -23.54 -17.69 21.99
CA ALA G 123 -24.03 -18.90 21.36
C ALA G 123 -25.47 -18.77 20.94
N ARG G 124 -26.31 -18.25 21.85
CA ARG G 124 -27.72 -18.02 21.51
C ARG G 124 -27.93 -17.05 20.37
N VAL G 125 -27.11 -15.99 20.33
CA VAL G 125 -27.21 -15.03 19.27
C VAL G 125 -26.82 -15.64 17.93
N LEU G 126 -25.76 -16.42 17.93
CA LEU G 126 -25.31 -17.06 16.69
C LEU G 126 -26.28 -18.14 16.25
N GLN G 127 -26.89 -18.84 17.21
CA GLN G 127 -27.93 -19.79 16.84
C GLN G 127 -29.07 -19.09 16.08
N ALA G 128 -29.57 -17.98 16.63
CA ALA G 128 -30.62 -17.21 15.96
C ALA G 128 -30.19 -16.71 14.56
N LEU G 129 -29.02 -16.10 14.47
CA LEU G 129 -28.58 -15.57 13.20
C LEU G 129 -28.23 -16.62 12.18
N LEU G 130 -27.62 -17.73 12.59
CA LEU G 130 -27.25 -18.76 11.63
C LEU G 130 -28.46 -19.49 11.05
N SER G 131 -29.53 -19.53 11.85
CA SER G 131 -30.80 -20.14 11.47
CA SER G 131 -30.78 -20.16 11.45
C SER G 131 -31.51 -19.41 10.34
N ARG G 132 -31.07 -18.19 10.04
CA ARG G 132 -31.69 -17.42 8.96
C ARG G 132 -31.18 -17.75 7.54
N TRP G 133 -30.14 -18.57 7.44
CA TRP G 133 -29.51 -18.92 6.18
C TRP G 133 -30.18 -20.22 5.71
N PRO G 134 -30.83 -20.20 4.54
CA PRO G 134 -31.63 -21.40 4.16
C PRO G 134 -30.84 -22.67 4.00
N GLU G 135 -29.52 -22.60 3.78
CA GLU G 135 -28.70 -23.81 3.72
C GLU G 135 -28.60 -24.52 5.09
N HIS G 136 -28.85 -23.80 6.18
CA HIS G 136 -28.65 -24.37 7.51
C HIS G 136 -29.58 -23.72 8.55
N ARG G 137 -30.85 -24.03 8.39
CA ARG G 137 -31.91 -23.46 9.19
C ARG G 137 -32.03 -24.16 10.53
N HIS G 138 -31.67 -25.44 10.60
CA HIS G 138 -31.79 -26.21 11.84
C HIS G 138 -30.46 -26.16 12.60
N VAL G 139 -30.43 -25.31 13.61
CA VAL G 139 -29.26 -25.10 14.43
C VAL G 139 -29.61 -25.41 15.89
N GLU G 140 -28.93 -26.41 16.46
CA GLU G 140 -29.15 -26.78 17.87
C GLU G 140 -28.07 -26.20 18.73
N LEU G 141 -28.38 -26.04 20.02
CA LEU G 141 -27.48 -25.50 21.01
C LEU G 141 -27.40 -26.43 22.21
N ILE G 142 -26.18 -26.89 22.54
CA ILE G 142 -25.95 -27.77 23.68
C ILE G 142 -24.84 -27.17 24.53
N THR G 143 -25.06 -27.13 25.85
CA THR G 143 -24.07 -26.57 26.77
C THR G 143 -23.31 -27.70 27.39
N THR G 144 -22.02 -27.53 27.63
CA THR G 144 -21.28 -28.58 28.36
C THR G 144 -21.59 -28.62 29.88
N ASP G 145 -22.24 -27.57 30.37
CA ASP G 145 -22.81 -27.54 31.73
C ASP G 145 -23.54 -28.87 32.02
N GLY G 146 -24.33 -29.32 31.06
CA GLY G 146 -25.13 -30.50 31.25
C GLY G 146 -24.34 -31.75 31.54
N PHE G 147 -23.06 -31.75 31.16
CA PHE G 147 -22.22 -32.93 31.34
C PHE G 147 -21.43 -32.86 32.66
N LEU G 148 -21.71 -31.86 33.49
CA LEU G 148 -21.12 -31.83 34.82
C LEU G 148 -21.68 -33.03 35.58
N HIS G 149 -20.91 -33.58 36.50
CA HIS G 149 -21.53 -34.49 37.50
C HIS G 149 -22.56 -33.74 38.30
N PRO G 150 -23.69 -34.41 38.64
CA PRO G 150 -24.69 -33.75 39.48
C PRO G 150 -24.11 -33.37 40.84
N ASN G 151 -24.75 -32.41 41.51
CA ASN G 151 -24.28 -31.97 42.84
C ASN G 151 -24.17 -33.15 43.77
N SER G 152 -25.17 -34.02 43.72
CA SER G 152 -25.10 -35.37 44.34
C SER G 152 -23.70 -35.99 44.29
N VAL G 153 -23.19 -36.17 43.06
CA VAL G 153 -21.87 -36.81 42.87
C VAL G 153 -20.70 -35.89 43.23
N LEU G 154 -20.82 -34.59 42.96
CA LEU G 154 -19.71 -33.67 43.29
C LEU G 154 -19.49 -33.64 44.82
N LYS G 155 -20.60 -33.54 45.56
CA LYS G 155 -20.58 -33.59 47.03
C LYS G 155 -19.86 -34.88 47.48
N GLU G 156 -20.29 -36.05 47.01
CA GLU G 156 -19.53 -37.30 47.21
C GLU G 156 -18.00 -37.19 47.05
N ARG G 157 -17.53 -36.50 46.01
CA ARG G 157 -16.07 -36.47 45.74
C ARG G 157 -15.39 -35.26 46.30
N GLY G 158 -16.13 -34.48 47.10
CA GLY G 158 -15.62 -33.23 47.63
C GLY G 158 -15.28 -32.22 46.53
N LEU G 159 -16.07 -32.20 45.46
CA LEU G 159 -15.74 -31.33 44.32
C LEU G 159 -16.68 -30.12 44.16
N MET G 160 -17.54 -29.80 45.13
CA MET G 160 -18.50 -28.70 44.93
C MET G 160 -17.84 -27.35 44.65
N LYS G 161 -16.71 -27.07 45.29
CA LYS G 161 -15.98 -25.84 44.99
C LYS G 161 -15.03 -26.00 43.80
N LYS G 162 -15.15 -27.12 43.10
CA LYS G 162 -14.40 -27.37 41.88
C LYS G 162 -15.32 -27.50 40.66
N LYS G 163 -16.57 -27.10 40.79
CA LYS G 163 -17.50 -27.10 39.67
C LYS G 163 -16.94 -26.21 38.54
N GLY G 164 -16.84 -26.81 37.35
CA GLY G 164 -16.22 -26.19 36.21
C GLY G 164 -14.82 -26.68 35.94
N PHE G 165 -14.18 -27.28 36.95
CA PHE G 165 -12.84 -27.86 36.79
C PHE G 165 -12.98 -29.23 36.09
N PRO G 166 -11.90 -29.74 35.51
CA PRO G 166 -11.96 -30.99 34.73
C PRO G 166 -12.56 -32.21 35.47
N GLN G 167 -12.15 -32.42 36.71
CA GLN G 167 -12.75 -33.46 37.56
C GLN G 167 -14.27 -33.31 37.80
N SER G 168 -14.87 -32.14 37.56
CA SER G 168 -16.33 -31.98 37.76
C SER G 168 -17.19 -32.50 36.59
N TYR G 169 -16.54 -32.82 35.44
CA TYR G 169 -17.24 -33.18 34.22
C TYR G 169 -17.23 -34.66 34.01
N ASP G 170 -18.36 -35.20 33.52
CA ASP G 170 -18.35 -36.50 32.89
C ASP G 170 -17.84 -36.34 31.47
N MET G 171 -16.54 -36.28 31.33
CA MET G 171 -15.92 -35.86 30.07
C MET G 171 -16.04 -36.91 29.00
N HIS G 172 -15.97 -38.18 29.39
CA HIS G 172 -16.15 -39.28 28.41
C HIS G 172 -17.49 -39.20 27.78
N ARG G 173 -18.50 -38.82 28.56
CA ARG G 173 -19.84 -38.73 28.03
C ARG G 173 -19.95 -37.57 27.01
N LEU G 174 -19.33 -36.45 27.33
CA LEU G 174 -19.27 -35.33 26.43
C LEU G 174 -18.60 -35.70 25.12
N VAL G 175 -17.43 -36.31 25.19
CA VAL G 175 -16.74 -36.73 23.95
C VAL G 175 -17.60 -37.74 23.17
N LYS G 176 -18.25 -38.65 23.87
CA LYS G 176 -19.12 -39.61 23.20
C LYS G 176 -20.30 -38.93 22.53
N PHE G 177 -20.82 -37.85 23.12
CA PHE G 177 -21.95 -37.17 22.55
C PHE G 177 -21.58 -36.62 21.20
N VAL G 178 -20.45 -35.89 21.12
CA VAL G 178 -20.06 -35.29 19.85
C VAL G 178 -19.50 -36.32 18.86
N SER G 179 -18.85 -37.36 19.35
CA SER G 179 -18.42 -38.44 18.52
C SER G 179 -19.64 -39.18 17.87
N ASP G 180 -20.71 -39.36 18.64
CA ASP G 180 -21.95 -39.93 18.12
C ASP G 180 -22.53 -39.07 17.01
N LEU G 181 -22.60 -37.77 17.23
CA LEU G 181 -23.08 -36.86 16.21
C LEU G 181 -22.22 -36.99 14.95
N LYS G 182 -20.90 -37.03 15.11
CA LYS G 182 -19.99 -37.15 13.99
C LYS G 182 -19.93 -38.56 13.39
N SER G 183 -20.75 -39.47 13.94
CA SER G 183 -20.88 -40.85 13.40
C SER G 183 -22.10 -41.01 12.54
N GLY G 184 -22.95 -40.00 12.56
CA GLY G 184 -24.19 -40.01 11.82
C GLY G 184 -25.40 -40.54 12.57
N VAL G 185 -25.33 -40.67 13.89
CA VAL G 185 -26.51 -41.22 14.58
C VAL G 185 -27.72 -40.32 14.30
N PRO G 186 -28.89 -40.93 14.19
CA PRO G 186 -30.07 -40.12 13.90
C PRO G 186 -30.51 -39.26 15.09
N GLN G 187 -30.07 -39.63 16.29
CA GLN G 187 -30.42 -38.93 17.52
C GLN G 187 -29.31 -39.10 18.51
N ALA G 188 -29.00 -38.03 19.25
CA ALA G 188 -28.14 -38.15 20.41
C ALA G 188 -28.82 -37.45 21.55
N THR G 189 -28.55 -37.92 22.76
CA THR G 189 -29.18 -37.38 23.93
C THR G 189 -28.14 -36.77 24.85
N ALA G 190 -28.38 -35.55 25.28
CA ALA G 190 -27.49 -34.87 26.25
C ALA G 190 -28.24 -34.59 27.54
N PRO G 191 -27.55 -34.67 28.67
CA PRO G 191 -28.14 -34.17 29.93
C PRO G 191 -28.14 -32.64 29.90
N VAL G 192 -29.00 -32.03 30.73
CA VAL G 192 -29.21 -30.60 30.74
C VAL G 192 -28.99 -30.04 32.16
N TYR G 193 -28.45 -28.83 32.21
CA TYR G 193 -28.13 -28.14 33.46
C TYR G 193 -28.98 -26.90 33.57
N SER G 194 -29.33 -26.54 34.80
CA SER G 194 -30.03 -25.28 35.09
C SER G 194 -29.22 -24.50 36.11
N HIS G 195 -28.79 -23.31 35.70
CA HIS G 195 -28.10 -22.38 36.59
C HIS G 195 -29.02 -21.91 37.70
N LEU G 196 -30.33 -21.88 37.42
CA LEU G 196 -31.34 -21.41 38.40
C LEU G 196 -31.31 -22.30 39.66
N ILE G 197 -31.25 -23.63 39.46
CA ILE G 197 -31.15 -24.59 40.58
C ILE G 197 -29.72 -25.05 40.88
N TYR G 198 -28.75 -24.52 40.13
CA TYR G 198 -27.34 -24.84 40.31
C TYR G 198 -27.03 -26.34 40.20
N ASP G 199 -27.64 -27.01 39.24
CA ASP G 199 -27.49 -28.46 39.13
C ASP G 199 -28.03 -29.03 37.81
N VAL G 200 -27.68 -30.28 37.55
CA VAL G 200 -28.19 -31.06 36.41
C VAL G 200 -29.67 -31.30 36.64
N ILE G 201 -30.49 -30.98 35.65
CA ILE G 201 -31.92 -31.23 35.75
C ILE G 201 -32.14 -32.77 35.76
N PRO G 202 -32.68 -33.30 36.87
CA PRO G 202 -32.94 -34.75 36.83
C PRO G 202 -34.00 -35.05 35.79
N ASP G 203 -33.79 -36.09 35.00
CA ASP G 203 -34.73 -36.43 33.93
C ASP G 203 -35.00 -35.26 32.95
N GLY G 204 -34.01 -34.41 32.70
CA GLY G 204 -34.18 -33.24 31.82
C GLY G 204 -33.54 -33.33 30.45
N ASP G 205 -33.17 -34.52 30.03
CA ASP G 205 -32.37 -34.69 28.81
C ASP G 205 -33.00 -34.08 27.52
N LYS G 206 -32.13 -33.51 26.70
CA LYS G 206 -32.44 -32.90 25.45
C LYS G 206 -31.98 -33.88 24.35
N THR G 207 -32.84 -34.14 23.39
CA THR G 207 -32.51 -35.02 22.31
C THR G 207 -32.40 -34.20 21.08
N VAL G 208 -31.36 -34.47 20.31
CA VAL G 208 -31.00 -33.70 19.13
C VAL G 208 -31.06 -34.66 17.96
N ALA G 209 -31.58 -34.21 16.82
CA ALA G 209 -31.85 -35.12 15.69
C ALA G 209 -31.26 -34.61 14.39
N GLN G 210 -29.96 -34.81 14.21
CA GLN G 210 -29.33 -34.48 12.94
C GLN G 210 -29.61 -33.02 12.50
N PRO G 211 -29.25 -32.04 13.33
CA PRO G 211 -29.36 -30.64 12.90
C PRO G 211 -28.32 -30.34 11.82
N ASP G 212 -28.49 -29.23 11.10
CA ASP G 212 -27.52 -28.80 10.10
C ASP G 212 -26.26 -28.36 10.84
N ILE G 213 -26.46 -27.74 12.01
CA ILE G 213 -25.40 -27.18 12.80
C ILE G 213 -25.68 -27.46 14.24
N LEU G 214 -24.64 -27.77 14.99
CA LEU G 214 -24.77 -27.87 16.45
C LEU G 214 -23.74 -26.95 17.04
N ILE G 215 -24.18 -26.10 17.98
CA ILE G 215 -23.30 -25.21 18.67
C ILE G 215 -23.06 -25.84 20.04
N LEU G 216 -21.81 -26.11 20.37
CA LEU G 216 -21.46 -26.73 21.63
C LEU G 216 -20.76 -25.68 22.45
N GLU G 217 -21.44 -25.22 23.50
CA GLU G 217 -21.04 -24.07 24.25
C GLU G 217 -20.50 -24.51 25.63
N GLY G 218 -19.32 -24.06 26.00
CA GLY G 218 -18.78 -24.42 27.33
C GLY G 218 -17.30 -24.14 27.49
N LEU G 219 -16.90 -23.96 28.73
CA LEU G 219 -15.55 -23.55 29.02
C LEU G 219 -14.48 -24.58 28.65
N ASN G 220 -14.86 -25.83 28.53
CA ASN G 220 -13.89 -26.89 28.37
C ASN G 220 -13.83 -27.49 26.96
N VAL G 221 -14.48 -26.84 25.98
CA VAL G 221 -14.56 -27.39 24.63
C VAL G 221 -13.25 -27.46 23.88
N LEU G 222 -12.21 -26.75 24.35
CA LEU G 222 -10.88 -26.81 23.76
C LEU G 222 -9.88 -27.60 24.57
N GLN G 223 -10.33 -28.16 25.70
CA GLN G 223 -9.50 -29.01 26.54
C GLN G 223 -9.29 -30.38 25.91
N SER G 224 -8.27 -31.07 26.41
CA SER G 224 -7.88 -32.39 25.85
C SER G 224 -7.53 -33.38 26.98
N GLY G 225 -7.02 -34.53 26.62
CA GLY G 225 -6.55 -35.54 27.58
C GLY G 225 -5.59 -35.00 28.64
N MET G 226 -4.72 -34.05 28.27
CA MET G 226 -3.75 -33.49 29.20
C MET G 226 -4.43 -32.85 30.42
N ASP G 227 -5.70 -32.43 30.27
CA ASP G 227 -6.44 -31.74 31.30
C ASP G 227 -7.19 -32.72 32.20
N TYR G 228 -7.19 -33.99 31.80
CA TYR G 228 -7.92 -35.03 32.55
C TYR G 228 -6.97 -36.18 32.95
N PRO G 229 -5.82 -35.84 33.59
CA PRO G 229 -4.82 -36.88 33.95
C PRO G 229 -5.38 -37.90 34.95
N HIS G 230 -6.42 -37.51 35.71
CA HIS G 230 -7.13 -38.41 36.62
C HIS G 230 -7.96 -39.49 35.90
N ASP G 231 -8.25 -39.29 34.62
CA ASP G 231 -9.08 -40.21 33.88
C ASP G 231 -8.92 -39.84 32.40
N PRO G 232 -7.76 -40.17 31.81
CA PRO G 232 -7.39 -39.64 30.50
C PRO G 232 -8.35 -40.03 29.36
N HIS G 233 -8.48 -39.16 28.35
CA HIS G 233 -9.11 -39.54 27.07
C HIS G 233 -8.14 -39.21 25.91
N HIS G 234 -8.24 -39.98 24.83
CA HIS G 234 -7.22 -39.97 23.76
C HIS G 234 -7.76 -39.45 22.43
N VAL G 235 -9.06 -39.20 22.38
CA VAL G 235 -9.64 -38.42 21.29
C VAL G 235 -10.43 -37.29 21.94
N PHE G 236 -10.22 -36.08 21.43
CA PHE G 236 -10.63 -34.85 22.14
C PHE G 236 -11.94 -34.30 21.58
N VAL G 237 -12.65 -33.50 22.39
CA VAL G 237 -13.84 -32.82 21.90
C VAL G 237 -13.54 -32.11 20.56
N SER G 238 -12.42 -31.40 20.49
CA SER G 238 -12.07 -30.67 19.29
C SER G 238 -11.87 -31.52 18.06
N ASP G 239 -11.62 -32.83 18.21
CA ASP G 239 -11.44 -33.72 17.05
C ASP G 239 -12.80 -34.00 16.40
N PHE G 240 -13.85 -33.57 17.06
CA PHE G 240 -15.22 -33.68 16.57
C PHE G 240 -15.88 -32.34 16.32
N VAL G 241 -15.10 -31.25 16.40
CA VAL G 241 -15.57 -29.88 16.18
C VAL G 241 -14.98 -29.32 14.88
N ASP G 242 -15.83 -28.72 14.05
CA ASP G 242 -15.38 -28.13 12.80
C ASP G 242 -14.79 -26.76 12.98
N PHE G 243 -15.36 -25.95 13.86
CA PHE G 243 -14.91 -24.54 13.99
C PHE G 243 -15.09 -24.13 15.45
N SER G 244 -14.04 -23.62 16.06
CA SER G 244 -14.10 -23.24 17.47
C SER G 244 -13.84 -21.74 17.68
N ILE G 245 -14.61 -21.17 18.58
CA ILE G 245 -14.49 -19.74 18.95
C ILE G 245 -14.07 -19.69 20.42
N TYR G 246 -13.01 -18.95 20.72
CA TYR G 246 -12.68 -18.63 22.10
C TYR G 246 -13.11 -17.19 22.36
N VAL G 247 -13.97 -16.98 23.34
CA VAL G 247 -14.38 -15.63 23.65
C VAL G 247 -13.49 -15.11 24.78
N ASP G 248 -12.78 -14.03 24.53
CA ASP G 248 -11.74 -13.58 25.41
C ASP G 248 -12.05 -12.21 26.01
N ALA G 249 -11.58 -12.00 27.24
CA ALA G 249 -11.66 -10.69 27.88
C ALA G 249 -10.68 -10.62 29.05
N PRO G 250 -10.23 -9.42 29.41
CA PRO G 250 -9.33 -9.33 30.59
C PRO G 250 -10.06 -9.67 31.91
N GLU G 251 -9.27 -10.10 32.89
CA GLU G 251 -9.78 -10.59 34.18
C GLU G 251 -10.69 -9.60 34.92
N GLU G 252 -10.31 -8.33 34.90
CA GLU G 252 -11.07 -7.30 35.62
C GLU G 252 -12.47 -7.15 35.04
N LEU G 253 -12.63 -7.37 33.73
CA LEU G 253 -13.96 -7.27 33.14
C LEU G 253 -14.74 -8.53 33.47
N LEU G 254 -14.11 -9.68 33.31
CA LEU G 254 -14.73 -10.95 33.65
C LEU G 254 -15.32 -10.92 35.06
N LYS G 255 -14.53 -10.43 36.02
CA LYS G 255 -14.93 -10.36 37.42
C LYS G 255 -16.16 -9.50 37.59
N SER G 256 -16.16 -8.30 36.96
CA SER G 256 -17.29 -7.39 37.14
C SER G 256 -18.52 -7.96 36.47
N TRP G 257 -18.35 -8.67 35.34
CA TRP G 257 -19.49 -9.31 34.71
C TRP G 257 -20.01 -10.47 35.55
N TYR G 258 -19.09 -11.23 36.12
CA TYR G 258 -19.49 -12.32 37.03
C TYR G 258 -20.29 -11.79 38.25
N ILE G 259 -19.77 -10.75 38.88
CA ILE G 259 -20.43 -10.17 40.04
C ILE G 259 -21.83 -9.62 39.69
N ASN G 260 -21.93 -8.89 38.59
CA ASN G 260 -23.22 -8.35 38.15
C ASN G 260 -24.20 -9.48 37.95
N ARG G 261 -23.77 -10.55 37.29
CA ARG G 261 -24.65 -11.67 37.05
C ARG G 261 -25.05 -12.33 38.39
N PHE G 262 -24.11 -12.45 39.31
CA PHE G 262 -24.42 -13.06 40.60
C PHE G 262 -25.54 -12.24 41.29
N LEU G 263 -25.43 -10.91 41.25
CA LEU G 263 -26.42 -10.03 41.87
C LEU G 263 -27.75 -10.17 41.23
N LYS G 264 -27.78 -10.42 39.89
CA LYS G 264 -29.04 -10.73 39.21
C LYS G 264 -29.67 -12.04 39.66
N PHE G 265 -28.88 -13.10 39.89
CA PHE G 265 -29.47 -14.35 40.39
C PHE G 265 -30.02 -14.12 41.80
N ARG G 266 -29.26 -13.39 42.62
CA ARG G 266 -29.70 -13.01 44.00
C ARG G 266 -31.08 -12.28 43.93
N GLU G 267 -31.14 -11.26 43.10
CA GLU G 267 -32.38 -10.50 42.91
C GLU G 267 -33.47 -11.41 42.37
N GLY G 268 -33.16 -12.22 41.35
CA GLY G 268 -34.15 -13.16 40.80
C GLY G 268 -34.75 -14.04 41.86
N ALA G 269 -33.92 -14.47 42.82
CA ALA G 269 -34.38 -15.40 43.85
C ALA G 269 -35.41 -14.79 44.84
N PHE G 270 -35.45 -13.47 44.95
CA PHE G 270 -36.42 -12.79 45.87
C PHE G 270 -37.87 -13.26 45.62
N THR G 271 -38.20 -13.58 44.38
CA THR G 271 -39.57 -13.92 43.99
C THR G 271 -39.73 -15.30 43.34
N ASP G 272 -38.63 -15.97 43.01
CA ASP G 272 -38.67 -17.29 42.41
C ASP G 272 -38.40 -18.37 43.49
N PRO G 273 -39.43 -19.15 43.88
CA PRO G 273 -39.22 -20.14 44.94
C PRO G 273 -38.34 -21.31 44.48
N ASP G 274 -38.23 -21.51 43.18
CA ASP G 274 -37.37 -22.59 42.64
C ASP G 274 -35.87 -22.25 42.60
N SER G 275 -35.51 -20.98 42.85
CA SER G 275 -34.11 -20.56 42.77
C SER G 275 -33.26 -21.20 43.88
N TYR G 276 -32.05 -21.58 43.53
CA TYR G 276 -31.05 -22.07 44.51
C TYR G 276 -30.49 -20.95 45.39
N PHE G 277 -30.67 -19.69 44.99
CA PHE G 277 -30.03 -18.56 45.64
C PHE G 277 -30.98 -17.88 46.65
N HIS G 278 -31.98 -18.63 47.09
CA HIS G 278 -32.98 -18.19 48.10
C HIS G 278 -32.30 -17.46 49.30
N ASN G 279 -31.23 -18.05 49.82
CA ASN G 279 -30.58 -17.58 51.04
C ASN G 279 -29.75 -16.33 50.87
N TYR G 280 -29.42 -15.96 49.62
CA TYR G 280 -28.59 -14.77 49.39
C TYR G 280 -29.28 -13.43 49.74
N ALA G 281 -30.59 -13.45 49.93
CA ALA G 281 -31.32 -12.30 50.50
C ALA G 281 -30.89 -11.94 51.94
N LYS G 282 -30.27 -12.87 52.65
CA LYS G 282 -29.76 -12.61 54.00
C LYS G 282 -28.43 -11.85 53.99
N LEU G 283 -27.79 -11.73 52.83
CA LEU G 283 -26.66 -10.86 52.70
C LEU G 283 -27.12 -9.46 52.34
N SER G 284 -26.33 -8.47 52.73
CA SER G 284 -26.50 -7.14 52.18
C SER G 284 -25.98 -7.19 50.77
N LYS G 285 -26.24 -6.12 50.03
CA LYS G 285 -25.73 -5.96 48.68
C LYS G 285 -24.23 -6.02 48.70
N GLU G 286 -23.61 -5.33 49.66
CA GLU G 286 -22.16 -5.33 49.86
C GLU G 286 -21.59 -6.71 50.12
N GLU G 287 -22.15 -7.43 51.10
CA GLU G 287 -21.70 -8.79 51.37
C GLU G 287 -21.88 -9.70 50.14
N ALA G 288 -22.94 -9.46 49.36
CA ALA G 288 -23.17 -10.27 48.17
C ALA G 288 -22.00 -10.10 47.20
N VAL G 289 -21.59 -8.85 46.98
CA VAL G 289 -20.39 -8.55 46.18
C VAL G 289 -19.12 -9.21 46.73
N ASP G 290 -18.97 -9.28 48.06
CA ASP G 290 -17.84 -9.97 48.68
C ASP G 290 -17.91 -11.47 48.46
N ILE G 291 -19.06 -12.08 48.64
CA ILE G 291 -19.17 -13.53 48.36
C ILE G 291 -18.97 -13.85 46.86
N ALA G 292 -19.65 -13.11 45.98
CA ALA G 292 -19.40 -13.24 44.53
C ALA G 292 -17.91 -13.10 44.22
N THR G 293 -17.24 -12.17 44.88
CA THR G 293 -15.80 -11.95 44.67
C THR G 293 -14.95 -13.14 45.12
N SER G 294 -15.26 -13.73 46.26
CA SER G 294 -14.59 -14.95 46.68
C SER G 294 -14.88 -16.11 45.73
N LEU G 295 -16.11 -16.27 45.32
CA LEU G 295 -16.42 -17.34 44.38
C LEU G 295 -15.62 -17.13 43.10
N TRP G 296 -15.58 -15.88 42.61
CA TRP G 296 -14.76 -15.56 41.45
C TRP G 296 -13.33 -15.96 41.70
N ASN G 297 -12.72 -15.40 42.74
CA ASN G 297 -11.29 -15.60 42.97
C ASN G 297 -10.95 -17.04 43.20
N GLU G 298 -11.71 -17.72 44.04
CA GLU G 298 -11.31 -19.06 44.49
C GLU G 298 -11.67 -20.19 43.49
N ILE G 299 -12.71 -20.02 42.69
CA ILE G 299 -13.16 -21.07 41.79
C ILE G 299 -12.93 -20.66 40.32
N ASN G 300 -13.64 -19.65 39.84
CA ASN G 300 -13.69 -19.43 38.39
C ASN G 300 -12.39 -18.83 37.82
N LEU G 301 -11.73 -17.98 38.60
CA LEU G 301 -10.48 -17.37 38.16
C LEU G 301 -9.36 -18.38 38.15
N MET G 302 -9.27 -19.15 39.21
CA MET G 302 -8.31 -20.25 39.26
C MET G 302 -8.58 -21.22 38.07
N ASN G 303 -9.83 -21.58 37.88
CA ASN G 303 -10.18 -22.40 36.71
C ASN G 303 -9.71 -21.78 35.38
N LEU G 304 -10.01 -20.50 35.19
CA LEU G 304 -9.49 -19.72 34.04
C LEU G 304 -7.96 -19.86 33.84
N LYS G 305 -7.18 -19.58 34.89
CA LYS G 305 -5.72 -19.58 34.75
C LYS G 305 -5.15 -20.98 34.54
N GLU G 306 -5.71 -21.98 35.21
CA GLU G 306 -5.14 -23.32 35.19
C GLU G 306 -5.62 -24.10 34.01
N ASN G 307 -6.89 -23.95 33.65
CA ASN G 307 -7.44 -24.85 32.69
C ASN G 307 -7.99 -24.22 31.39
N ILE G 308 -8.52 -23.01 31.44
CA ILE G 308 -9.26 -22.47 30.29
C ILE G 308 -8.37 -21.63 29.38
N LEU G 309 -7.73 -20.60 29.94
CA LEU G 309 -6.92 -19.67 29.15
C LEU G 309 -5.80 -20.38 28.41
N PRO G 310 -5.17 -21.42 29.01
CA PRO G 310 -4.15 -22.11 28.19
C PRO G 310 -4.67 -22.82 26.91
N THR G 311 -5.98 -22.98 26.74
CA THR G 311 -6.52 -23.59 25.53
C THR G 311 -6.83 -22.62 24.39
N ARG G 312 -6.71 -21.33 24.66
CA ARG G 312 -7.12 -20.25 23.75
C ARG G 312 -6.56 -20.37 22.35
N GLU G 313 -5.28 -20.69 22.26
CA GLU G 313 -4.60 -20.76 20.98
C GLU G 313 -4.97 -22.02 20.18
N ARG G 314 -5.83 -22.86 20.73
CA ARG G 314 -6.40 -23.97 19.94
C ARG G 314 -7.65 -23.57 19.13
N ALA G 315 -8.14 -22.34 19.33
CA ALA G 315 -9.40 -21.92 18.75
C ALA G 315 -9.21 -21.53 17.30
N SER G 316 -10.22 -21.76 16.46
CA SER G 316 -10.19 -21.31 15.06
C SER G 316 -10.20 -19.81 15.00
N LEU G 317 -10.85 -19.22 16.00
CA LEU G 317 -11.16 -17.77 16.04
C LEU G 317 -11.22 -17.29 17.48
N ILE G 318 -10.55 -16.19 17.76
CA ILE G 318 -10.58 -15.59 19.10
C ILE G 318 -11.27 -14.25 18.98
N MET G 319 -12.36 -14.09 19.70
CA MET G 319 -13.17 -12.88 19.68
C MET G 319 -12.95 -12.18 21.02
N THR G 320 -12.39 -10.97 20.98
CA THR G 320 -11.96 -10.30 22.19
C THR G 320 -12.93 -9.20 22.54
N LYS G 321 -13.40 -9.19 23.77
CA LYS G 321 -14.40 -8.26 24.25
C LYS G 321 -13.77 -7.23 25.19
N SER G 322 -14.41 -6.06 25.28
CA SER G 322 -13.90 -4.98 26.12
C SER G 322 -15.05 -4.44 26.96
N ALA G 323 -14.89 -3.23 27.50
CA ALA G 323 -15.91 -2.61 28.33
C ALA G 323 -17.27 -2.64 27.66
N ASN G 324 -18.31 -2.88 28.46
CA ASN G 324 -19.70 -2.95 27.98
C ASN G 324 -19.97 -4.08 27.00
N HIS G 325 -19.09 -5.07 26.99
CA HIS G 325 -19.24 -6.26 26.13
C HIS G 325 -19.00 -6.02 24.66
N SER G 326 -18.51 -4.84 24.29
CA SER G 326 -18.24 -4.51 22.89
C SER G 326 -17.16 -5.43 22.38
N VAL G 327 -17.35 -5.99 21.20
CA VAL G 327 -16.29 -6.81 20.59
C VAL G 327 -15.28 -5.89 19.89
N ASN G 328 -14.03 -5.97 20.30
CA ASN G 328 -12.95 -5.09 19.81
C ASN G 328 -12.03 -5.66 18.78
N GLN G 329 -12.00 -6.99 18.64
CA GLN G 329 -10.98 -7.63 17.85
C GLN G 329 -11.38 -9.06 17.55
N VAL G 330 -11.10 -9.48 16.32
CA VAL G 330 -11.42 -10.81 15.86
C VAL G 330 -10.16 -11.32 15.20
N ARG G 331 -9.66 -12.44 15.69
CA ARG G 331 -8.54 -13.12 15.08
C ARG G 331 -8.99 -14.49 14.56
N LEU G 332 -8.61 -14.82 13.33
CA LEU G 332 -9.06 -16.03 12.63
C LEU G 332 -7.86 -16.80 12.14
N ARG G 333 -7.82 -18.11 12.37
CA ARG G 333 -6.72 -18.94 11.85
C ARG G 333 -6.51 -18.79 10.33
N LYS G 334 -5.27 -18.49 9.94
CA LYS G 334 -4.89 -18.29 8.53
C LYS G 334 -5.09 -19.52 7.69
N LEU H 26 -22.58 -49.71 16.52
CA LEU H 26 -22.35 -49.95 15.07
C LEU H 26 -21.67 -48.74 14.38
N MET H 27 -22.33 -47.57 14.51
CA MET H 27 -21.89 -46.33 13.85
C MET H 27 -20.64 -45.74 14.52
N THR H 28 -19.66 -45.42 13.68
CA THR H 28 -18.41 -44.84 14.14
C THR H 28 -18.17 -43.56 13.37
N PRO H 29 -17.14 -42.79 13.76
CA PRO H 29 -16.92 -41.53 13.07
C PRO H 29 -16.24 -41.66 11.71
N TYR H 30 -15.97 -42.89 11.26
CA TYR H 30 -15.21 -43.15 10.04
C TYR H 30 -16.12 -43.87 9.00
N LEU H 31 -16.03 -43.48 7.73
CA LEU H 31 -16.49 -44.30 6.60
C LEU H 31 -15.47 -45.38 6.36
N GLN H 32 -15.93 -46.63 6.20
CA GLN H 32 -15.07 -47.77 5.90
C GLN H 32 -15.08 -48.10 4.40
N PHE H 33 -13.89 -48.38 3.89
CA PHE H 33 -13.70 -48.81 2.51
C PHE H 33 -12.82 -50.06 2.52
N ASN H 34 -13.31 -51.12 1.89
CA ASN H 34 -12.39 -52.20 1.53
C ASN H 34 -11.57 -51.73 0.31
N ARG H 35 -10.53 -52.47 -0.06
CA ARG H 35 -9.67 -52.00 -1.13
C ARG H 35 -10.38 -51.78 -2.49
N HIS H 36 -11.44 -52.52 -2.79
CA HIS H 36 -12.10 -52.32 -4.11
C HIS H 36 -13.08 -51.16 -4.10
N GLN H 37 -13.76 -50.94 -2.98
CA GLN H 37 -14.52 -49.68 -2.78
C GLN H 37 -13.60 -48.45 -2.83
N TRP H 38 -12.37 -48.58 -2.36
CA TRP H 38 -11.39 -47.47 -2.40
C TRP H 38 -10.92 -47.26 -3.83
N ALA H 39 -10.48 -48.33 -4.50
CA ALA H 39 -10.17 -48.28 -5.96
C ALA H 39 -11.31 -47.72 -6.81
N ALA H 40 -12.54 -47.98 -6.43
CA ALA H 40 -13.68 -47.49 -7.21
C ALA H 40 -13.85 -45.96 -7.18
N LEU H 41 -12.96 -45.22 -6.53
CA LEU H 41 -13.11 -43.79 -6.40
C LEU H 41 -12.95 -43.07 -7.75
N THR H 48 -4.19 -42.82 -14.06
CA THR H 48 -3.04 -43.67 -14.38
C THR H 48 -1.75 -42.86 -14.75
N LEU H 49 -0.58 -43.45 -14.49
CA LEU H 49 0.69 -42.70 -14.38
C LEU H 49 1.52 -42.60 -15.66
N THR H 50 2.39 -41.59 -15.71
CA THR H 50 3.41 -41.45 -16.78
C THR H 50 4.41 -42.61 -16.73
N GLU H 51 5.25 -42.72 -17.75
CA GLU H 51 6.43 -43.61 -17.67
C GLU H 51 7.39 -43.11 -16.60
N ASP H 52 7.53 -41.79 -16.50
CA ASP H 52 8.45 -41.17 -15.54
C ASP H 52 7.91 -41.12 -14.12
N GLU H 53 6.61 -41.04 -13.98
CA GLU H 53 6.01 -41.22 -12.68
C GLU H 53 6.34 -42.64 -12.20
N ILE H 54 6.30 -43.62 -13.11
CA ILE H 54 6.51 -45.04 -12.77
C ILE H 54 7.93 -45.34 -12.33
N THR H 55 8.90 -44.80 -13.06
CA THR H 55 10.31 -45.04 -12.72
C THR H 55 10.75 -44.24 -11.49
N ARG H 56 10.16 -43.07 -11.29
CA ARG H 56 10.34 -42.31 -10.08
C ARG H 56 9.84 -43.13 -8.86
N LEU H 57 8.71 -43.80 -9.01
CA LEU H 57 8.15 -44.57 -7.90
C LEU H 57 9.04 -45.77 -7.53
N LYS H 58 9.46 -46.54 -8.53
CA LYS H 58 10.43 -47.61 -8.26
C LYS H 58 11.74 -47.08 -7.66
N GLY H 59 12.12 -45.85 -7.99
CA GLY H 59 13.26 -45.20 -7.33
C GLY H 59 13.02 -44.85 -5.86
N ILE H 60 11.75 -44.72 -5.47
CA ILE H 60 11.37 -44.47 -4.08
C ILE H 60 11.40 -45.79 -3.34
N ASN H 61 10.68 -46.78 -3.85
CA ASN H 61 10.70 -48.11 -3.28
C ASN H 61 10.56 -49.23 -4.34
N GLU H 62 11.66 -49.93 -4.58
CA GLU H 62 11.66 -51.00 -5.58
C GLU H 62 10.64 -52.09 -5.24
N ASP H 63 10.26 -52.22 -3.97
CA ASP H 63 9.31 -53.25 -3.55
C ASP H 63 7.87 -52.81 -3.62
N LEU H 64 7.64 -51.55 -3.95
CA LEU H 64 6.25 -51.03 -4.10
C LEU H 64 5.58 -51.49 -5.40
N SER H 65 4.48 -52.23 -5.29
CA SER H 65 3.78 -52.75 -6.45
C SER H 65 2.96 -51.67 -7.15
N LEU H 66 2.72 -51.85 -8.45
CA LEU H 66 1.99 -50.88 -9.28
C LEU H 66 0.49 -51.14 -9.23
N GLU H 67 0.12 -52.37 -8.93
CA GLU H 67 -1.25 -52.69 -8.61
C GLU H 67 -1.69 -51.92 -7.33
N GLU H 68 -0.75 -51.73 -6.39
CA GLU H 68 -1.03 -51.03 -5.13
C GLU H 68 -1.09 -49.51 -5.36
N VAL H 69 -0.14 -49.01 -6.12
CA VAL H 69 -0.09 -47.60 -6.46
C VAL H 69 -1.39 -47.16 -7.11
N ALA H 70 -1.95 -48.01 -7.99
CA ALA H 70 -3.13 -47.65 -8.77
C ALA H 70 -4.43 -47.95 -8.05
N GLU H 71 -4.45 -48.95 -7.19
CA GLU H 71 -5.68 -49.22 -6.49
C GLU H 71 -5.82 -48.41 -5.19
N ILE H 72 -4.70 -47.92 -4.67
CA ILE H 72 -4.68 -47.40 -3.31
C ILE H 72 -4.18 -45.98 -3.27
N TYR H 73 -2.94 -45.77 -3.71
CA TYR H 73 -2.27 -44.48 -3.56
C TYR H 73 -2.68 -43.43 -4.57
N LEU H 74 -3.06 -43.84 -5.79
CA LEU H 74 -3.58 -42.86 -6.77
C LEU H 74 -4.91 -42.24 -6.29
N PRO H 75 -5.90 -43.09 -5.95
CA PRO H 75 -7.16 -42.59 -5.39
C PRO H 75 -7.00 -41.77 -4.11
N LEU H 76 -6.04 -42.14 -3.27
CA LEU H 76 -5.76 -41.37 -2.07
C LEU H 76 -5.29 -39.97 -2.47
N SER H 77 -4.41 -39.90 -3.46
CA SER H 77 -3.90 -38.61 -3.94
C SER H 77 -5.05 -37.72 -4.51
N ARG H 78 -6.02 -38.34 -5.19
CA ARG H 78 -7.19 -37.64 -5.71
C ARG H 78 -8.15 -37.23 -4.60
N LEU H 79 -8.33 -38.08 -3.61
CA LEU H 79 -9.10 -37.69 -2.44
C LEU H 79 -8.47 -36.45 -1.82
N LEU H 80 -7.17 -36.49 -1.55
CA LEU H 80 -6.48 -35.34 -0.94
C LEU H 80 -6.61 -34.10 -1.81
N ASN H 81 -6.48 -34.25 -3.12
CA ASN H 81 -6.66 -33.09 -4.03
C ASN H 81 -8.05 -32.45 -3.90
N PHE H 82 -9.12 -33.24 -3.75
CA PHE H 82 -10.47 -32.68 -3.48
C PHE H 82 -10.44 -31.85 -2.23
N TYR H 83 -9.80 -32.37 -1.17
CA TYR H 83 -9.74 -31.63 0.10
C TYR H 83 -8.97 -30.33 -0.08
N ILE H 84 -7.86 -30.43 -0.78
CA ILE H 84 -6.99 -29.28 -0.96
C ILE H 84 -7.71 -28.25 -1.82
N SER H 85 -8.37 -28.72 -2.86
CA SER H 85 -9.05 -27.81 -3.77
C SER H 85 -10.24 -27.14 -3.08
N SER H 86 -10.97 -27.89 -2.23
CA SER H 86 -12.06 -27.31 -1.45
C SER H 86 -11.56 -26.20 -0.53
N ASN H 87 -10.40 -26.42 0.07
CA ASN H 87 -9.72 -25.41 0.92
C ASN H 87 -9.29 -24.18 0.09
N LEU H 88 -8.74 -24.40 -1.09
CA LEU H 88 -8.29 -23.27 -1.95
C LEU H 88 -9.47 -22.45 -2.45
N ARG H 89 -10.58 -23.12 -2.75
CA ARG H 89 -11.81 -22.41 -3.12
C ARG H 89 -12.36 -21.54 -2.00
N ARG H 90 -12.40 -22.09 -0.80
CA ARG H 90 -12.91 -21.33 0.33
C ARG H 90 -11.98 -20.13 0.58
N GLN H 91 -10.68 -20.33 0.36
CA GLN H 91 -9.71 -19.26 0.55
C GLN H 91 -9.95 -18.12 -0.42
N ALA H 92 -10.24 -18.44 -1.68
CA ALA H 92 -10.57 -17.43 -2.67
C ALA H 92 -11.82 -16.64 -2.30
N VAL H 93 -12.84 -17.33 -1.78
CA VAL H 93 -14.03 -16.67 -1.29
C VAL H 93 -13.70 -15.73 -0.12
N LEU H 94 -12.97 -16.21 0.88
CA LEU H 94 -12.61 -15.33 1.99
C LEU H 94 -11.79 -14.12 1.53
N GLU H 95 -10.99 -14.30 0.47
CA GLU H 95 -10.22 -13.21 -0.11
C GLU H 95 -11.11 -12.04 -0.61
N GLN H 96 -12.38 -12.33 -0.91
CA GLN H 96 -13.34 -11.28 -1.31
C GLN H 96 -13.38 -10.16 -0.30
N PHE H 97 -13.31 -10.48 0.99
CA PHE H 97 -13.27 -9.43 2.01
C PHE H 97 -11.91 -9.32 2.70
N LEU H 98 -11.13 -10.40 2.76
CA LEU H 98 -9.78 -10.31 3.31
C LEU H 98 -8.76 -9.59 2.41
N GLY H 99 -9.00 -9.56 1.11
CA GLY H 99 -8.04 -9.01 0.15
C GLY H 99 -7.00 -10.06 -0.20
N THR H 100 -6.24 -9.83 -1.27
CA THR H 100 -5.35 -10.84 -1.88
C THR H 100 -3.91 -10.77 -1.35
N ASN H 101 -3.63 -9.87 -0.42
CA ASN H 101 -2.25 -9.64 0.06
C ASN H 101 -1.67 -10.74 0.96
N GLY H 102 -2.52 -11.35 1.78
CA GLY H 102 -2.08 -12.35 2.74
C GLY H 102 -1.02 -13.28 2.19
N GLN H 103 0.02 -13.55 2.98
CA GLN H 103 1.01 -14.58 2.65
C GLN H 103 0.35 -15.94 2.46
N ARG H 104 0.95 -16.77 1.61
CA ARG H 104 0.41 -18.07 1.22
C ARG H 104 0.66 -19.08 2.33
N ILE H 105 -0.37 -19.88 2.64
CA ILE H 105 -0.30 -20.83 3.74
C ILE H 105 -0.28 -22.21 3.14
N PRO H 106 0.75 -23.00 3.43
CA PRO H 106 0.72 -24.36 2.92
C PRO H 106 -0.40 -25.24 3.49
N TYR H 107 -0.94 -26.12 2.66
CA TYR H 107 -1.81 -27.22 3.15
C TYR H 107 -0.88 -28.26 3.78
N ILE H 108 -1.17 -28.70 5.00
CA ILE H 108 -0.28 -29.62 5.71
C ILE H 108 -0.94 -30.98 5.88
N ILE H 109 -0.25 -32.00 5.40
CA ILE H 109 -0.71 -33.36 5.51
C ILE H 109 0.29 -34.02 6.42
N SER H 110 -0.18 -34.71 7.44
CA SER H 110 0.75 -35.45 8.31
C SER H 110 0.52 -36.94 8.19
N ILE H 111 1.55 -37.71 8.52
CA ILE H 111 1.53 -39.15 8.40
C ILE H 111 2.14 -39.82 9.67
N ALA H 112 1.33 -40.61 10.36
CA ALA H 112 1.72 -41.23 11.61
C ALA H 112 1.64 -42.72 11.47
N GLY H 113 2.15 -43.39 12.51
CA GLY H 113 2.18 -44.80 12.58
C GLY H 113 3.43 -45.31 13.25
N SER H 114 3.39 -46.60 13.54
CA SER H 114 4.52 -47.33 14.10
C SER H 114 5.78 -47.14 13.29
N VAL H 115 6.91 -47.22 13.99
CA VAL H 115 8.16 -47.48 13.32
C VAL H 115 7.95 -48.68 12.39
N ALA H 116 8.39 -48.53 11.15
CA ALA H 116 8.42 -49.60 10.13
C ALA H 116 7.11 -49.95 9.47
N VAL H 117 6.04 -49.19 9.73
CA VAL H 117 4.76 -49.44 9.07
C VAL H 117 4.74 -49.02 7.62
N GLY H 118 5.64 -48.12 7.23
CA GLY H 118 5.67 -47.60 5.86
C GLY H 118 5.37 -46.12 5.72
N LYS H 119 5.64 -45.33 6.76
CA LYS H 119 5.33 -43.90 6.73
C LYS H 119 6.13 -43.16 5.65
N SER H 120 7.43 -43.42 5.62
CA SER H 120 8.31 -42.72 4.68
C SER H 120 8.01 -43.09 3.22
N THR H 121 7.66 -44.34 2.98
CA THR H 121 7.23 -44.77 1.65
C THR H 121 5.92 -44.06 1.25
N THR H 122 4.91 -44.10 2.12
CA THR H 122 3.65 -43.39 1.90
C THR H 122 3.91 -41.90 1.67
N ALA H 123 4.76 -41.29 2.49
CA ALA H 123 4.98 -39.85 2.38
C ALA H 123 5.63 -39.49 1.01
N ARG H 124 6.61 -40.27 0.58
CA ARG H 124 7.33 -39.97 -0.65
C ARG H 124 6.46 -40.27 -1.86
N VAL H 125 5.70 -41.37 -1.77
CA VAL H 125 4.76 -41.71 -2.82
C VAL H 125 3.72 -40.58 -2.98
N LEU H 126 3.17 -40.10 -1.86
CA LEU H 126 2.19 -38.99 -1.92
C LEU H 126 2.80 -37.67 -2.45
N GLN H 127 4.04 -37.41 -2.03
CA GLN H 127 4.78 -36.27 -2.56
C GLN H 127 4.93 -36.32 -4.10
N ALA H 128 5.25 -37.48 -4.64
CA ALA H 128 5.35 -37.64 -6.11
C ALA H 128 4.00 -37.43 -6.81
N LEU H 129 2.98 -38.11 -6.31
CA LEU H 129 1.68 -38.06 -6.95
C LEU H 129 0.99 -36.70 -6.80
N LEU H 130 1.01 -36.11 -5.62
CA LEU H 130 0.31 -34.82 -5.43
C LEU H 130 0.89 -33.71 -6.32
N SER H 131 2.20 -33.80 -6.62
CA SER H 131 2.89 -32.89 -7.55
C SER H 131 2.27 -32.80 -8.94
N ARG H 132 1.54 -33.83 -9.36
CA ARG H 132 1.01 -33.90 -10.71
C ARG H 132 -0.21 -32.99 -10.93
N TRP H 133 -0.75 -32.38 -9.88
CA TRP H 133 -1.89 -31.46 -10.05
C TRP H 133 -1.42 -30.02 -10.25
N PRO H 134 -1.99 -29.30 -11.24
CA PRO H 134 -1.56 -27.93 -11.47
C PRO H 134 -1.86 -27.00 -10.27
N GLU H 135 -2.95 -27.28 -9.53
CA GLU H 135 -3.29 -26.55 -8.27
C GLU H 135 -2.20 -26.58 -7.17
N HIS H 136 -1.35 -27.59 -7.18
CA HIS H 136 -0.33 -27.68 -6.13
C HIS H 136 0.88 -28.49 -6.55
N ARG H 137 1.76 -27.82 -7.28
CA ARG H 137 2.97 -28.42 -7.84
C ARG H 137 4.10 -28.54 -6.81
N HIS H 138 4.18 -27.61 -5.87
CA HIS H 138 5.29 -27.57 -4.94
C HIS H 138 4.90 -28.31 -3.62
N VAL H 139 5.37 -29.56 -3.50
CA VAL H 139 5.10 -30.41 -2.34
C VAL H 139 6.40 -30.72 -1.61
N GLU H 140 6.55 -30.21 -0.39
CA GLU H 140 7.70 -30.47 0.44
C GLU H 140 7.41 -31.64 1.37
N LEU H 141 8.49 -32.26 1.82
CA LEU H 141 8.43 -33.34 2.77
C LEU H 141 9.39 -33.05 3.92
N ILE H 142 8.87 -33.08 5.15
CA ILE H 142 9.72 -32.96 6.33
C ILE H 142 9.43 -34.13 7.25
N THR H 143 10.48 -34.73 7.83
CA THR H 143 10.33 -35.83 8.79
C THR H 143 10.52 -35.29 10.18
N THR H 144 9.80 -35.85 11.15
CA THR H 144 9.96 -35.42 12.53
C THR H 144 11.24 -35.98 13.19
N ASP H 145 11.91 -36.93 12.54
CA ASP H 145 13.25 -37.39 12.94
C ASP H 145 14.21 -36.24 13.26
N GLY H 146 14.20 -35.21 12.41
CA GLY H 146 15.11 -34.10 12.57
C GLY H 146 14.99 -33.36 13.89
N PHE H 147 13.79 -33.44 14.50
CA PHE H 147 13.42 -32.71 15.72
C PHE H 147 13.72 -33.50 16.98
N LEU H 148 14.23 -34.70 16.81
CA LEU H 148 14.91 -35.37 17.90
C LEU H 148 16.01 -34.45 18.48
N HIS H 149 16.19 -34.51 19.79
CA HIS H 149 17.36 -33.98 20.43
C HIS H 149 18.60 -34.66 19.85
N PRO H 150 19.68 -33.90 19.63
CA PRO H 150 20.91 -34.55 19.18
C PRO H 150 21.40 -35.57 20.20
N ASN H 151 22.30 -36.42 19.75
CA ASN H 151 22.81 -37.55 20.57
C ASN H 151 23.47 -37.11 21.88
N SER H 152 24.29 -36.07 21.82
CA SER H 152 24.95 -35.52 23.00
C SER H 152 23.94 -35.11 24.09
N VAL H 153 22.80 -34.55 23.66
CA VAL H 153 21.72 -34.15 24.58
C VAL H 153 20.99 -35.37 25.09
N LEU H 154 20.81 -36.37 24.24
CA LEU H 154 20.17 -37.62 24.66
C LEU H 154 21.02 -38.37 25.66
N LYS H 155 22.34 -38.37 25.41
CA LYS H 155 23.28 -39.07 26.31
C LYS H 155 23.20 -38.49 27.70
N GLU H 156 23.36 -37.17 27.79
CA GLU H 156 23.16 -36.42 29.06
C GLU H 156 21.97 -36.91 29.86
N ARG H 157 20.85 -37.17 29.18
CA ARG H 157 19.59 -37.50 29.85
C ARG H 157 19.31 -38.98 29.90
N GLY H 158 20.23 -39.82 29.41
CA GLY H 158 20.05 -41.27 29.43
C GLY H 158 18.86 -41.75 28.60
N LEU H 159 18.66 -41.13 27.44
CA LEU H 159 17.52 -41.41 26.53
C LEU H 159 17.99 -41.95 25.17
N MET H 160 19.24 -42.37 25.10
CA MET H 160 19.85 -42.77 23.83
C MET H 160 19.20 -44.07 23.27
N LYS H 161 18.65 -44.88 24.17
CA LYS H 161 17.83 -46.05 23.88
C LYS H 161 16.29 -45.69 23.99
N LYS H 162 15.95 -44.41 23.79
CA LYS H 162 14.54 -43.97 23.88
C LYS H 162 14.19 -43.10 22.68
N LYS H 163 14.90 -43.29 21.58
CA LYS H 163 14.70 -42.49 20.39
C LYS H 163 13.30 -42.83 19.88
N GLY H 164 12.51 -41.81 19.57
CA GLY H 164 11.14 -42.02 19.10
C GLY H 164 10.13 -41.83 20.22
N PHE H 165 10.59 -41.84 21.48
CA PHE H 165 9.70 -41.63 22.63
C PHE H 165 9.53 -40.14 22.82
N PRO H 166 8.47 -39.73 23.51
CA PRO H 166 8.25 -38.29 23.68
C PRO H 166 9.46 -37.49 24.21
N GLN H 167 10.11 -37.98 25.26
CA GLN H 167 11.27 -37.25 25.81
C GLN H 167 12.44 -37.07 24.86
N SER H 168 12.52 -37.86 23.79
CA SER H 168 13.61 -37.71 22.80
C SER H 168 13.45 -36.54 21.84
N TYR H 169 12.23 -35.97 21.76
CA TYR H 169 11.94 -34.91 20.81
C TYR H 169 12.02 -33.54 21.44
N ASP H 170 12.54 -32.59 20.69
CA ASP H 170 12.34 -31.20 20.97
C ASP H 170 10.97 -30.89 20.37
N MET H 171 9.93 -31.26 21.11
CA MET H 171 8.56 -31.14 20.62
C MET H 171 8.15 -29.68 20.45
N HIS H 172 8.63 -28.80 21.31
CA HIS H 172 8.30 -27.35 21.22
C HIS H 172 8.77 -26.76 19.91
N ARG H 173 9.96 -27.17 19.47
CA ARG H 173 10.50 -26.70 18.21
C ARG H 173 9.70 -27.28 17.00
N LEU H 174 9.19 -28.51 17.15
CA LEU H 174 8.38 -29.11 16.10
C LEU H 174 7.05 -28.34 15.95
N VAL H 175 6.39 -28.11 17.06
CA VAL H 175 5.14 -27.32 17.05
C VAL H 175 5.38 -25.92 16.49
N LYS H 176 6.53 -25.34 16.84
CA LYS H 176 6.87 -24.00 16.40
C LYS H 176 7.04 -23.97 14.88
N PHE H 177 7.62 -25.05 14.33
CA PHE H 177 7.84 -25.15 12.88
C PHE H 177 6.53 -25.17 12.10
N VAL H 178 5.60 -26.04 12.46
CA VAL H 178 4.30 -26.05 11.77
C VAL H 178 3.50 -24.77 12.07
N SER H 179 3.66 -24.21 13.27
CA SER H 179 2.96 -23.00 13.66
C SER H 179 3.47 -21.83 12.80
N ASP H 180 4.77 -21.78 12.58
CA ASP H 180 5.35 -20.75 11.70
C ASP H 180 4.88 -20.89 10.27
N LEU H 181 4.81 -22.13 9.78
CA LEU H 181 4.31 -22.36 8.45
C LEU H 181 2.90 -21.82 8.37
N LYS H 182 2.11 -22.15 9.38
CA LYS H 182 0.73 -21.70 9.43
C LYS H 182 0.59 -20.21 9.78
N SER H 183 1.69 -19.55 10.10
CA SER H 183 1.69 -18.08 10.31
C SER H 183 1.99 -17.33 9.01
N GLY H 184 2.44 -18.05 8.00
CA GLY H 184 2.81 -17.44 6.72
C GLY H 184 4.25 -16.94 6.63
N VAL H 185 5.13 -17.37 7.53
CA VAL H 185 6.53 -17.01 7.42
C VAL H 185 7.02 -17.45 6.03
N PRO H 186 7.83 -16.61 5.35
CA PRO H 186 8.27 -16.97 3.98
C PRO H 186 9.26 -18.14 3.96
N GLN H 187 10.05 -18.26 5.00
CA GLN H 187 10.99 -19.38 5.16
C GLN H 187 10.88 -19.94 6.55
N ALA H 188 10.77 -21.25 6.65
CA ALA H 188 10.91 -21.90 7.92
C ALA H 188 12.03 -22.91 7.76
N THR H 189 12.76 -23.13 8.83
CA THR H 189 13.86 -24.05 8.83
C THR H 189 13.62 -25.19 9.83
N ALA H 190 13.92 -26.41 9.41
CA ALA H 190 13.74 -27.59 10.23
C ALA H 190 15.07 -28.28 10.35
N PRO H 191 15.36 -28.84 11.52
CA PRO H 191 16.57 -29.65 11.62
C PRO H 191 16.40 -30.94 10.85
N VAL H 192 17.51 -31.55 10.47
CA VAL H 192 17.52 -32.76 9.66
C VAL H 192 18.33 -33.87 10.36
N TYR H 193 17.78 -35.08 10.32
CA TYR H 193 18.38 -36.27 10.91
C TYR H 193 19.14 -37.02 9.83
N SER H 194 20.40 -37.35 10.10
CA SER H 194 21.16 -38.12 9.13
C SER H 194 20.96 -39.59 9.43
N HIS H 195 20.51 -40.35 8.45
CA HIS H 195 20.52 -41.82 8.55
C HIS H 195 21.91 -42.45 8.31
N LEU H 196 22.89 -41.62 7.94
CA LEU H 196 24.28 -42.05 7.81
C LEU H 196 24.99 -42.10 9.15
N ILE H 197 24.66 -41.19 10.08
CA ILE H 197 25.31 -41.18 11.40
C ILE H 197 24.32 -41.25 12.56
N TYR H 198 23.03 -41.51 12.25
CA TYR H 198 21.93 -41.52 13.25
C TYR H 198 22.10 -40.44 14.30
N ASP H 199 22.13 -39.21 13.83
CA ASP H 199 22.21 -38.05 14.69
C ASP H 199 21.68 -36.88 13.91
N VAL H 200 21.41 -35.77 14.61
CA VAL H 200 21.03 -34.51 13.98
C VAL H 200 22.26 -33.91 13.29
N ILE H 201 22.14 -33.55 12.02
CA ILE H 201 23.25 -32.94 11.27
C ILE H 201 23.53 -31.56 11.89
N PRO H 202 24.82 -31.26 12.20
CA PRO H 202 25.13 -30.05 13.00
C PRO H 202 24.72 -28.72 12.35
N ASP H 203 24.89 -28.59 11.04
CA ASP H 203 24.47 -27.39 10.30
C ASP H 203 23.69 -27.72 9.03
N GLY H 204 23.03 -28.89 9.00
CA GLY H 204 22.33 -29.37 7.80
C GLY H 204 20.86 -28.97 7.72
N ASP H 205 20.50 -27.89 8.43
CA ASP H 205 19.12 -27.41 8.50
C ASP H 205 18.49 -27.13 7.12
N LYS H 206 17.35 -27.77 6.85
CA LYS H 206 16.63 -27.62 5.58
C LYS H 206 15.68 -26.43 5.64
N THR H 207 15.77 -25.56 4.65
CA THR H 207 14.89 -24.40 4.58
C THR H 207 13.73 -24.74 3.68
N VAL H 208 12.54 -24.31 4.10
CA VAL H 208 11.31 -24.55 3.39
C VAL H 208 10.76 -23.19 2.98
N ALA H 209 10.34 -23.09 1.72
CA ALA H 209 9.96 -21.80 1.12
C ALA H 209 8.50 -21.80 0.67
N GLN H 210 7.60 -21.58 1.62
CA GLN H 210 6.17 -21.40 1.33
C GLN H 210 5.66 -22.31 0.17
N PRO H 211 5.81 -23.64 0.33
CA PRO H 211 5.31 -24.62 -0.65
C PRO H 211 3.77 -24.70 -0.68
N ASP H 212 3.19 -25.29 -1.73
CA ASP H 212 1.73 -25.43 -1.80
C ASP H 212 1.27 -26.43 -0.76
N ILE H 213 2.04 -27.52 -0.63
CA ILE H 213 1.73 -28.60 0.34
C ILE H 213 3.01 -28.98 1.06
N LEU H 214 2.87 -29.28 2.36
CA LEU H 214 3.94 -29.85 3.16
C LEU H 214 3.45 -31.12 3.79
N ILE H 215 4.19 -32.21 3.57
CA ILE H 215 3.88 -33.49 4.15
C ILE H 215 4.81 -33.59 5.35
N LEU H 216 4.22 -33.84 6.53
CA LEU H 216 4.96 -33.98 7.77
C LEU H 216 4.85 -35.42 8.24
N GLU H 217 5.98 -36.10 8.21
CA GLU H 217 5.99 -37.54 8.39
C GLU H 217 6.67 -37.86 9.71
N GLY H 218 6.01 -38.64 10.56
CA GLY H 218 6.60 -39.02 11.83
C GLY H 218 5.64 -39.80 12.72
N LEU H 219 6.20 -40.63 13.58
CA LEU H 219 5.38 -41.39 14.52
C LEU H 219 4.55 -40.56 15.49
N ASN H 220 5.00 -39.32 15.74
CA ASN H 220 4.45 -38.51 16.81
C ASN H 220 3.52 -37.35 16.37
N VAL H 221 3.06 -37.34 15.11
CA VAL H 221 2.32 -36.16 14.58
C VAL H 221 0.89 -36.04 15.12
N LEU H 222 0.39 -37.07 15.76
CA LEU H 222 -0.93 -37.08 16.38
C LEU H 222 -0.87 -37.01 17.91
N GLN H 223 0.34 -36.93 18.43
CA GLN H 223 0.52 -36.79 19.86
C GLN H 223 0.19 -35.34 20.31
N SER H 224 -0.01 -35.18 21.61
CA SER H 224 -0.40 -33.91 22.18
C SER H 224 0.26 -33.71 23.53
N GLY H 225 -0.10 -32.62 24.19
CA GLY H 225 0.43 -32.27 25.50
C GLY H 225 0.41 -33.37 26.53
N MET H 226 -0.61 -34.22 26.49
CA MET H 226 -0.74 -35.32 27.41
C MET H 226 0.43 -36.30 27.31
N ASP H 227 1.04 -36.40 26.13
CA ASP H 227 2.20 -37.28 25.94
C ASP H 227 3.53 -36.66 26.34
N TYR H 228 3.51 -35.36 26.69
CA TYR H 228 4.71 -34.63 27.12
C TYR H 228 4.54 -33.98 28.52
N PRO H 229 4.09 -34.77 29.50
CA PRO H 229 3.85 -34.22 30.82
C PRO H 229 5.14 -33.78 31.53
N HIS H 230 6.30 -34.30 31.09
CA HIS H 230 7.62 -33.80 31.53
C HIS H 230 7.93 -32.35 31.07
N ASP H 231 7.25 -31.91 30.02
CA ASP H 231 7.46 -30.58 29.49
C ASP H 231 6.25 -30.23 28.57
N PRO H 232 5.12 -29.88 29.17
CA PRO H 232 3.86 -29.77 28.42
C PRO H 232 3.80 -28.68 27.35
N HIS H 233 3.15 -29.00 26.23
CA HIS H 233 2.75 -27.98 25.25
C HIS H 233 1.24 -27.95 25.15
N HIS H 234 0.70 -26.80 24.78
CA HIS H 234 -0.73 -26.50 24.89
C HIS H 234 -1.43 -26.22 23.58
N VAL H 235 -0.66 -26.17 22.51
CA VAL H 235 -1.18 -26.22 21.17
C VAL H 235 -0.41 -27.34 20.45
N PHE H 236 -1.13 -28.18 19.74
CA PHE H 236 -0.57 -29.45 19.28
C PHE H 236 -0.19 -29.40 17.82
N VAL H 237 0.71 -30.28 17.41
CA VAL H 237 1.04 -30.46 16.00
C VAL H 237 -0.23 -30.54 15.13
N SER H 238 -1.21 -31.36 15.57
CA SER H 238 -2.48 -31.52 14.85
C SER H 238 -3.30 -30.24 14.66
N ASP H 239 -3.17 -29.28 15.56
CA ASP H 239 -3.84 -27.95 15.41
C ASP H 239 -3.27 -27.13 14.27
N PHE H 240 -2.15 -27.59 13.71
CA PHE H 240 -1.57 -26.98 12.49
C PHE H 240 -1.54 -27.90 11.26
N VAL H 241 -2.28 -29.00 11.30
CA VAL H 241 -2.32 -29.96 10.25
C VAL H 241 -3.73 -29.99 9.67
N ASP H 242 -3.85 -29.92 8.34
CA ASP H 242 -5.16 -29.96 7.69
C ASP H 242 -5.70 -31.36 7.58
N PHE H 243 -4.84 -32.35 7.33
CA PHE H 243 -5.31 -33.68 7.07
C PHE H 243 -4.26 -34.67 7.55
N SER H 244 -4.68 -35.64 8.36
CA SER H 244 -3.75 -36.59 8.96
C SER H 244 -4.02 -38.02 8.56
N ILE H 245 -2.94 -38.73 8.24
CA ILE H 245 -3.03 -40.13 7.90
C ILE H 245 -2.31 -40.93 8.95
N TYR H 246 -2.97 -41.96 9.47
CA TYR H 246 -2.30 -42.93 10.34
C TYR H 246 -2.21 -44.24 9.58
N VAL H 247 -1.00 -44.68 9.29
CA VAL H 247 -0.78 -45.96 8.65
C VAL H 247 -0.72 -47.08 9.72
N ASP H 248 -1.55 -48.10 9.56
CA ASP H 248 -1.80 -49.08 10.59
C ASP H 248 -1.49 -50.50 10.08
N ALA H 249 -1.00 -51.35 10.98
CA ALA H 249 -0.81 -52.75 10.69
C ALA H 249 -0.68 -53.51 12.01
N PRO H 250 -1.05 -54.79 12.01
CA PRO H 250 -0.82 -55.59 13.20
C PRO H 250 0.66 -55.72 13.58
N GLU H 251 0.83 -56.01 14.86
CA GLU H 251 2.11 -55.99 15.52
C GLU H 251 3.09 -56.98 14.89
N GLU H 252 2.58 -58.16 14.58
CA GLU H 252 3.40 -59.22 14.06
C GLU H 252 3.91 -58.87 12.64
N LEU H 253 3.10 -58.16 11.86
CA LEU H 253 3.56 -57.64 10.57
C LEU H 253 4.60 -56.55 10.76
N LEU H 254 4.30 -55.59 11.64
CA LEU H 254 5.24 -54.53 11.95
C LEU H 254 6.67 -55.03 12.34
N LYS H 255 6.72 -56.01 13.25
CA LYS H 255 7.96 -56.64 13.69
C LYS H 255 8.75 -57.26 12.55
N SER H 256 8.05 -58.05 11.73
CA SER H 256 8.66 -58.69 10.58
CA SER H 256 8.64 -58.69 10.54
C SER H 256 9.23 -57.64 9.60
N TRP H 257 8.52 -56.52 9.41
CA TRP H 257 8.98 -55.48 8.49
C TRP H 257 10.15 -54.69 9.05
N TYR H 258 10.12 -54.47 10.37
CA TYR H 258 11.23 -53.82 11.04
C TYR H 258 12.54 -54.63 10.90
N ILE H 259 12.42 -55.92 11.16
CA ILE H 259 13.58 -56.83 11.10
C ILE H 259 14.12 -56.96 9.66
N ASN H 260 13.21 -57.22 8.74
CA ASN H 260 13.53 -57.28 7.35
C ASN H 260 14.25 -56.02 6.85
N ARG H 261 13.77 -54.84 7.26
CA ARG H 261 14.36 -53.59 6.83
C ARG H 261 15.79 -53.49 7.34
N PHE H 262 15.98 -53.90 8.61
CA PHE H 262 17.30 -53.91 9.25
C PHE H 262 18.26 -54.83 8.43
N LEU H 263 17.79 -56.01 8.06
CA LEU H 263 18.59 -56.98 7.31
C LEU H 263 18.87 -56.44 5.94
N LYS H 264 17.90 -55.76 5.35
CA LYS H 264 18.08 -55.14 4.02
C LYS H 264 19.12 -54.02 4.05
N PHE H 265 19.10 -53.23 5.11
CA PHE H 265 20.11 -52.19 5.33
C PHE H 265 21.52 -52.83 5.43
N ARG H 266 21.63 -53.90 6.21
CA ARG H 266 22.89 -54.62 6.33
C ARG H 266 23.39 -55.10 4.95
N GLU H 267 22.56 -55.80 4.20
CA GLU H 267 22.93 -56.20 2.82
C GLU H 267 23.43 -55.02 1.98
N GLY H 268 22.66 -53.93 2.00
CA GLY H 268 23.05 -52.72 1.27
C GLY H 268 24.37 -52.11 1.74
N ALA H 269 24.66 -52.16 3.05
CA ALA H 269 25.90 -51.62 3.57
C ALA H 269 27.10 -52.45 3.09
N PHE H 270 26.85 -53.74 2.82
CA PHE H 270 27.89 -54.62 2.29
C PHE H 270 28.21 -54.46 0.80
N THR H 271 27.35 -53.76 0.03
CA THR H 271 27.67 -53.38 -1.37
C THR H 271 27.95 -51.89 -1.56
N ASP H 272 27.69 -51.07 -0.53
CA ASP H 272 27.72 -49.62 -0.67
C ASP H 272 27.72 -48.99 0.71
N PRO H 273 28.81 -49.18 1.50
CA PRO H 273 28.77 -48.77 2.91
C PRO H 273 28.57 -47.24 3.14
N ASP H 274 28.94 -46.41 2.16
CA ASP H 274 28.80 -44.94 2.31
C ASP H 274 27.33 -44.47 2.38
N SER H 275 26.40 -45.30 1.86
CA SER H 275 24.96 -45.01 1.87
C SER H 275 24.19 -45.48 3.14
N TYR H 276 24.88 -46.07 4.10
CA TYR H 276 24.26 -46.60 5.32
C TYR H 276 25.10 -46.31 6.54
N PHE H 277 24.46 -46.25 7.71
CA PHE H 277 25.16 -46.16 8.99
C PHE H 277 26.33 -47.18 9.01
N HIS H 278 27.48 -46.75 9.52
CA HIS H 278 28.71 -47.55 9.45
C HIS H 278 28.50 -48.96 10.04
N ASN H 279 27.74 -49.04 11.12
CA ASN H 279 27.73 -50.26 11.88
C ASN H 279 26.91 -51.37 11.20
N TYR H 280 26.09 -51.04 10.21
CA TYR H 280 25.36 -52.09 9.46
C TYR H 280 26.31 -53.07 8.77
N ALA H 281 27.52 -52.64 8.40
CA ALA H 281 28.48 -53.51 7.68
C ALA H 281 29.44 -54.28 8.61
N LYS H 282 29.19 -54.20 9.92
CA LYS H 282 30.06 -54.74 10.93
C LYS H 282 29.33 -55.79 11.74
N LEU H 283 28.27 -56.37 11.15
CA LEU H 283 27.45 -57.36 11.81
C LEU H 283 27.39 -58.66 11.01
N SER H 284 27.41 -59.77 11.72
CA SER H 284 27.13 -61.03 11.13
C SER H 284 25.62 -61.09 11.02
N LYS H 285 25.14 -62.08 10.29
CA LYS H 285 23.71 -62.26 10.10
C LYS H 285 23.00 -62.43 11.46
N GLU H 286 23.49 -63.37 12.28
CA GLU H 286 22.97 -63.64 13.63
C GLU H 286 23.02 -62.40 14.50
N GLU H 287 24.13 -61.67 14.49
CA GLU H 287 24.20 -60.42 15.21
C GLU H 287 23.06 -59.48 14.80
N ALA H 288 22.88 -59.31 13.49
CA ALA H 288 21.89 -58.41 12.93
C ALA H 288 20.48 -58.82 13.38
N VAL H 289 20.14 -60.10 13.23
CA VAL H 289 18.86 -60.63 13.69
C VAL H 289 18.62 -60.34 15.16
N ASP H 290 19.68 -60.46 15.97
CA ASP H 290 19.55 -60.31 17.40
C ASP H 290 19.36 -58.85 17.71
N ILE H 291 20.15 -57.98 17.06
CA ILE H 291 20.04 -56.56 17.31
C ILE H 291 18.64 -56.03 16.89
N ALA H 292 18.20 -56.37 15.69
CA ALA H 292 16.91 -55.87 15.18
C ALA H 292 15.78 -56.32 16.11
N THR H 293 15.76 -57.62 16.41
CA THR H 293 14.76 -58.20 17.30
C THR H 293 14.71 -57.53 18.68
N SER H 294 15.85 -57.23 19.26
CA SER H 294 15.85 -56.64 20.60
CA SER H 294 15.89 -56.61 20.60
C SER H 294 15.45 -55.17 20.56
N LEU H 295 15.90 -54.42 19.55
CA LEU H 295 15.47 -53.07 19.37
C LEU H 295 13.95 -53.00 19.18
N TRP H 296 13.39 -53.93 18.42
CA TRP H 296 11.96 -53.94 18.22
C TRP H 296 11.29 -54.15 19.58
N ASN H 297 11.59 -55.31 20.18
CA ASN H 297 10.95 -55.74 21.44
C ASN H 297 11.09 -54.75 22.59
N GLU H 298 12.26 -54.16 22.78
CA GLU H 298 12.51 -53.36 24.00
C GLU H 298 12.14 -51.89 23.80
N ILE H 299 12.24 -51.41 22.56
CA ILE H 299 12.15 -49.99 22.28
C ILE H 299 10.94 -49.71 21.41
N ASN H 300 10.94 -50.19 20.17
CA ASN H 300 9.91 -49.72 19.21
C ASN H 300 8.52 -50.27 19.49
N LEU H 301 8.44 -51.49 20.00
CA LEU H 301 7.14 -52.07 20.36
C LEU H 301 6.56 -51.37 21.55
N MET H 302 7.38 -51.06 22.54
CA MET H 302 6.91 -50.35 23.72
C MET H 302 6.43 -48.96 23.30
N ASN H 303 7.22 -48.28 22.46
CA ASN H 303 6.80 -46.98 21.92
C ASN H 303 5.44 -47.02 21.23
N LEU H 304 5.18 -48.11 20.47
CA LEU H 304 3.90 -48.27 19.76
C LEU H 304 2.72 -48.37 20.72
N LYS H 305 2.86 -49.26 21.70
CA LYS H 305 1.81 -49.53 22.65
C LYS H 305 1.49 -48.36 23.55
N GLU H 306 2.51 -47.65 24.00
CA GLU H 306 2.33 -46.58 24.99
C GLU H 306 2.05 -45.21 24.37
N ASN H 307 2.59 -44.93 23.18
CA ASN H 307 2.63 -43.57 22.68
C ASN H 307 2.06 -43.31 21.30
N ILE H 308 2.22 -44.26 20.38
CA ILE H 308 1.80 -44.08 18.99
C ILE H 308 0.38 -44.62 18.78
N LEU H 309 0.13 -45.84 19.20
CA LEU H 309 -1.12 -46.48 18.89
C LEU H 309 -2.35 -45.76 19.51
N PRO H 310 -2.22 -45.25 20.74
CA PRO H 310 -3.37 -44.53 21.32
C PRO H 310 -3.80 -43.26 20.57
N THR H 311 -3.00 -42.81 19.59
CA THR H 311 -3.29 -41.57 18.87
C THR H 311 -4.07 -41.81 17.57
N ARG H 312 -4.24 -43.08 17.23
CA ARG H 312 -4.71 -43.48 15.92
C ARG H 312 -6.04 -42.86 15.57
N GLU H 313 -6.98 -42.86 16.53
CA GLU H 313 -8.33 -42.37 16.30
C GLU H 313 -8.41 -40.85 16.20
N ARG H 314 -7.27 -40.19 16.33
CA ARG H 314 -7.22 -38.77 16.05
C ARG H 314 -6.97 -38.44 14.56
N ALA H 315 -6.76 -39.47 13.73
CA ALA H 315 -6.40 -39.25 12.31
C ALA H 315 -7.59 -38.93 11.47
N SER H 316 -7.39 -38.08 10.45
CA SER H 316 -8.45 -37.86 9.44
C SER H 316 -8.75 -39.15 8.69
N LEU H 317 -7.70 -39.94 8.47
CA LEU H 317 -7.76 -41.19 7.68
C LEU H 317 -6.84 -42.31 8.25
N ILE H 318 -7.36 -43.51 8.36
CA ILE H 318 -6.57 -44.65 8.84
C ILE H 318 -6.44 -45.62 7.68
N MET H 319 -5.21 -45.97 7.34
CA MET H 319 -4.91 -46.80 6.20
C MET H 319 -4.31 -48.09 6.76
N THR H 320 -5.07 -49.19 6.66
CA THR H 320 -4.70 -50.45 7.29
C THR H 320 -4.16 -51.52 6.32
N LYS H 321 -2.98 -52.02 6.62
CA LYS H 321 -2.26 -52.98 5.77
C LYS H 321 -2.31 -54.38 6.33
N SER H 322 -2.21 -55.33 5.42
CA SER H 322 -2.00 -56.72 5.73
C SER H 322 -0.67 -57.17 5.07
N ALA H 323 -0.51 -58.48 4.95
CA ALA H 323 0.69 -59.06 4.36
C ALA H 323 1.12 -58.35 3.08
N ASN H 324 2.43 -58.25 2.89
CA ASN H 324 3.07 -57.59 1.72
C ASN H 324 2.73 -56.13 1.53
N HIS H 325 2.33 -55.48 2.64
CA HIS H 325 1.97 -54.08 2.64
C HIS H 325 0.68 -53.75 1.90
N SER H 326 -0.09 -54.75 1.48
CA SER H 326 -1.32 -54.53 0.73
C SER H 326 -2.34 -53.84 1.65
N VAL H 327 -2.78 -52.65 1.28
CA VAL H 327 -3.87 -52.01 2.02
C VAL H 327 -5.18 -52.72 1.75
N ASN H 328 -5.81 -53.24 2.79
CA ASN H 328 -7.13 -53.83 2.61
C ASN H 328 -8.27 -53.12 3.35
N GLN H 329 -7.96 -52.07 4.13
CA GLN H 329 -9.02 -51.21 4.69
C GLN H 329 -8.56 -49.75 4.79
N VAL H 330 -9.44 -48.85 4.40
CA VAL H 330 -9.27 -47.40 4.55
C VAL H 330 -10.47 -46.85 5.32
N ARG H 331 -10.18 -46.08 6.36
CA ARG H 331 -11.20 -45.43 7.14
C ARG H 331 -11.04 -43.91 7.06
N LEU H 332 -12.12 -43.24 6.67
CA LEU H 332 -12.09 -41.79 6.43
C LEU H 332 -13.13 -41.10 7.33
N ARG H 333 -12.70 -40.09 8.07
CA ARG H 333 -13.63 -39.33 8.94
C ARG H 333 -14.79 -38.73 8.15
N LYS H 334 -15.99 -38.99 8.66
CA LYS H 334 -17.24 -38.53 8.07
C LYS H 334 -17.41 -37.05 8.18
#